data_9VG5
#
_entry.id   9VG5
#
_entity_poly.entity_id   1
_entity_poly.type   'polypeptide(L)'
_entity_poly.pdbx_seq_one_letter_code
;GPSRNLDFQALEETTEYDGGYTRDSVLIREFWEIVHSFTDEQKRLFLQFTTGTDRAPVGGLGKLKMIIAKNGPDTERLPT
SHTAFNVLLLPEYSSKEKLKERLLKAITYAKGFGML
;
_entity_poly.pdbx_strand_id   A
#
# COMPACT_ATOMS: atom_id res chain seq x y z
N GLY A 1 -0.58 18.58 1.53
CA GLY A 1 -0.13 19.97 1.83
C GLY A 1 0.92 20.47 0.83
N PRO A 2 1.15 21.81 0.73
CA PRO A 2 2.14 22.36 -0.21
C PRO A 2 3.55 21.83 0.05
N SER A 3 3.93 20.81 -0.71
CA SER A 3 5.25 20.20 -0.57
C SER A 3 5.60 19.38 -1.81
N ARG A 4 6.88 19.05 -1.95
CA ARG A 4 7.35 18.24 -3.07
C ARG A 4 7.38 16.77 -2.68
N ASN A 5 6.48 15.97 -3.28
CA ASN A 5 6.38 14.53 -2.99
C ASN A 5 6.17 14.23 -1.47
N LEU A 6 5.13 13.46 -1.16
CA LEU A 6 4.82 13.13 0.23
C LEU A 6 5.93 12.26 0.85
N ASP A 7 6.17 12.47 2.14
CA ASP A 7 7.21 11.73 2.86
C ASP A 7 6.68 10.37 3.37
N PHE A 8 6.46 9.46 2.44
CA PHE A 8 5.97 8.11 2.76
C PHE A 8 7.12 7.14 3.15
N GLN A 9 8.35 7.65 3.17
CA GLN A 9 9.52 6.82 3.51
C GLN A 9 9.42 6.28 4.93
N ALA A 10 8.92 7.11 5.85
CA ALA A 10 8.76 6.71 7.26
C ALA A 10 7.83 5.49 7.37
N LEU A 11 6.77 5.50 6.56
CA LEU A 11 5.84 4.36 6.49
C LEU A 11 6.59 3.09 6.06
N GLU A 12 7.46 3.27 5.06
CA GLU A 12 8.28 2.17 4.53
C GLU A 12 9.21 1.61 5.61
N GLU A 13 9.74 2.50 6.46
CA GLU A 13 10.68 2.10 7.51
C GLU A 13 10.06 1.09 8.48
N THR A 14 8.78 1.29 8.82
CA THR A 14 8.08 0.37 9.75
C THR A 14 7.27 -0.71 9.02
N THR A 15 7.23 -0.67 7.68
CA THR A 15 6.52 -1.69 6.89
C THR A 15 7.15 -3.06 7.10
N GLU A 16 6.31 -4.06 7.34
CA GLU A 16 6.77 -5.44 7.61
C GLU A 16 6.58 -6.32 6.38
N TYR A 17 7.33 -7.43 6.33
CA TYR A 17 7.25 -8.39 5.22
C TYR A 17 7.00 -9.80 5.74
N ASP A 18 6.28 -10.59 4.94
CA ASP A 18 5.97 -11.99 5.31
C ASP A 18 6.55 -12.95 4.29
N GLY A 19 6.40 -14.25 4.57
CA GLY A 19 6.89 -15.28 3.66
C GLY A 19 8.39 -15.19 3.42
N GLY A 20 8.77 -15.22 2.15
CA GLY A 20 10.19 -15.15 1.77
C GLY A 20 10.49 -13.97 0.86
N TYR A 21 10.13 -12.75 1.29
CA TYR A 21 10.41 -11.55 0.50
C TYR A 21 10.71 -10.35 1.40
N THR A 22 11.36 -9.35 0.83
CA THR A 22 11.77 -8.13 1.55
C THR A 22 11.48 -6.88 0.72
N ARG A 23 11.90 -5.72 1.24
CA ARG A 23 11.69 -4.45 0.54
C ARG A 23 12.41 -4.44 -0.82
N ASP A 24 13.61 -5.01 -0.84
CA ASP A 24 14.40 -5.07 -2.07
C ASP A 24 13.73 -5.95 -3.14
N SER A 25 12.81 -6.83 -2.71
CA SER A 25 12.10 -7.73 -3.63
C SER A 25 11.34 -6.95 -4.68
N VAL A 26 11.16 -7.55 -5.85
CA VAL A 26 10.49 -6.89 -6.98
C VAL A 26 9.04 -6.50 -6.60
N LEU A 27 8.34 -7.40 -5.91
CA LEU A 27 6.95 -7.15 -5.53
C LEU A 27 6.82 -5.94 -4.60
N ILE A 28 7.63 -5.88 -3.54
CA ILE A 28 7.56 -4.77 -2.58
C ILE A 28 8.14 -3.49 -3.21
N ARG A 29 9.30 -3.63 -3.83
CA ARG A 29 10.00 -2.49 -4.43
C ARG A 29 9.15 -1.82 -5.53
N GLU A 30 8.58 -2.63 -6.42
CA GLU A 30 7.69 -2.10 -7.47
C GLU A 30 6.42 -1.53 -6.86
N PHE A 31 5.92 -2.20 -5.82
CA PHE A 31 4.71 -1.78 -5.11
C PHE A 31 4.89 -0.38 -4.53
N TRP A 32 6.03 -0.15 -3.88
CA TRP A 32 6.35 1.13 -3.28
C TRP A 32 6.42 2.24 -4.32
N GLU A 33 6.98 1.92 -5.49
CA GLU A 33 7.08 2.90 -6.58
C GLU A 33 5.69 3.38 -6.99
N ILE A 34 4.76 2.44 -7.06
CA ILE A 34 3.39 2.73 -7.44
C ILE A 34 2.71 3.67 -6.42
N VAL A 35 2.86 3.34 -5.12
CA VAL A 35 2.24 4.13 -4.06
C VAL A 35 2.84 5.55 -4.01
N HIS A 36 4.16 5.63 -4.03
CA HIS A 36 4.87 6.92 -4.00
C HIS A 36 4.56 7.72 -5.27
N SER A 37 4.51 7.03 -6.40
CA SER A 37 4.31 7.66 -7.69
C SER A 37 2.85 8.13 -7.89
N PHE A 38 1.91 7.59 -7.11
CA PHE A 38 0.50 7.99 -7.23
C PHE A 38 0.32 9.46 -6.79
N THR A 39 -0.82 10.05 -7.16
CA THR A 39 -1.13 11.43 -6.78
C THR A 39 -1.55 11.49 -5.31
N ASP A 40 -1.62 12.70 -4.77
CA ASP A 40 -1.94 12.88 -3.34
C ASP A 40 -3.31 12.32 -2.96
N GLU A 41 -4.31 12.54 -3.81
CA GLU A 41 -5.66 12.04 -3.53
C GLU A 41 -5.71 10.51 -3.57
N GLN A 42 -4.93 9.93 -4.48
CA GLN A 42 -4.86 8.48 -4.63
C GLN A 42 -4.26 7.85 -3.37
N LYS A 43 -3.24 8.51 -2.82
CA LYS A 43 -2.57 8.04 -1.61
C LYS A 43 -3.54 8.05 -0.42
N ARG A 44 -4.38 9.08 -0.35
CA ARG A 44 -5.35 9.23 0.75
C ARG A 44 -6.33 8.04 0.81
N LEU A 45 -6.90 7.67 -0.34
CA LEU A 45 -7.84 6.53 -0.39
C LEU A 45 -7.12 5.18 -0.30
N PHE A 46 -5.87 5.16 -0.78
CA PHE A 46 -5.02 3.97 -0.69
C PHE A 46 -4.80 3.57 0.78
N LEU A 47 -4.44 4.55 1.62
CA LEU A 47 -4.18 4.31 3.04
C LEU A 47 -5.44 3.89 3.78
N GLN A 48 -6.58 4.49 3.41
CA GLN A 48 -7.86 4.16 4.06
C GLN A 48 -8.21 2.69 3.85
N PHE A 49 -8.00 2.21 2.64
CA PHE A 49 -8.27 0.81 2.32
C PHE A 49 -7.38 -0.16 3.15
N THR A 50 -6.08 0.09 3.15
CA THR A 50 -5.11 -0.78 3.84
C THR A 50 -5.17 -0.67 5.39
N THR A 51 -5.27 0.56 5.90
CA THR A 51 -5.19 0.79 7.37
C THR A 51 -6.33 1.66 7.93
N GLY A 52 -7.24 2.12 7.06
CA GLY A 52 -8.38 2.92 7.53
C GLY A 52 -7.98 4.33 7.96
N THR A 53 -6.91 4.87 7.35
CA THR A 53 -6.44 6.22 7.69
C THR A 53 -6.16 7.05 6.44
N ASP A 54 -5.86 8.33 6.66
CA ASP A 54 -5.64 9.28 5.57
C ASP A 54 -4.17 9.34 5.15
N ARG A 55 -3.91 10.00 4.01
CA ARG A 55 -2.57 10.18 3.45
C ARG A 55 -1.56 10.66 4.50
N ALA A 56 -0.28 10.61 4.15
CA ALA A 56 0.79 10.96 5.08
C ALA A 56 0.59 12.36 5.73
N PRO A 57 0.43 12.42 7.09
CA PRO A 57 0.29 13.68 7.81
C PRO A 57 1.65 14.35 8.00
N VAL A 58 1.65 15.61 8.44
CA VAL A 58 2.89 16.38 8.65
C VAL A 58 3.93 15.57 9.49
N GLY A 59 3.43 14.68 10.34
CA GLY A 59 4.30 13.82 11.12
C GLY A 59 4.75 12.60 10.35
N GLY A 60 5.57 11.75 10.98
CA GLY A 60 6.06 10.55 10.32
C GLY A 60 5.06 9.40 10.37
N LEU A 61 5.02 8.61 9.30
CA LEU A 61 4.11 7.44 9.24
C LEU A 61 4.67 6.25 10.02
N GLY A 62 5.95 6.31 10.39
CA GLY A 62 6.58 5.23 11.11
C GLY A 62 5.95 4.95 12.47
N LYS A 63 5.10 5.86 12.95
CA LYS A 63 4.42 5.67 14.23
C LYS A 63 3.36 4.55 14.12
N LEU A 64 2.90 4.28 12.89
CA LEU A 64 1.91 3.23 12.63
C LEU A 64 2.58 2.03 11.97
N LYS A 65 2.22 0.83 12.44
CA LYS A 65 2.80 -0.41 11.91
C LYS A 65 2.02 -0.92 10.70
N MET A 66 2.74 -1.24 9.62
CA MET A 66 2.14 -1.76 8.39
C MET A 66 2.63 -3.18 8.13
N ILE A 67 1.72 -4.07 7.73
CA ILE A 67 2.05 -5.47 7.46
C ILE A 67 1.80 -5.82 5.99
N ILE A 68 2.83 -6.37 5.33
CA ILE A 68 2.73 -6.80 3.93
C ILE A 68 2.79 -8.34 3.85
N ALA A 69 1.79 -8.93 3.18
CA ALA A 69 1.72 -10.38 3.00
C ALA A 69 1.45 -10.74 1.54
N LYS A 70 2.07 -11.83 1.08
CA LYS A 70 1.89 -12.31 -0.29
C LYS A 70 0.72 -13.28 -0.40
N ASN A 71 -0.26 -12.94 -1.23
CA ASN A 71 -1.42 -13.80 -1.44
C ASN A 71 -1.02 -15.15 -2.03
N GLY A 72 -0.09 -15.10 -2.99
CA GLY A 72 0.38 -16.32 -3.64
C GLY A 72 1.20 -16.03 -4.88
N PRO A 73 1.32 -17.00 -5.84
CA PRO A 73 2.09 -16.80 -7.07
C PRO A 73 1.41 -15.82 -8.02
N ASP A 74 2.18 -15.29 -8.98
CA ASP A 74 1.65 -14.29 -9.95
C ASP A 74 0.36 -14.77 -10.62
N THR A 75 -0.77 -14.35 -10.07
CA THR A 75 -2.08 -14.73 -10.62
C THR A 75 -3.09 -13.60 -10.50
N GLU A 76 -4.08 -13.59 -11.39
CA GLU A 76 -5.10 -12.55 -11.39
C GLU A 76 -6.13 -12.74 -10.26
N ARG A 77 -5.91 -12.00 -9.18
CA ARG A 77 -6.84 -12.02 -8.04
C ARG A 77 -7.05 -10.60 -7.53
N LEU A 78 -8.23 -10.34 -6.97
CA LEU A 78 -8.53 -9.02 -6.45
C LEU A 78 -7.80 -8.78 -5.11
N PRO A 79 -6.89 -7.76 -5.02
CA PRO A 79 -6.16 -7.44 -3.78
C PRO A 79 -7.10 -7.16 -2.62
N THR A 80 -6.72 -7.61 -1.43
CA THR A 80 -7.52 -7.39 -0.23
C THR A 80 -6.68 -6.88 0.93
N SER A 81 -7.30 -6.10 1.80
CA SER A 81 -6.62 -5.56 2.98
C SER A 81 -7.60 -5.34 4.12
N HIS A 82 -7.09 -5.25 5.34
CA HIS A 82 -7.94 -5.01 6.53
C HIS A 82 -7.44 -3.82 7.31
N THR A 83 -8.31 -2.83 7.48
CA THR A 83 -7.96 -1.63 8.24
C THR A 83 -7.83 -1.94 9.73
N ALA A 84 -8.64 -2.89 10.22
CA ALA A 84 -8.63 -3.27 11.63
C ALA A 84 -7.28 -3.83 12.07
N PHE A 85 -6.66 -4.65 11.21
CA PHE A 85 -5.36 -5.27 11.53
C PHE A 85 -4.19 -4.65 10.71
N ASN A 86 -4.51 -3.69 9.82
CA ASN A 86 -3.49 -3.03 9.00
C ASN A 86 -2.64 -4.04 8.20
N VAL A 87 -3.30 -5.02 7.58
CA VAL A 87 -2.61 -6.06 6.81
C VAL A 87 -2.94 -5.93 5.32
N LEU A 88 -1.90 -6.02 4.48
CA LEU A 88 -2.06 -5.92 3.03
C LEU A 88 -1.79 -7.27 2.37
N LEU A 89 -2.80 -7.81 1.68
CA LEU A 89 -2.67 -9.09 1.00
C LEU A 89 -2.65 -8.91 -0.51
N LEU A 90 -1.45 -8.97 -1.10
CA LEU A 90 -1.28 -8.82 -2.56
C LEU A 90 -0.47 -10.01 -3.14
N PRO A 91 -0.98 -10.72 -4.18
CA PRO A 91 -0.22 -11.78 -4.85
C PRO A 91 1.00 -11.20 -5.57
N GLU A 92 2.04 -12.02 -5.69
CA GLU A 92 3.29 -11.57 -6.30
C GLU A 92 3.17 -11.50 -7.82
N TYR A 93 2.89 -10.30 -8.34
CA TYR A 93 2.76 -10.09 -9.78
C TYR A 93 4.12 -9.95 -10.44
N SER A 94 4.18 -10.31 -11.72
CA SER A 94 5.42 -10.24 -12.49
C SER A 94 5.66 -8.83 -13.09
N SER A 95 4.67 -7.93 -12.96
CA SER A 95 4.79 -6.57 -13.51
C SER A 95 4.08 -5.54 -12.63
N LYS A 96 4.68 -4.35 -12.52
CA LYS A 96 4.12 -3.28 -11.71
C LYS A 96 2.75 -2.82 -12.22
N GLU A 97 2.55 -2.89 -13.54
CA GLU A 97 1.27 -2.50 -14.14
C GLU A 97 0.19 -3.49 -13.73
N LYS A 98 0.56 -4.78 -13.71
CA LYS A 98 -0.36 -5.86 -13.38
C LYS A 98 -0.90 -5.69 -11.96
N LEU A 99 -0.01 -5.32 -11.03
CA LEU A 99 -0.40 -5.11 -9.64
C LEU A 99 -1.01 -3.71 -9.43
N LYS A 100 -0.54 -2.74 -10.20
CA LYS A 100 -1.04 -1.36 -10.11
C LYS A 100 -2.52 -1.29 -10.51
N GLU A 101 -2.87 -1.97 -11.60
CA GLU A 101 -4.25 -1.98 -12.09
C GLU A 101 -5.19 -2.67 -11.12
N ARG A 102 -4.82 -3.89 -10.68
CA ARG A 102 -5.63 -4.63 -9.71
C ARG A 102 -5.72 -3.90 -8.37
N LEU A 103 -4.59 -3.38 -7.92
CA LEU A 103 -4.49 -2.67 -6.64
C LEU A 103 -5.31 -1.39 -6.64
N LEU A 104 -5.19 -0.61 -7.73
CA LEU A 104 -5.89 0.67 -7.85
C LEU A 104 -7.40 0.48 -7.80
N LYS A 105 -7.90 -0.50 -8.54
CA LYS A 105 -9.32 -0.79 -8.60
C LYS A 105 -9.86 -1.24 -7.22
N ALA A 106 -9.08 -2.07 -6.53
CA ALA A 106 -9.47 -2.58 -5.23
C ALA A 106 -9.65 -1.48 -4.18
N ILE A 107 -8.73 -0.50 -4.18
CA ILE A 107 -8.77 0.60 -3.21
C ILE A 107 -9.85 1.62 -3.56
N THR A 108 -10.04 1.87 -4.85
CA THR A 108 -11.06 2.82 -5.29
C THR A 108 -12.46 2.26 -5.10
N TYR A 109 -12.62 0.97 -5.40
CA TYR A 109 -13.90 0.27 -5.25
C TYR A 109 -14.34 0.24 -3.78
N ALA A 110 -13.41 -0.16 -2.91
CA ALA A 110 -13.70 -0.26 -1.48
C ALA A 110 -13.86 1.10 -0.84
N LYS A 111 -14.76 1.20 0.14
CA LYS A 111 -15.00 2.45 0.85
C LYS A 111 -14.01 2.62 2.00
N GLY A 112 -13.33 3.76 2.02
CA GLY A 112 -12.36 4.03 3.07
C GLY A 112 -13.02 4.28 4.42
N PHE A 113 -12.25 4.13 5.49
CA PHE A 113 -12.77 4.32 6.85
C PHE A 113 -13.29 5.77 7.04
N GLY A 114 -12.47 6.74 6.64
CA GLY A 114 -12.86 8.14 6.75
C GLY A 114 -13.03 8.59 8.19
N MET A 115 -13.86 9.61 8.39
CA MET A 115 -14.13 10.13 9.72
C MET A 115 -15.44 10.93 9.75
N LEU A 116 -16.02 11.07 10.93
CA LEU A 116 -17.27 11.82 11.12
C LEU A 116 -18.40 11.28 10.23
N GLY A 1 7.24 23.31 -3.18
CA GLY A 1 7.77 24.36 -2.27
C GLY A 1 7.74 23.92 -0.81
N PRO A 2 6.53 23.64 -0.23
CA PRO A 2 6.41 23.23 1.17
C PRO A 2 7.22 21.96 1.48
N SER A 3 7.81 21.93 2.66
CA SER A 3 8.63 20.79 3.09
C SER A 3 7.78 19.56 3.38
N ARG A 4 8.41 18.38 3.26
CA ARG A 4 7.74 17.09 3.52
C ARG A 4 6.70 16.75 2.45
N ASN A 5 5.58 17.48 2.44
CA ASN A 5 4.48 17.24 1.50
C ASN A 5 3.84 15.86 1.73
N LEU A 6 4.53 14.80 1.29
CA LEU A 6 4.05 13.43 1.48
C LEU A 6 5.11 12.58 2.18
N ASP A 7 4.90 12.31 3.47
CA ASP A 7 5.85 11.53 4.27
C ASP A 7 5.51 10.04 4.26
N PHE A 8 5.82 9.36 3.15
CA PHE A 8 5.57 7.90 3.03
C PHE A 8 6.84 7.07 3.27
N GLN A 9 8.01 7.73 3.29
CA GLN A 9 9.27 7.03 3.53
C GLN A 9 9.28 6.44 4.95
N ALA A 10 8.74 7.20 5.91
CA ALA A 10 8.64 6.73 7.30
C ALA A 10 7.78 5.48 7.39
N LEU A 11 6.70 5.46 6.60
CA LEU A 11 5.80 4.31 6.53
C LEU A 11 6.57 3.09 6.01
N GLU A 12 7.42 3.31 5.01
CA GLU A 12 8.24 2.26 4.41
C GLU A 12 9.19 1.64 5.44
N GLU A 13 9.76 2.49 6.31
CA GLU A 13 10.70 2.02 7.32
C GLU A 13 10.05 1.02 8.28
N THR A 14 8.81 1.31 8.67
CA THR A 14 8.06 0.44 9.57
C THR A 14 7.45 -0.77 8.83
N THR A 15 7.19 -0.62 7.52
CA THR A 15 6.57 -1.68 6.71
C THR A 15 7.32 -3.02 6.86
N GLU A 16 6.56 -4.08 7.14
CA GLU A 16 7.11 -5.42 7.34
C GLU A 16 6.90 -6.27 6.10
N TYR A 17 7.39 -7.51 6.17
CA TYR A 17 7.30 -8.45 5.05
C TYR A 17 6.92 -9.85 5.52
N ASP A 18 6.36 -10.65 4.61
CA ASP A 18 6.00 -12.04 4.92
C ASP A 18 6.74 -13.00 4.00
N GLY A 19 6.67 -14.29 4.32
CA GLY A 19 7.34 -15.30 3.50
C GLY A 19 8.85 -15.09 3.43
N GLY A 20 9.38 -15.13 2.20
CA GLY A 20 10.83 -14.96 2.00
C GLY A 20 11.15 -13.81 1.07
N TYR A 21 10.65 -12.61 1.37
CA TYR A 21 10.93 -11.42 0.54
C TYR A 21 10.98 -10.14 1.38
N THR A 22 11.63 -9.13 0.84
CA THR A 22 11.82 -7.84 1.52
C THR A 22 11.55 -6.67 0.57
N ARG A 23 11.86 -5.45 1.02
CA ARG A 23 11.65 -4.24 0.21
C ARG A 23 12.47 -4.29 -1.09
N ASP A 24 13.68 -4.82 -0.99
CA ASP A 24 14.57 -4.94 -2.17
C ASP A 24 13.97 -5.85 -3.24
N SER A 25 13.03 -6.73 -2.85
CA SER A 25 12.39 -7.66 -3.77
C SER A 25 11.63 -6.90 -4.87
N VAL A 26 11.45 -7.56 -6.01
CA VAL A 26 10.79 -6.93 -7.16
C VAL A 26 9.34 -6.52 -6.83
N LEU A 27 8.59 -7.42 -6.17
CA LEU A 27 7.18 -7.16 -5.85
C LEU A 27 7.02 -5.93 -4.93
N ILE A 28 7.79 -5.90 -3.84
CA ILE A 28 7.68 -4.80 -2.87
C ILE A 28 8.33 -3.53 -3.42
N ARG A 29 9.50 -3.67 -4.05
CA ARG A 29 10.24 -2.54 -4.61
C ARG A 29 9.42 -1.83 -5.69
N GLU A 30 8.84 -2.61 -6.59
CA GLU A 30 7.99 -2.06 -7.65
C GLU A 30 6.71 -1.46 -7.06
N PHE A 31 6.17 -2.15 -6.04
CA PHE A 31 4.94 -1.72 -5.37
C PHE A 31 5.11 -0.32 -4.77
N TRP A 32 6.22 -0.10 -4.06
CA TRP A 32 6.50 1.21 -3.45
C TRP A 32 6.65 2.30 -4.49
N GLU A 33 7.28 1.96 -5.62
CA GLU A 33 7.47 2.93 -6.71
C GLU A 33 6.11 3.38 -7.24
N ILE A 34 5.20 2.44 -7.36
CA ILE A 34 3.84 2.71 -7.83
C ILE A 34 3.05 3.54 -6.79
N VAL A 35 3.14 3.14 -5.50
CA VAL A 35 2.40 3.82 -4.43
C VAL A 35 2.87 5.27 -4.28
N HIS A 36 4.19 5.47 -4.25
CA HIS A 36 4.77 6.80 -4.16
C HIS A 36 4.43 7.62 -5.43
N SER A 37 4.43 6.94 -6.57
CA SER A 37 4.13 7.54 -7.85
C SER A 37 2.67 8.00 -7.96
N PHE A 38 1.77 7.38 -7.18
CA PHE A 38 0.34 7.70 -7.25
C PHE A 38 0.07 9.15 -6.84
N THR A 39 -1.10 9.65 -7.25
CA THR A 39 -1.53 11.00 -6.89
C THR A 39 -1.80 11.09 -5.38
N ASP A 40 -1.73 12.30 -4.84
CA ASP A 40 -1.95 12.51 -3.40
C ASP A 40 -3.36 12.05 -2.98
N GLU A 41 -4.35 12.31 -3.84
CA GLU A 41 -5.73 11.88 -3.60
C GLU A 41 -5.80 10.35 -3.49
N GLN A 42 -5.15 9.67 -4.42
CA GLN A 42 -5.11 8.21 -4.44
C GLN A 42 -4.43 7.66 -3.20
N LYS A 43 -3.38 8.33 -2.74
CA LYS A 43 -2.66 7.91 -1.55
C LYS A 43 -3.55 7.96 -0.30
N ARG A 44 -4.40 9.00 -0.20
CA ARG A 44 -5.37 9.10 0.91
C ARG A 44 -6.33 7.91 0.88
N LEU A 45 -6.80 7.61 -0.32
CA LEU A 45 -7.69 6.50 -0.59
C LEU A 45 -7.02 5.16 -0.23
N PHE A 46 -5.80 4.98 -0.69
CA PHE A 46 -5.03 3.77 -0.44
C PHE A 46 -4.81 3.56 1.07
N LEU A 47 -4.41 4.62 1.76
CA LEU A 47 -4.13 4.55 3.20
C LEU A 47 -5.37 4.14 3.99
N GLN A 48 -6.53 4.68 3.59
CA GLN A 48 -7.79 4.35 4.26
C GLN A 48 -8.13 2.87 4.09
N PHE A 49 -7.94 2.37 2.87
CA PHE A 49 -8.22 0.98 2.56
C PHE A 49 -7.34 0.02 3.39
N THR A 50 -6.02 0.26 3.38
CA THR A 50 -5.07 -0.60 4.08
C THR A 50 -5.12 -0.46 5.62
N THR A 51 -5.18 0.78 6.11
CA THR A 51 -5.12 1.05 7.56
C THR A 51 -6.22 1.99 8.08
N GLY A 52 -7.05 2.51 7.17
CA GLY A 52 -8.07 3.47 7.60
C GLY A 52 -7.46 4.81 8.03
N THR A 53 -6.30 5.15 7.43
CA THR A 53 -5.57 6.37 7.79
C THR A 53 -5.59 7.40 6.65
N ASP A 54 -5.85 8.65 7.03
CA ASP A 54 -5.89 9.77 6.09
C ASP A 54 -4.52 10.02 5.47
N ARG A 55 -4.49 10.89 4.44
CA ARG A 55 -3.24 11.26 3.74
C ARG A 55 -2.10 11.56 4.72
N ALA A 56 -0.87 11.66 4.20
CA ALA A 56 0.31 11.86 5.05
C ALA A 56 0.12 13.01 6.07
N PRO A 57 0.10 12.70 7.41
CA PRO A 57 -0.03 13.70 8.47
C PRO A 57 1.30 14.37 8.76
N VAL A 58 1.26 15.44 9.56
CA VAL A 58 2.48 16.16 9.95
C VAL A 58 3.44 15.20 10.67
N GLY A 59 2.88 14.37 11.56
CA GLY A 59 3.67 13.35 12.23
C GLY A 59 4.06 12.23 11.27
N GLY A 60 5.09 11.47 11.62
CA GLY A 60 5.55 10.40 10.75
C GLY A 60 4.61 9.21 10.72
N LEU A 61 4.63 8.46 9.61
CA LEU A 61 3.81 7.25 9.48
C LEU A 61 4.51 6.02 10.11
N GLY A 62 5.80 6.16 10.43
CA GLY A 62 6.54 5.06 11.03
C GLY A 62 6.00 4.62 12.38
N LYS A 63 5.22 5.50 13.03
CA LYS A 63 4.62 5.19 14.33
C LYS A 63 3.52 4.11 14.21
N LEU A 64 3.01 3.91 12.98
CA LEU A 64 1.99 2.90 12.73
C LEU A 64 2.62 1.67 12.07
N LYS A 65 2.20 0.49 12.52
CA LYS A 65 2.76 -0.76 12.01
C LYS A 65 2.03 -1.23 10.75
N MET A 66 2.80 -1.48 9.69
CA MET A 66 2.27 -1.97 8.42
C MET A 66 2.84 -3.35 8.12
N ILE A 67 1.97 -4.29 7.74
CA ILE A 67 2.38 -5.67 7.45
C ILE A 67 2.09 -6.03 5.99
N ILE A 68 3.11 -6.53 5.29
CA ILE A 68 2.98 -6.94 3.90
C ILE A 68 2.98 -8.48 3.81
N ALA A 69 1.91 -9.03 3.23
CA ALA A 69 1.79 -10.49 3.08
C ALA A 69 1.43 -10.87 1.64
N LYS A 70 2.02 -11.96 1.17
CA LYS A 70 1.79 -12.44 -0.19
C LYS A 70 0.57 -13.38 -0.22
N ASN A 71 -0.41 -13.03 -1.03
CA ASN A 71 -1.63 -13.85 -1.17
C ASN A 71 -1.30 -15.23 -1.74
N GLY A 72 -0.39 -15.26 -2.71
CA GLY A 72 0.00 -16.52 -3.33
C GLY A 72 0.82 -16.31 -4.61
N PRO A 73 0.85 -17.32 -5.53
CA PRO A 73 1.59 -17.20 -6.79
C PRO A 73 0.94 -16.19 -7.72
N ASP A 74 1.71 -15.71 -8.71
CA ASP A 74 1.23 -14.70 -9.67
C ASP A 74 -0.09 -15.12 -10.34
N THR A 75 -1.20 -14.74 -9.71
CA THR A 75 -2.53 -15.07 -10.24
C THR A 75 -3.40 -13.82 -10.30
N GLU A 76 -4.45 -13.87 -11.12
CA GLU A 76 -5.36 -12.74 -11.27
C GLU A 76 -6.42 -12.77 -10.18
N ARG A 77 -6.18 -12.01 -9.11
CA ARG A 77 -7.10 -11.94 -7.98
C ARG A 77 -7.21 -10.49 -7.51
N LEU A 78 -8.37 -10.13 -6.95
CA LEU A 78 -8.60 -8.77 -6.48
C LEU A 78 -7.85 -8.53 -5.15
N PRO A 79 -6.85 -7.59 -5.10
CA PRO A 79 -6.13 -7.28 -3.86
C PRO A 79 -7.06 -6.86 -2.73
N THR A 80 -6.75 -7.31 -1.51
CA THR A 80 -7.60 -7.02 -0.35
C THR A 80 -6.74 -6.63 0.86
N SER A 81 -7.16 -5.61 1.58
CA SER A 81 -6.43 -5.14 2.76
C SER A 81 -7.39 -4.95 3.94
N HIS A 82 -6.87 -5.06 5.17
CA HIS A 82 -7.69 -4.91 6.38
C HIS A 82 -7.23 -3.73 7.21
N THR A 83 -8.13 -2.77 7.41
CA THR A 83 -7.81 -1.58 8.20
C THR A 83 -7.67 -1.90 9.69
N ALA A 84 -8.46 -2.87 10.16
CA ALA A 84 -8.43 -3.27 11.57
C ALA A 84 -7.07 -3.82 11.99
N PHE A 85 -6.45 -4.63 11.13
CA PHE A 85 -5.15 -5.25 11.43
C PHE A 85 -3.99 -4.58 10.67
N ASN A 86 -4.31 -3.64 9.75
CA ASN A 86 -3.29 -2.94 8.97
C ASN A 86 -2.39 -3.91 8.18
N VAL A 87 -3.02 -4.92 7.56
CA VAL A 87 -2.30 -5.92 6.76
C VAL A 87 -2.69 -5.84 5.29
N LEU A 88 -1.69 -5.95 4.41
CA LEU A 88 -1.92 -5.92 2.97
C LEU A 88 -1.78 -7.31 2.39
N LEU A 89 -2.85 -7.82 1.80
CA LEU A 89 -2.83 -9.15 1.17
C LEU A 89 -2.88 -9.01 -0.35
N LEU A 90 -1.72 -9.11 -0.98
CA LEU A 90 -1.60 -8.98 -2.43
C LEU A 90 -0.72 -10.11 -3.02
N PRO A 91 -1.24 -10.89 -4.03
CA PRO A 91 -0.45 -11.95 -4.67
C PRO A 91 0.75 -11.40 -5.43
N GLU A 92 1.80 -12.21 -5.53
CA GLU A 92 3.03 -11.79 -6.18
C GLU A 92 2.84 -11.71 -7.69
N TYR A 93 2.61 -10.51 -8.20
CA TYR A 93 2.42 -10.30 -9.63
C TYR A 93 3.75 -10.25 -10.36
N SER A 94 3.78 -10.79 -11.56
CA SER A 94 4.99 -10.82 -12.38
C SER A 94 5.45 -9.41 -12.78
N SER A 95 4.48 -8.51 -13.02
CA SER A 95 4.80 -7.14 -13.49
C SER A 95 4.14 -6.06 -12.62
N LYS A 96 4.82 -4.90 -12.55
CA LYS A 96 4.33 -3.74 -11.79
C LYS A 96 2.99 -3.24 -12.35
N GLU A 97 2.81 -3.37 -13.66
CA GLU A 97 1.55 -2.96 -14.29
C GLU A 97 0.41 -3.86 -13.84
N LYS A 98 0.70 -5.15 -13.73
CA LYS A 98 -0.29 -6.13 -13.32
C LYS A 98 -0.79 -5.85 -11.90
N LEU A 99 0.12 -5.47 -11.01
CA LEU A 99 -0.26 -5.18 -9.62
C LEU A 99 -0.87 -3.78 -9.45
N LYS A 100 -0.38 -2.80 -10.21
CA LYS A 100 -0.90 -1.43 -10.09
C LYS A 100 -2.31 -1.29 -10.65
N GLU A 101 -2.61 -2.03 -11.73
CA GLU A 101 -3.96 -1.98 -12.30
C GLU A 101 -4.98 -2.62 -11.38
N ARG A 102 -4.65 -3.81 -10.85
CA ARG A 102 -5.54 -4.50 -9.91
C ARG A 102 -5.67 -3.72 -8.59
N LEU A 103 -4.54 -3.21 -8.11
CA LEU A 103 -4.50 -2.48 -6.84
C LEU A 103 -5.31 -1.19 -6.92
N LEU A 104 -5.14 -0.46 -8.02
CA LEU A 104 -5.83 0.82 -8.21
C LEU A 104 -7.35 0.64 -8.21
N LYS A 105 -7.82 -0.38 -8.94
CA LYS A 105 -9.25 -0.66 -9.04
C LYS A 105 -9.83 -1.05 -7.68
N ALA A 106 -9.08 -1.84 -6.90
CA ALA A 106 -9.54 -2.31 -5.60
C ALA A 106 -9.76 -1.16 -4.62
N ILE A 107 -8.83 -0.20 -4.59
CA ILE A 107 -8.92 0.93 -3.68
C ILE A 107 -9.96 1.94 -4.15
N THR A 108 -10.08 2.13 -5.47
CA THR A 108 -11.05 3.06 -6.03
C THR A 108 -12.47 2.53 -5.84
N TYR A 109 -12.64 1.21 -6.02
CA TYR A 109 -13.95 0.58 -5.86
C TYR A 109 -14.48 0.77 -4.42
N ALA A 110 -13.63 0.48 -3.44
CA ALA A 110 -14.02 0.62 -2.04
C ALA A 110 -13.86 2.07 -1.57
N LYS A 111 -14.93 2.61 -0.98
CA LYS A 111 -14.92 3.98 -0.47
C LYS A 111 -13.90 4.14 0.66
N GLY A 112 -13.81 3.13 1.53
CA GLY A 112 -12.89 3.17 2.66
C GLY A 112 -13.52 3.77 3.91
N PHE A 113 -12.77 3.79 5.00
CA PHE A 113 -13.27 4.33 6.27
C PHE A 113 -13.09 5.83 6.33
N GLY A 114 -14.03 6.51 7.00
CA GLY A 114 -13.96 7.97 7.15
C GLY A 114 -13.38 8.41 8.47
N MET A 115 -12.22 7.85 8.83
CA MET A 115 -11.56 8.19 10.10
C MET A 115 -10.09 8.52 9.87
N LEU A 116 -9.58 9.44 10.67
CA LEU A 116 -8.17 9.85 10.57
C LEU A 116 -7.24 8.80 11.15
N GLY A 1 12.05 22.60 3.00
CA GLY A 1 12.44 23.01 1.62
C GLY A 1 11.24 23.40 0.77
N PRO A 2 11.44 23.70 -0.55
CA PRO A 2 10.34 24.08 -1.44
C PRO A 2 9.55 22.86 -1.94
N SER A 3 9.00 22.11 -0.99
CA SER A 3 8.22 20.91 -1.33
C SER A 3 7.14 20.66 -0.28
N ARG A 4 5.97 20.22 -0.74
CA ARG A 4 4.84 19.93 0.15
C ARG A 4 4.18 18.59 -0.22
N ASN A 5 5.01 17.61 -0.59
CA ASN A 5 4.54 16.30 -0.99
C ASN A 5 4.22 15.44 0.24
N LEU A 6 3.87 14.17 0.00
CA LEU A 6 3.54 13.23 1.08
C LEU A 6 4.74 12.36 1.42
N ASP A 7 5.13 12.33 2.69
CA ASP A 7 6.29 11.55 3.13
C ASP A 7 5.86 10.14 3.55
N PHE A 8 6.06 9.18 2.65
CA PHE A 8 5.73 7.77 2.91
C PHE A 8 6.98 6.93 3.27
N GLN A 9 8.17 7.57 3.29
CA GLN A 9 9.41 6.86 3.64
C GLN A 9 9.37 6.34 5.06
N ALA A 10 8.81 7.14 5.98
CA ALA A 10 8.67 6.74 7.38
C ALA A 10 7.81 5.48 7.50
N LEU A 11 6.75 5.42 6.69
CA LEU A 11 5.87 4.26 6.65
C LEU A 11 6.66 3.01 6.22
N GLU A 12 7.52 3.20 5.21
CA GLU A 12 8.36 2.12 4.67
C GLU A 12 9.29 1.55 5.75
N GLU A 13 9.82 2.44 6.59
CA GLU A 13 10.76 2.02 7.64
C GLU A 13 10.09 1.07 8.62
N THR A 14 8.84 1.35 8.97
CA THR A 14 8.07 0.51 9.89
C THR A 14 7.51 -0.74 9.18
N THR A 15 7.30 -0.64 7.85
CA THR A 15 6.72 -1.74 7.06
C THR A 15 7.49 -3.06 7.26
N GLU A 16 6.74 -4.14 7.46
CA GLU A 16 7.28 -5.47 7.69
C GLU A 16 7.14 -6.35 6.45
N TYR A 17 7.65 -7.58 6.54
CA TYR A 17 7.57 -8.53 5.41
C TYR A 17 7.10 -9.92 5.86
N ASP A 18 6.45 -10.63 4.95
CA ASP A 18 5.97 -11.97 5.22
C ASP A 18 5.83 -12.77 3.93
N GLY A 19 6.50 -13.93 3.86
CA GLY A 19 6.45 -14.77 2.65
C GLY A 19 7.82 -15.05 2.05
N GLY A 20 8.89 -14.86 2.84
CA GLY A 20 10.23 -15.12 2.36
C GLY A 20 10.74 -14.09 1.37
N TYR A 21 10.29 -12.84 1.54
CA TYR A 21 10.71 -11.75 0.66
C TYR A 21 10.86 -10.44 1.45
N THR A 22 11.46 -9.43 0.82
CA THR A 22 11.72 -8.14 1.47
C THR A 22 11.48 -6.97 0.52
N ARG A 23 11.79 -5.77 0.99
CA ARG A 23 11.62 -4.56 0.21
C ARG A 23 12.47 -4.57 -1.06
N ASP A 24 13.66 -5.13 -0.95
CA ASP A 24 14.59 -5.20 -2.08
C ASP A 24 14.00 -5.98 -3.26
N SER A 25 13.21 -7.02 -2.96
CA SER A 25 12.66 -7.87 -4.03
C SER A 25 11.74 -7.09 -4.97
N VAL A 26 11.43 -7.70 -6.10
CA VAL A 26 10.68 -7.04 -7.19
C VAL A 26 9.25 -6.61 -6.76
N LEU A 27 8.52 -7.50 -6.09
CA LEU A 27 7.11 -7.22 -5.76
C LEU A 27 6.95 -5.99 -4.85
N ILE A 28 7.70 -5.96 -3.74
CA ILE A 28 7.61 -4.84 -2.80
C ILE A 28 8.32 -3.60 -3.36
N ARG A 29 9.48 -3.81 -4.00
CA ARG A 29 10.26 -2.71 -4.55
C ARG A 29 9.44 -1.94 -5.62
N GLU A 30 8.81 -2.69 -6.52
CA GLU A 30 7.94 -2.09 -7.55
C GLU A 30 6.70 -1.48 -6.91
N PHE A 31 6.19 -2.16 -5.87
CA PHE A 31 5.00 -1.72 -5.15
C PHE A 31 5.21 -0.32 -4.55
N TRP A 32 6.34 -0.13 -3.88
CA TRP A 32 6.68 1.15 -3.28
C TRP A 32 6.81 2.25 -4.33
N GLU A 33 7.38 1.90 -5.48
CA GLU A 33 7.53 2.86 -6.59
C GLU A 33 6.16 3.35 -7.06
N ILE A 34 5.20 2.43 -7.13
CA ILE A 34 3.84 2.74 -7.55
C ILE A 34 3.15 3.65 -6.50
N VAL A 35 3.25 3.27 -5.21
CA VAL A 35 2.60 4.03 -4.13
C VAL A 35 3.17 5.44 -4.03
N HIS A 36 4.49 5.55 -4.05
CA HIS A 36 5.16 6.84 -3.96
C HIS A 36 4.87 7.70 -5.19
N SER A 37 4.82 7.06 -6.36
CA SER A 37 4.56 7.77 -7.61
C SER A 37 3.06 8.10 -7.81
N PHE A 38 2.19 7.52 -6.97
CA PHE A 38 0.75 7.78 -7.06
C PHE A 38 0.44 9.23 -6.69
N THR A 39 -0.68 9.74 -7.19
CA THR A 39 -1.11 11.10 -6.91
C THR A 39 -1.64 11.22 -5.48
N ASP A 40 -1.81 12.46 -5.01
CA ASP A 40 -2.27 12.71 -3.63
C ASP A 40 -3.65 12.08 -3.38
N GLU A 41 -4.54 12.18 -4.36
CA GLU A 41 -5.88 11.61 -4.25
C GLU A 41 -5.83 10.11 -4.06
N GLN A 42 -5.01 9.45 -4.87
CA GLN A 42 -4.85 8.01 -4.80
C GLN A 42 -4.24 7.58 -3.47
N LYS A 43 -3.27 8.34 -2.98
CA LYS A 43 -2.61 8.03 -1.71
C LYS A 43 -3.60 8.11 -0.54
N ARG A 44 -4.47 9.11 -0.57
CA ARG A 44 -5.46 9.31 0.49
C ARG A 44 -6.41 8.10 0.62
N LEU A 45 -6.96 7.66 -0.52
CA LEU A 45 -7.87 6.51 -0.51
C LEU A 45 -7.12 5.20 -0.28
N PHE A 46 -5.89 5.12 -0.79
CA PHE A 46 -5.05 3.95 -0.64
C PHE A 46 -4.77 3.66 0.85
N LEU A 47 -4.38 4.71 1.59
CA LEU A 47 -4.08 4.58 3.01
C LEU A 47 -5.31 4.15 3.81
N GLN A 48 -6.46 4.71 3.43
CA GLN A 48 -7.72 4.37 4.11
C GLN A 48 -8.06 2.88 3.94
N PHE A 49 -7.86 2.38 2.73
CA PHE A 49 -8.12 0.96 2.44
C PHE A 49 -7.21 0.03 3.28
N THR A 50 -5.91 0.32 3.27
CA THR A 50 -4.92 -0.52 3.97
C THR A 50 -5.00 -0.39 5.52
N THR A 51 -5.13 0.84 6.02
CA THR A 51 -5.09 1.08 7.48
C THR A 51 -6.25 1.94 8.02
N GLY A 52 -7.14 2.39 7.12
CA GLY A 52 -8.26 3.23 7.57
C GLY A 52 -7.83 4.63 7.97
N THR A 53 -6.75 5.12 7.35
CA THR A 53 -6.21 6.44 7.65
C THR A 53 -6.23 7.37 6.45
N ASP A 54 -6.23 8.66 6.73
CA ASP A 54 -6.24 9.71 5.71
C ASP A 54 -4.82 9.95 5.18
N ARG A 55 -4.71 10.73 4.09
CA ARG A 55 -3.41 11.04 3.46
C ARG A 55 -2.34 11.42 4.50
N ALA A 56 -1.08 11.46 4.05
CA ALA A 56 0.05 11.71 4.96
C ALA A 56 -0.16 12.96 5.85
N PRO A 57 -0.27 12.78 7.21
CA PRO A 57 -0.41 13.89 8.16
C PRO A 57 0.93 14.55 8.46
N VAL A 58 0.89 15.71 9.12
CA VAL A 58 2.12 16.44 9.48
C VAL A 58 3.09 15.54 10.29
N GLY A 59 2.53 14.55 11.01
CA GLY A 59 3.35 13.62 11.74
C GLY A 59 3.88 12.50 10.86
N GLY A 60 4.74 11.65 11.42
CA GLY A 60 5.30 10.55 10.65
C GLY A 60 4.38 9.34 10.58
N LEU A 61 4.52 8.54 9.51
CA LEU A 61 3.73 7.32 9.35
C LEU A 61 4.40 6.11 10.04
N GLY A 62 5.67 6.27 10.43
CA GLY A 62 6.39 5.18 11.09
C GLY A 62 5.77 4.77 12.42
N LYS A 63 4.93 5.64 12.98
CA LYS A 63 4.26 5.36 14.25
C LYS A 63 3.20 4.25 14.09
N LEU A 64 2.78 3.98 12.86
CA LEU A 64 1.80 2.94 12.57
C LEU A 64 2.50 1.73 11.95
N LYS A 65 2.16 0.53 12.43
CA LYS A 65 2.77 -0.70 11.94
C LYS A 65 2.06 -1.24 10.70
N MET A 66 2.86 -1.56 9.68
CA MET A 66 2.35 -2.13 8.42
C MET A 66 2.97 -3.51 8.19
N ILE A 67 2.11 -4.48 7.86
CA ILE A 67 2.57 -5.86 7.59
C ILE A 67 2.21 -6.27 6.17
N ILE A 68 3.21 -6.65 5.37
CA ILE A 68 2.98 -7.08 3.99
C ILE A 68 3.10 -8.62 3.87
N ALA A 69 2.05 -9.24 3.32
CA ALA A 69 2.01 -10.70 3.16
C ALA A 69 1.70 -11.09 1.70
N LYS A 70 2.34 -12.15 1.24
CA LYS A 70 2.16 -12.66 -0.12
C LYS A 70 0.96 -13.61 -0.20
N ASN A 71 -0.03 -13.26 -1.03
CA ASN A 71 -1.21 -14.11 -1.21
C ASN A 71 -0.82 -15.44 -1.84
N GLY A 72 0.05 -15.37 -2.84
CA GLY A 72 0.50 -16.58 -3.52
C GLY A 72 1.17 -16.26 -4.88
N PRO A 73 1.13 -17.20 -5.86
CA PRO A 73 1.73 -16.99 -7.18
C PRO A 73 1.12 -15.78 -7.89
N ASP A 74 1.66 -15.44 -9.06
CA ASP A 74 1.16 -14.31 -9.85
C ASP A 74 -0.20 -14.64 -10.47
N THR A 75 -1.19 -14.87 -9.61
CA THR A 75 -2.54 -15.19 -10.03
C THR A 75 -3.32 -13.92 -10.32
N GLU A 76 -4.45 -14.07 -11.02
CA GLU A 76 -5.29 -12.92 -11.36
C GLU A 76 -6.39 -12.70 -10.33
N ARG A 77 -6.01 -12.22 -9.16
CA ARG A 77 -6.93 -11.91 -8.07
C ARG A 77 -6.67 -10.51 -7.54
N LEU A 78 -7.73 -9.76 -7.27
CA LEU A 78 -7.59 -8.38 -6.83
C LEU A 78 -6.96 -8.29 -5.42
N PRO A 79 -6.04 -7.30 -5.17
CA PRO A 79 -5.44 -7.08 -3.85
C PRO A 79 -6.49 -6.80 -2.77
N THR A 80 -6.27 -7.33 -1.57
CA THR A 80 -7.16 -7.11 -0.43
C THR A 80 -6.35 -6.69 0.80
N SER A 81 -6.84 -5.68 1.52
CA SER A 81 -6.15 -5.17 2.70
C SER A 81 -7.11 -5.03 3.87
N HIS A 82 -6.58 -5.06 5.10
CA HIS A 82 -7.40 -4.94 6.31
C HIS A 82 -7.01 -3.69 7.10
N THR A 83 -7.96 -2.77 7.26
CA THR A 83 -7.70 -1.55 8.00
C THR A 83 -7.54 -1.82 9.49
N ALA A 84 -8.37 -2.73 10.01
CA ALA A 84 -8.34 -3.09 11.42
C ALA A 84 -7.00 -3.72 11.81
N PHE A 85 -6.49 -4.59 10.95
CA PHE A 85 -5.23 -5.30 11.22
C PHE A 85 -4.02 -4.61 10.58
N ASN A 86 -4.27 -3.64 9.67
CA ASN A 86 -3.19 -2.91 9.00
C ASN A 86 -2.22 -3.85 8.26
N VAL A 87 -2.79 -4.83 7.54
CA VAL A 87 -1.99 -5.81 6.78
C VAL A 87 -2.37 -5.80 5.29
N LEU A 88 -1.36 -5.86 4.43
CA LEU A 88 -1.57 -5.88 2.99
C LEU A 88 -1.46 -7.31 2.49
N LEU A 89 -2.56 -7.86 1.99
CA LEU A 89 -2.56 -9.22 1.44
C LEU A 89 -2.77 -9.20 -0.05
N LEU A 90 -1.68 -9.38 -0.81
CA LEU A 90 -1.76 -9.40 -2.26
C LEU A 90 -0.80 -10.44 -2.88
N PRO A 91 -1.18 -11.09 -4.02
CA PRO A 91 -0.33 -12.07 -4.68
C PRO A 91 0.84 -11.42 -5.41
N GLU A 92 1.90 -12.19 -5.59
CA GLU A 92 3.09 -11.70 -6.27
C GLU A 92 2.84 -11.60 -7.76
N TYR A 93 2.46 -10.39 -8.20
CA TYR A 93 2.11 -10.17 -9.61
C TYR A 93 3.35 -10.18 -10.50
N SER A 94 3.15 -10.58 -11.75
CA SER A 94 4.24 -10.67 -12.73
C SER A 94 4.90 -9.31 -12.98
N SER A 95 4.09 -8.25 -13.06
CA SER A 95 4.62 -6.90 -13.35
C SER A 95 3.95 -5.82 -12.50
N LYS A 96 4.62 -4.66 -12.42
CA LYS A 96 4.13 -3.52 -11.64
C LYS A 96 2.77 -3.02 -12.15
N GLU A 97 2.58 -3.10 -13.47
CA GLU A 97 1.32 -2.68 -14.08
C GLU A 97 0.19 -3.59 -13.65
N LYS A 98 0.48 -4.88 -13.60
CA LYS A 98 -0.51 -5.89 -13.23
C LYS A 98 -1.03 -5.66 -11.81
N LEU A 99 -0.12 -5.32 -10.89
CA LEU A 99 -0.52 -5.05 -9.50
C LEU A 99 -1.10 -3.65 -9.34
N LYS A 100 -0.58 -2.69 -10.10
CA LYS A 100 -1.05 -1.30 -10.04
C LYS A 100 -2.51 -1.18 -10.48
N GLU A 101 -2.85 -1.83 -11.60
CA GLU A 101 -4.20 -1.74 -12.14
C GLU A 101 -5.24 -2.35 -11.20
N ARG A 102 -5.01 -3.58 -10.74
CA ARG A 102 -5.93 -4.24 -9.81
C ARG A 102 -5.95 -3.55 -8.45
N LEU A 103 -4.78 -3.10 -7.99
CA LEU A 103 -4.66 -2.42 -6.69
C LEU A 103 -5.48 -1.14 -6.67
N LEU A 104 -5.39 -0.36 -7.74
CA LEU A 104 -6.14 0.90 -7.88
C LEU A 104 -7.64 0.64 -7.85
N LYS A 105 -8.07 -0.39 -8.57
CA LYS A 105 -9.49 -0.75 -8.61
C LYS A 105 -9.99 -1.18 -7.22
N ALA A 106 -9.17 -1.95 -6.50
CA ALA A 106 -9.53 -2.45 -5.18
C ALA A 106 -9.72 -1.31 -4.17
N ILE A 107 -8.80 -0.34 -4.18
CA ILE A 107 -8.86 0.78 -3.24
C ILE A 107 -9.89 1.82 -3.67
N THR A 108 -9.95 2.07 -4.96
CA THR A 108 -10.89 3.03 -5.53
C THR A 108 -12.34 2.54 -5.32
N TYR A 109 -12.55 1.26 -5.60
CA TYR A 109 -13.87 0.63 -5.46
C TYR A 109 -14.34 0.65 -4.00
N ALA A 110 -13.45 0.26 -3.09
CA ALA A 110 -13.77 0.18 -1.66
C ALA A 110 -14.19 1.54 -1.08
N LYS A 111 -13.84 2.64 -1.79
CA LYS A 111 -14.17 4.02 -1.38
C LYS A 111 -13.25 4.49 -0.27
N GLY A 112 -13.44 3.93 0.93
CA GLY A 112 -12.62 4.32 2.07
C GLY A 112 -13.21 3.89 3.40
N PHE A 113 -12.54 4.28 4.48
CA PHE A 113 -12.99 3.94 5.83
C PHE A 113 -12.85 5.16 6.75
N GLY A 114 -13.87 5.41 7.58
CA GLY A 114 -13.86 6.59 8.46
C GLY A 114 -12.65 6.66 9.37
N MET A 115 -12.13 7.88 9.58
CA MET A 115 -10.93 8.09 10.40
C MET A 115 -11.16 7.65 11.85
N LEU A 116 -12.35 7.97 12.38
CA LEU A 116 -12.68 7.62 13.76
C LEU A 116 -13.50 6.34 13.82
N GLY A 1 1.34 26.09 -7.75
CA GLY A 1 1.55 24.69 -8.19
C GLY A 1 1.98 23.77 -7.04
N PRO A 2 1.05 23.38 -6.12
CA PRO A 2 1.39 22.50 -4.99
C PRO A 2 1.99 21.17 -5.45
N SER A 3 3.00 20.70 -4.72
CA SER A 3 3.67 19.44 -5.06
C SER A 3 2.79 18.24 -4.76
N ARG A 4 2.90 17.21 -5.60
CA ARG A 4 2.13 15.97 -5.42
C ARG A 4 2.90 14.92 -4.59
N ASN A 5 4.15 15.22 -4.21
CA ASN A 5 5.00 14.29 -3.48
C ASN A 5 4.61 14.22 -1.99
N LEU A 6 4.29 13.00 -1.53
CA LEU A 6 3.93 12.76 -0.12
C LEU A 6 5.02 11.91 0.56
N ASP A 7 5.26 12.19 1.85
CA ASP A 7 6.31 11.50 2.60
C ASP A 7 5.81 10.18 3.21
N PHE A 8 5.89 9.10 2.43
CA PHE A 8 5.49 7.76 2.90
C PHE A 8 6.71 6.90 3.30
N GLN A 9 7.92 7.49 3.28
CA GLN A 9 9.15 6.75 3.59
C GLN A 9 9.12 6.20 5.02
N ALA A 10 8.59 6.99 5.95
CA ALA A 10 8.47 6.56 7.35
C ALA A 10 7.61 5.29 7.48
N LEU A 11 6.54 5.26 6.68
CA LEU A 11 5.64 4.09 6.66
C LEU A 11 6.39 2.86 6.15
N GLU A 12 7.23 3.08 5.12
CA GLU A 12 8.04 2.01 4.55
C GLU A 12 8.98 1.39 5.58
N GLU A 13 9.56 2.24 6.42
CA GLU A 13 10.50 1.81 7.45
C GLU A 13 9.83 0.84 8.44
N THR A 14 8.58 1.13 8.79
CA THR A 14 7.82 0.30 9.73
C THR A 14 7.20 -0.93 9.03
N THR A 15 7.01 -0.83 7.71
CA THR A 15 6.40 -1.91 6.93
C THR A 15 7.23 -3.20 7.01
N GLU A 16 6.52 -4.32 7.21
CA GLU A 16 7.16 -5.64 7.34
C GLU A 16 6.91 -6.50 6.10
N TYR A 17 7.47 -7.71 6.10
CA TYR A 17 7.34 -8.64 4.97
C TYR A 17 7.00 -10.05 5.45
N ASP A 18 6.35 -10.83 4.57
CA ASP A 18 6.00 -12.23 4.89
C ASP A 18 6.64 -13.16 3.87
N GLY A 19 6.50 -14.47 4.11
CA GLY A 19 7.06 -15.46 3.21
C GLY A 19 8.57 -15.36 3.06
N GLY A 20 9.05 -15.35 1.81
CA GLY A 20 10.48 -15.26 1.54
C GLY A 20 10.85 -14.08 0.67
N TYR A 21 10.46 -12.87 1.07
CA TYR A 21 10.78 -11.67 0.31
C TYR A 21 10.92 -10.44 1.22
N THR A 22 11.62 -9.43 0.73
CA THR A 22 11.89 -8.20 1.50
C THR A 22 11.61 -6.96 0.66
N ARG A 23 11.90 -5.78 1.21
CA ARG A 23 11.64 -4.50 0.52
C ARG A 23 12.41 -4.44 -0.80
N ASP A 24 13.64 -4.94 -0.79
CA ASP A 24 14.48 -4.95 -1.99
C ASP A 24 13.86 -5.81 -3.11
N SER A 25 12.97 -6.75 -2.74
CA SER A 25 12.31 -7.62 -3.71
C SER A 25 11.47 -6.80 -4.69
N VAL A 26 11.29 -7.34 -5.89
CA VAL A 26 10.57 -6.64 -6.95
C VAL A 26 9.14 -6.28 -6.57
N LEU A 27 8.45 -7.19 -5.89
CA LEU A 27 7.04 -6.95 -5.52
C LEU A 27 6.88 -5.74 -4.62
N ILE A 28 7.70 -5.68 -3.57
CA ILE A 28 7.61 -4.59 -2.60
C ILE A 28 8.24 -3.30 -3.16
N ARG A 29 9.43 -3.44 -3.76
CA ARG A 29 10.14 -2.29 -4.33
C ARG A 29 9.34 -1.64 -5.43
N GLU A 30 8.82 -2.45 -6.36
CA GLU A 30 8.00 -1.91 -7.47
C GLU A 30 6.71 -1.30 -6.94
N PHE A 31 6.14 -1.97 -5.94
CA PHE A 31 4.92 -1.51 -5.27
C PHE A 31 5.13 -0.13 -4.65
N TRP A 32 6.22 0.03 -3.92
CA TRP A 32 6.54 1.30 -3.26
C TRP A 32 6.74 2.41 -4.28
N GLU A 33 7.39 2.10 -5.40
CA GLU A 33 7.64 3.11 -6.44
C GLU A 33 6.30 3.64 -6.98
N ILE A 34 5.35 2.73 -7.17
CA ILE A 34 4.02 3.09 -7.65
C ILE A 34 3.24 3.88 -6.57
N VAL A 35 3.31 3.40 -5.32
CA VAL A 35 2.60 4.03 -4.21
C VAL A 35 3.09 5.47 -3.98
N HIS A 36 4.40 5.64 -3.97
CA HIS A 36 5.01 6.96 -3.79
C HIS A 36 4.65 7.88 -4.96
N SER A 37 4.61 7.31 -6.17
CA SER A 37 4.33 8.08 -7.39
C SER A 37 2.81 8.27 -7.64
N PHE A 38 1.95 7.66 -6.81
CA PHE A 38 0.49 7.81 -7.00
C PHE A 38 0.05 9.26 -6.75
N THR A 39 -1.10 9.62 -7.31
CA THR A 39 -1.67 10.95 -7.15
C THR A 39 -2.07 11.18 -5.69
N ASP A 40 -1.99 12.43 -5.24
CA ASP A 40 -2.32 12.76 -3.83
C ASP A 40 -3.73 12.30 -3.45
N GLU A 41 -4.68 12.47 -4.37
CA GLU A 41 -6.06 12.01 -4.14
C GLU A 41 -6.11 10.49 -3.97
N GLN A 42 -5.37 9.79 -4.84
CA GLN A 42 -5.29 8.33 -4.78
C GLN A 42 -4.62 7.88 -3.50
N LYS A 43 -3.60 8.63 -3.06
CA LYS A 43 -2.86 8.30 -1.84
C LYS A 43 -3.78 8.29 -0.60
N ARG A 44 -4.68 9.28 -0.51
CA ARG A 44 -5.66 9.34 0.60
C ARG A 44 -6.54 8.09 0.56
N LEU A 45 -7.00 7.73 -0.63
CA LEU A 45 -7.80 6.54 -0.86
C LEU A 45 -7.04 5.26 -0.48
N PHE A 46 -5.81 5.15 -0.94
CA PHE A 46 -4.97 3.97 -0.70
C PHE A 46 -4.73 3.74 0.80
N LEU A 47 -4.36 4.79 1.49
CA LEU A 47 -4.06 4.71 2.91
C LEU A 47 -5.26 4.28 3.75
N GLN A 48 -6.45 4.80 3.41
CA GLN A 48 -7.67 4.44 4.14
C GLN A 48 -7.97 2.95 3.98
N PHE A 49 -7.78 2.44 2.77
CA PHE A 49 -8.01 1.03 2.47
C PHE A 49 -7.06 0.13 3.30
N THR A 50 -5.77 0.45 3.29
CA THR A 50 -4.75 -0.35 3.98
C THR A 50 -4.83 -0.21 5.53
N THR A 51 -4.93 1.02 6.03
CA THR A 51 -4.91 1.26 7.49
C THR A 51 -6.03 2.18 7.98
N GLY A 52 -6.89 2.67 7.07
CA GLY A 52 -7.96 3.58 7.49
C GLY A 52 -7.42 4.97 7.84
N THR A 53 -6.30 5.35 7.19
CA THR A 53 -5.64 6.64 7.45
C THR A 53 -5.63 7.51 6.19
N ASP A 54 -5.87 8.80 6.37
CA ASP A 54 -5.87 9.76 5.27
C ASP A 54 -4.45 10.07 4.80
N ARG A 55 -4.34 10.84 3.71
CA ARG A 55 -3.02 11.19 3.09
C ARG A 55 -1.98 11.59 4.14
N ALA A 56 -0.72 11.66 3.71
CA ALA A 56 0.42 11.88 4.62
C ALA A 56 0.18 13.05 5.63
N PRO A 57 0.09 12.74 6.97
CA PRO A 57 -0.05 13.75 8.01
C PRO A 57 1.30 14.36 8.39
N VAL A 58 1.26 15.44 9.19
CA VAL A 58 2.48 16.09 9.64
C VAL A 58 3.35 15.09 10.46
N GLY A 59 2.69 14.31 11.32
CA GLY A 59 3.38 13.30 12.10
C GLY A 59 3.85 12.14 11.23
N GLY A 60 4.81 11.37 11.74
CA GLY A 60 5.37 10.27 10.98
C GLY A 60 4.42 9.08 10.88
N LEU A 61 4.51 8.36 9.77
CA LEU A 61 3.70 7.15 9.56
C LEU A 61 4.40 5.90 10.12
N GLY A 62 5.69 6.02 10.47
CA GLY A 62 6.43 4.91 11.03
C GLY A 62 5.91 4.45 12.38
N LYS A 63 5.12 5.29 13.05
CA LYS A 63 4.56 4.98 14.36
C LYS A 63 3.48 3.87 14.28
N LEU A 64 2.94 3.63 13.07
CA LEU A 64 1.91 2.61 12.87
C LEU A 64 2.51 1.37 12.20
N LYS A 65 2.24 0.19 12.77
CA LYS A 65 2.78 -1.06 12.24
C LYS A 65 2.03 -1.53 10.99
N MET A 66 2.80 -1.87 9.95
CA MET A 66 2.24 -2.37 8.68
C MET A 66 2.85 -3.73 8.32
N ILE A 67 2.00 -4.70 7.97
CA ILE A 67 2.47 -6.04 7.60
C ILE A 67 2.02 -6.40 6.16
N ILE A 68 2.97 -6.78 5.31
CA ILE A 68 2.66 -7.16 3.90
C ILE A 68 2.81 -8.68 3.70
N ALA A 69 1.80 -9.30 3.10
CA ALA A 69 1.81 -10.75 2.84
C ALA A 69 1.47 -11.09 1.38
N LYS A 70 2.07 -12.17 0.89
CA LYS A 70 1.88 -12.66 -0.48
C LYS A 70 0.66 -13.60 -0.56
N ASN A 71 -0.34 -13.22 -1.38
CA ASN A 71 -1.55 -14.04 -1.56
C ASN A 71 -1.21 -15.40 -2.19
N GLY A 72 -0.38 -15.38 -3.25
CA GLY A 72 0.02 -16.65 -3.90
C GLY A 72 0.97 -16.45 -5.08
N PRO A 73 1.14 -17.48 -5.98
CA PRO A 73 1.97 -17.36 -7.18
C PRO A 73 1.28 -16.47 -8.23
N ASP A 74 2.08 -15.77 -9.08
CA ASP A 74 1.55 -14.78 -10.09
C ASP A 74 0.18 -15.15 -10.68
N THR A 75 -0.89 -14.65 -10.03
CA THR A 75 -2.26 -14.92 -10.46
C THR A 75 -3.09 -13.64 -10.54
N GLU A 76 -4.32 -13.78 -11.04
CA GLU A 76 -5.22 -12.65 -11.23
C GLU A 76 -6.08 -12.38 -9.98
N ARG A 77 -5.72 -12.96 -8.84
CA ARG A 77 -6.50 -12.80 -7.60
C ARG A 77 -6.60 -11.32 -7.19
N LEU A 78 -7.79 -10.89 -6.79
CA LEU A 78 -8.02 -9.50 -6.39
C LEU A 78 -7.36 -9.20 -5.03
N PRO A 79 -6.48 -8.16 -4.95
CA PRO A 79 -5.79 -7.81 -3.69
C PRO A 79 -6.74 -7.22 -2.64
N THR A 80 -6.48 -7.53 -1.36
CA THR A 80 -7.30 -7.05 -0.26
C THR A 80 -6.44 -6.52 0.88
N SER A 81 -7.02 -5.68 1.73
CA SER A 81 -6.30 -5.12 2.87
C SER A 81 -7.21 -4.97 4.08
N HIS A 82 -6.61 -4.88 5.27
CA HIS A 82 -7.37 -4.73 6.52
C HIS A 82 -6.91 -3.48 7.25
N THR A 83 -7.87 -2.65 7.67
CA THR A 83 -7.57 -1.42 8.39
C THR A 83 -7.43 -1.68 9.89
N ALA A 84 -8.31 -2.52 10.42
CA ALA A 84 -8.28 -2.87 11.84
C ALA A 84 -6.96 -3.57 12.21
N PHE A 85 -6.49 -4.44 11.31
CA PHE A 85 -5.25 -5.18 11.51
C PHE A 85 -4.05 -4.49 10.82
N ASN A 86 -4.32 -3.55 9.89
CA ASN A 86 -3.25 -2.83 9.19
C ASN A 86 -2.30 -3.78 8.45
N VAL A 87 -2.87 -4.75 7.73
CA VAL A 87 -2.08 -5.73 6.97
C VAL A 87 -2.50 -5.71 5.49
N LEU A 88 -1.51 -5.71 4.61
CA LEU A 88 -1.76 -5.72 3.18
C LEU A 88 -1.64 -7.14 2.65
N LEU A 89 -2.78 -7.73 2.28
CA LEU A 89 -2.80 -9.07 1.71
C LEU A 89 -3.03 -8.99 0.21
N LEU A 90 -1.97 -9.16 -0.57
CA LEU A 90 -2.07 -9.06 -2.03
C LEU A 90 -1.18 -10.10 -2.74
N PRO A 91 -1.60 -10.57 -3.95
CA PRO A 91 -0.80 -11.51 -4.74
C PRO A 91 0.44 -10.87 -5.35
N GLU A 92 1.48 -11.67 -5.49
CA GLU A 92 2.72 -11.23 -6.10
C GLU A 92 2.61 -11.29 -7.60
N TYR A 93 2.41 -10.15 -8.23
CA TYR A 93 2.31 -10.07 -9.68
C TYR A 93 3.69 -10.02 -10.32
N SER A 94 3.81 -10.58 -11.52
CA SER A 94 5.07 -10.58 -12.24
C SER A 94 5.47 -9.18 -12.72
N SER A 95 4.49 -8.27 -12.87
CA SER A 95 4.76 -6.90 -13.36
C SER A 95 4.17 -5.82 -12.43
N LYS A 96 4.86 -4.67 -12.38
CA LYS A 96 4.42 -3.53 -11.55
C LYS A 96 3.06 -2.98 -12.04
N GLU A 97 2.85 -3.01 -13.34
CA GLU A 97 1.61 -2.55 -13.94
C GLU A 97 0.47 -3.49 -13.56
N LYS A 98 0.79 -4.78 -13.56
CA LYS A 98 -0.17 -5.83 -13.27
C LYS A 98 -0.74 -5.67 -11.85
N LEU A 99 0.12 -5.30 -10.89
CA LEU A 99 -0.31 -5.08 -9.50
C LEU A 99 -0.94 -3.69 -9.34
N LYS A 100 -0.40 -2.71 -10.06
CA LYS A 100 -0.90 -1.33 -10.00
C LYS A 100 -2.36 -1.25 -10.46
N GLU A 101 -2.67 -1.93 -11.56
CA GLU A 101 -4.03 -1.90 -12.13
C GLU A 101 -5.08 -2.48 -11.17
N ARG A 102 -4.92 -3.74 -10.74
CA ARG A 102 -5.87 -4.35 -9.79
C ARG A 102 -5.89 -3.66 -8.44
N LEU A 103 -4.71 -3.29 -7.93
CA LEU A 103 -4.62 -2.64 -6.63
C LEU A 103 -5.35 -1.29 -6.63
N LEU A 104 -5.17 -0.52 -7.70
CA LEU A 104 -5.82 0.78 -7.84
C LEU A 104 -7.34 0.62 -7.86
N LYS A 105 -7.82 -0.36 -8.62
CA LYS A 105 -9.24 -0.65 -8.70
C LYS A 105 -9.79 -1.11 -7.35
N ALA A 106 -8.99 -1.92 -6.65
CA ALA A 106 -9.38 -2.46 -5.35
C ALA A 106 -9.58 -1.36 -4.32
N ILE A 107 -8.70 -0.35 -4.33
CA ILE A 107 -8.78 0.75 -3.37
C ILE A 107 -9.93 1.71 -3.70
N THR A 108 -10.19 1.92 -4.99
CA THR A 108 -11.26 2.81 -5.41
C THR A 108 -12.63 2.19 -5.17
N TYR A 109 -12.79 0.93 -5.58
CA TYR A 109 -14.05 0.20 -5.39
C TYR A 109 -14.37 0.03 -3.89
N ALA A 110 -13.38 -0.42 -3.14
CA ALA A 110 -13.55 -0.64 -1.71
C ALA A 110 -13.67 0.67 -0.96
N LYS A 111 -14.48 0.69 0.10
CA LYS A 111 -14.67 1.88 0.92
C LYS A 111 -13.76 1.85 2.14
N GLY A 112 -12.99 2.93 2.31
CA GLY A 112 -12.08 3.02 3.44
C GLY A 112 -12.74 3.64 4.66
N PHE A 113 -11.95 3.83 5.73
CA PHE A 113 -12.45 4.41 6.96
C PHE A 113 -12.87 5.87 6.73
N GLY A 114 -14.06 6.24 7.21
CA GLY A 114 -14.55 7.61 7.03
C GLY A 114 -15.71 7.94 7.95
N MET A 115 -16.15 9.19 7.91
CA MET A 115 -17.26 9.65 8.75
C MET A 115 -18.55 8.92 8.40
N LEU A 116 -18.77 8.70 7.10
CA LEU A 116 -19.97 8.01 6.63
C LEU A 116 -19.85 6.50 6.82
N GLY A 1 9.51 24.02 -10.04
CA GLY A 1 10.24 22.86 -9.43
C GLY A 1 9.35 21.63 -9.25
N PRO A 2 9.59 20.79 -8.21
CA PRO A 2 8.78 19.59 -7.98
C PRO A 2 7.37 19.93 -7.47
N SER A 3 6.45 18.99 -7.64
CA SER A 3 5.06 19.18 -7.20
C SER A 3 4.85 18.65 -5.78
N ARG A 4 5.85 18.84 -4.92
CA ARG A 4 5.82 18.41 -3.50
C ARG A 4 5.31 16.97 -3.33
N ASN A 5 6.26 16.03 -3.25
CA ASN A 5 5.91 14.62 -3.05
C ASN A 5 5.66 14.33 -1.57
N LEU A 6 4.64 13.51 -1.30
CA LEU A 6 4.30 13.15 0.08
C LEU A 6 5.41 12.29 0.69
N ASP A 7 5.66 12.49 1.98
CA ASP A 7 6.70 11.75 2.68
C ASP A 7 6.19 10.43 3.27
N PHE A 8 6.22 9.38 2.44
CA PHE A 8 5.81 8.03 2.88
C PHE A 8 7.00 7.13 3.26
N GLN A 9 8.22 7.71 3.25
CA GLN A 9 9.43 6.96 3.59
C GLN A 9 9.37 6.42 5.03
N ALA A 10 8.84 7.24 5.96
CA ALA A 10 8.72 6.83 7.35
C ALA A 10 7.85 5.57 7.49
N LEU A 11 6.77 5.53 6.70
CA LEU A 11 5.88 4.36 6.65
C LEU A 11 6.67 3.13 6.19
N GLU A 12 7.49 3.32 5.15
CA GLU A 12 8.29 2.25 4.57
C GLU A 12 9.26 1.65 5.59
N GLU A 13 9.85 2.51 6.41
CA GLU A 13 10.83 2.09 7.42
C GLU A 13 10.18 1.13 8.44
N THR A 14 8.95 1.45 8.83
CA THR A 14 8.21 0.63 9.79
C THR A 14 7.51 -0.57 9.11
N THR A 15 7.20 -0.44 7.82
CA THR A 15 6.50 -1.50 7.06
C THR A 15 7.23 -2.86 7.18
N GLU A 16 6.44 -3.92 7.37
CA GLU A 16 6.98 -5.27 7.57
C GLU A 16 6.84 -6.10 6.29
N TYR A 17 7.38 -7.32 6.33
CA TYR A 17 7.29 -8.25 5.18
C TYR A 17 6.97 -9.66 5.67
N ASP A 18 6.27 -10.42 4.84
CA ASP A 18 5.90 -11.80 5.16
C ASP A 18 5.73 -12.63 3.90
N GLY A 19 6.58 -13.65 3.75
CA GLY A 19 6.52 -14.51 2.56
C GLY A 19 7.88 -14.75 1.91
N GLY A 20 8.95 -14.62 2.71
CA GLY A 20 10.29 -14.85 2.19
C GLY A 20 10.77 -13.74 1.25
N TYR A 21 10.33 -12.51 1.51
CA TYR A 21 10.72 -11.36 0.68
C TYR A 21 10.91 -10.11 1.52
N THR A 22 11.64 -9.14 0.96
CA THR A 22 11.96 -7.88 1.62
C THR A 22 11.68 -6.69 0.70
N ARG A 23 12.04 -5.49 1.14
CA ARG A 23 11.82 -4.28 0.36
C ARG A 23 12.56 -4.32 -0.98
N ASP A 24 13.78 -4.86 -0.96
CA ASP A 24 14.59 -4.98 -2.17
C ASP A 24 13.94 -5.89 -3.22
N SER A 25 13.03 -6.77 -2.76
CA SER A 25 12.34 -7.70 -3.66
C SER A 25 11.56 -6.95 -4.73
N VAL A 26 11.34 -7.61 -5.86
CA VAL A 26 10.64 -7.00 -6.99
C VAL A 26 9.20 -6.60 -6.62
N LEU A 27 8.49 -7.50 -5.92
CA LEU A 27 7.10 -7.24 -5.54
C LEU A 27 6.95 -6.01 -4.63
N ILE A 28 7.77 -5.95 -3.57
CA ILE A 28 7.68 -4.82 -2.63
C ILE A 28 8.28 -3.55 -3.25
N ARG A 29 9.45 -3.69 -3.89
CA ARG A 29 10.15 -2.56 -4.50
C ARG A 29 9.29 -1.90 -5.58
N GLU A 30 8.73 -2.71 -6.48
CA GLU A 30 7.87 -2.19 -7.55
C GLU A 30 6.60 -1.57 -6.96
N PHE A 31 6.07 -2.22 -5.93
CA PHE A 31 4.85 -1.77 -5.25
C PHE A 31 5.08 -0.37 -4.65
N TRP A 32 6.20 -0.18 -3.96
CA TRP A 32 6.53 1.10 -3.33
C TRP A 32 6.68 2.21 -4.36
N GLU A 33 7.30 1.89 -5.50
CA GLU A 33 7.49 2.89 -6.56
C GLU A 33 6.12 3.38 -7.07
N ILE A 34 5.21 2.43 -7.21
CA ILE A 34 3.85 2.72 -7.63
C ILE A 34 3.11 3.56 -6.57
N VAL A 35 3.23 3.16 -5.30
CA VAL A 35 2.53 3.85 -4.20
C VAL A 35 3.03 5.30 -4.07
N HIS A 36 4.34 5.47 -4.07
CA HIS A 36 4.95 6.79 -3.98
C HIS A 36 4.61 7.64 -5.21
N SER A 37 4.62 6.99 -6.38
CA SER A 37 4.33 7.66 -7.64
C SER A 37 2.86 8.03 -7.82
N PHE A 38 1.97 7.42 -7.02
CA PHE A 38 0.53 7.72 -7.12
C PHE A 38 0.23 9.16 -6.71
N THR A 39 -0.88 9.70 -7.22
CA THR A 39 -1.29 11.06 -6.89
C THR A 39 -1.76 11.14 -5.44
N ASP A 40 -1.91 12.36 -4.92
CA ASP A 40 -2.29 12.56 -3.52
C ASP A 40 -3.66 11.94 -3.19
N GLU A 41 -4.63 12.11 -4.10
CA GLU A 41 -5.98 11.57 -3.88
C GLU A 41 -5.95 10.04 -3.76
N GLN A 42 -5.18 9.40 -4.63
CA GLN A 42 -5.06 7.95 -4.62
C GLN A 42 -4.40 7.45 -3.34
N LYS A 43 -3.39 8.18 -2.87
CA LYS A 43 -2.69 7.80 -1.64
C LYS A 43 -3.61 7.87 -0.42
N ARG A 44 -4.47 8.90 -0.39
CA ARG A 44 -5.43 9.08 0.71
C ARG A 44 -6.37 7.87 0.83
N LEU A 45 -6.94 7.45 -0.30
CA LEU A 45 -7.84 6.29 -0.30
C LEU A 45 -7.08 4.98 -0.12
N PHE A 46 -5.83 4.95 -0.59
CA PHE A 46 -4.96 3.79 -0.44
C PHE A 46 -4.72 3.47 1.06
N LEU A 47 -4.38 4.50 1.83
CA LEU A 47 -4.12 4.33 3.27
C LEU A 47 -5.38 3.88 4.00
N GLN A 48 -6.54 4.43 3.61
CA GLN A 48 -7.81 4.06 4.25
C GLN A 48 -8.13 2.60 3.99
N PHE A 49 -7.89 2.15 2.77
CA PHE A 49 -8.15 0.75 2.39
C PHE A 49 -7.29 -0.23 3.23
N THR A 50 -5.98 0.04 3.28
CA THR A 50 -5.03 -0.82 3.99
C THR A 50 -5.15 -0.72 5.53
N THR A 51 -5.25 0.51 6.05
CA THR A 51 -5.25 0.74 7.51
C THR A 51 -6.40 1.62 8.01
N GLY A 52 -7.22 2.15 7.10
CA GLY A 52 -8.32 3.04 7.52
C GLY A 52 -7.82 4.38 8.01
N THR A 53 -6.67 4.82 7.48
CA THR A 53 -6.04 6.08 7.89
C THR A 53 -5.92 7.05 6.71
N ASP A 54 -6.26 8.31 6.96
CA ASP A 54 -6.20 9.38 5.95
C ASP A 54 -4.76 9.57 5.44
N ARG A 55 -4.60 10.35 4.37
CA ARG A 55 -3.28 10.59 3.73
C ARG A 55 -2.18 10.88 4.75
N ALA A 56 -0.93 10.83 4.30
CA ALA A 56 0.21 11.00 5.20
C ALA A 56 0.18 12.37 5.92
N PRO A 57 0.06 12.38 7.29
CA PRO A 57 0.06 13.62 8.06
C PRO A 57 1.46 14.21 8.20
N VAL A 58 1.54 15.46 8.67
CA VAL A 58 2.83 16.13 8.86
C VAL A 58 3.80 15.32 9.76
N GLY A 59 3.21 14.49 10.64
CA GLY A 59 4.03 13.65 11.50
C GLY A 59 4.53 12.42 10.78
N GLY A 60 5.38 11.64 11.45
CA GLY A 60 5.93 10.44 10.83
C GLY A 60 4.91 9.32 10.74
N LEU A 61 4.99 8.55 9.65
CA LEU A 61 4.09 7.40 9.45
C LEU A 61 4.60 6.15 10.19
N GLY A 62 5.87 6.17 10.60
CA GLY A 62 6.45 5.04 11.29
C GLY A 62 5.86 4.79 12.67
N LYS A 63 5.02 5.72 13.16
CA LYS A 63 4.38 5.55 14.48
C LYS A 63 3.34 4.42 14.45
N LEU A 64 2.81 4.13 13.27
CA LEU A 64 1.83 3.06 13.08
C LEU A 64 2.43 1.97 12.19
N LYS A 65 2.49 0.74 12.70
CA LYS A 65 3.08 -0.37 11.96
C LYS A 65 2.16 -0.87 10.85
N MET A 66 2.77 -1.33 9.76
CA MET A 66 2.05 -1.89 8.62
C MET A 66 2.66 -3.24 8.25
N ILE A 67 1.81 -4.23 8.00
CA ILE A 67 2.27 -5.58 7.64
C ILE A 67 1.85 -5.93 6.21
N ILE A 68 2.84 -6.29 5.39
CA ILE A 68 2.60 -6.70 4.00
C ILE A 68 2.89 -8.20 3.83
N ALA A 69 1.92 -8.93 3.27
CA ALA A 69 2.06 -10.38 3.06
C ALA A 69 1.68 -10.76 1.62
N LYS A 70 2.37 -11.78 1.10
CA LYS A 70 2.10 -12.27 -0.25
C LYS A 70 0.93 -13.25 -0.25
N ASN A 71 -0.12 -12.93 -1.01
CA ASN A 71 -1.30 -13.78 -1.10
C ASN A 71 -0.95 -15.13 -1.72
N GLY A 72 -0.11 -15.10 -2.76
CA GLY A 72 0.29 -16.34 -3.42
C GLY A 72 1.01 -16.07 -4.74
N PRO A 73 1.02 -17.06 -5.68
CA PRO A 73 1.68 -16.89 -6.98
C PRO A 73 1.05 -15.76 -7.79
N ASP A 74 1.62 -15.47 -8.95
CA ASP A 74 1.08 -14.44 -9.83
C ASP A 74 -0.26 -14.91 -10.43
N THR A 75 -1.29 -14.94 -9.59
CA THR A 75 -2.63 -15.38 -10.00
C THR A 75 -3.58 -14.18 -10.03
N GLU A 76 -4.32 -14.05 -11.13
CA GLU A 76 -5.25 -12.94 -11.30
C GLU A 76 -6.38 -12.99 -10.27
N ARG A 77 -6.19 -12.24 -9.19
CA ARG A 77 -7.16 -12.13 -8.11
C ARG A 77 -7.14 -10.72 -7.55
N LEU A 78 -8.31 -10.19 -7.20
CA LEU A 78 -8.38 -8.82 -6.69
C LEU A 78 -7.61 -8.66 -5.36
N PRO A 79 -6.79 -7.57 -5.18
CA PRO A 79 -6.09 -7.30 -3.92
C PRO A 79 -7.06 -7.12 -2.75
N THR A 80 -6.65 -7.61 -1.58
CA THR A 80 -7.46 -7.47 -0.36
C THR A 80 -6.62 -6.95 0.79
N SER A 81 -7.25 -6.20 1.69
CA SER A 81 -6.56 -5.64 2.85
C SER A 81 -7.52 -5.47 4.03
N HIS A 82 -6.96 -5.34 5.23
CA HIS A 82 -7.76 -5.15 6.44
C HIS A 82 -7.27 -3.93 7.20
N THR A 83 -8.21 -3.09 7.64
CA THR A 83 -7.87 -1.89 8.39
C THR A 83 -7.75 -2.17 9.90
N ALA A 84 -8.39 -3.23 10.37
CA ALA A 84 -8.37 -3.60 11.78
C ALA A 84 -6.97 -3.95 12.27
N PHE A 85 -6.21 -4.69 11.45
CA PHE A 85 -4.85 -5.13 11.84
C PHE A 85 -3.74 -4.51 10.96
N ASN A 86 -4.12 -3.63 10.02
CA ASN A 86 -3.14 -2.97 9.14
C ASN A 86 -2.35 -4.01 8.31
N VAL A 87 -3.06 -4.98 7.71
CA VAL A 87 -2.42 -6.03 6.90
C VAL A 87 -2.80 -5.88 5.43
N LEU A 88 -1.82 -6.08 4.56
CA LEU A 88 -2.03 -5.98 3.11
C LEU A 88 -1.75 -7.32 2.44
N LEU A 89 -2.78 -7.90 1.84
CA LEU A 89 -2.63 -9.19 1.14
C LEU A 89 -2.67 -8.97 -0.37
N LEU A 90 -1.50 -8.99 -0.98
CA LEU A 90 -1.35 -8.76 -2.42
C LEU A 90 -0.54 -9.92 -3.06
N PRO A 91 -1.15 -10.71 -4.01
CA PRO A 91 -0.42 -11.80 -4.67
C PRO A 91 0.74 -11.27 -5.49
N GLU A 92 1.80 -12.09 -5.61
CA GLU A 92 3.00 -11.68 -6.32
C GLU A 92 2.75 -11.63 -7.81
N TYR A 93 2.45 -10.43 -8.31
CA TYR A 93 2.17 -10.24 -9.73
C TYR A 93 3.45 -10.27 -10.57
N SER A 94 3.30 -10.67 -11.82
CA SER A 94 4.42 -10.77 -12.75
C SER A 94 5.11 -9.43 -12.98
N SER A 95 4.32 -8.36 -13.11
CA SER A 95 4.88 -7.02 -13.38
C SER A 95 4.18 -5.92 -12.58
N LYS A 96 4.85 -4.77 -12.46
CA LYS A 96 4.33 -3.63 -11.71
C LYS A 96 3.00 -3.12 -12.28
N GLU A 97 2.83 -3.24 -13.60
CA GLU A 97 1.60 -2.83 -14.26
C GLU A 97 0.44 -3.73 -13.83
N LYS A 98 0.74 -5.03 -13.74
CA LYS A 98 -0.25 -6.03 -13.36
C LYS A 98 -0.81 -5.77 -11.96
N LEU A 99 0.07 -5.40 -11.03
CA LEU A 99 -0.36 -5.09 -9.66
C LEU A 99 -0.93 -3.66 -9.56
N LYS A 100 -0.36 -2.75 -10.35
CA LYS A 100 -0.80 -1.35 -10.36
C LYS A 100 -2.25 -1.22 -10.83
N GLU A 101 -2.59 -1.92 -11.91
CA GLU A 101 -3.93 -1.84 -12.49
C GLU A 101 -5.01 -2.37 -11.52
N ARG A 102 -4.82 -3.57 -10.98
CA ARG A 102 -5.78 -4.13 -10.03
C ARG A 102 -5.79 -3.36 -8.70
N LEU A 103 -4.59 -2.97 -8.25
CA LEU A 103 -4.46 -2.25 -6.98
C LEU A 103 -5.20 -0.91 -7.02
N LEU A 104 -5.03 -0.18 -8.12
CA LEU A 104 -5.67 1.13 -8.29
C LEU A 104 -7.21 1.02 -8.24
N LYS A 105 -7.74 0.06 -8.98
CA LYS A 105 -9.18 -0.16 -9.03
C LYS A 105 -9.72 -0.62 -7.67
N ALA A 106 -8.97 -1.50 -7.00
CA ALA A 106 -9.38 -2.05 -5.71
C ALA A 106 -9.54 -0.98 -4.63
N ILE A 107 -8.59 -0.04 -4.60
CA ILE A 107 -8.61 1.01 -3.57
C ILE A 107 -9.69 2.06 -3.86
N THR A 108 -9.89 2.38 -5.14
CA THR A 108 -10.90 3.34 -5.54
C THR A 108 -12.31 2.78 -5.35
N TYR A 109 -12.46 1.49 -5.67
CA TYR A 109 -13.75 0.80 -5.53
C TYR A 109 -14.22 0.78 -4.08
N ALA A 110 -13.31 0.39 -3.17
CA ALA A 110 -13.65 0.28 -1.75
C ALA A 110 -14.03 1.63 -1.14
N LYS A 111 -15.09 1.62 -0.35
CA LYS A 111 -15.58 2.83 0.32
C LYS A 111 -14.54 3.34 1.33
N GLY A 112 -13.89 2.41 2.02
CA GLY A 112 -12.90 2.76 3.04
C GLY A 112 -13.45 2.61 4.44
N PHE A 113 -12.58 2.31 5.39
CA PHE A 113 -12.98 2.11 6.79
C PHE A 113 -13.61 3.39 7.36
N GLY A 114 -12.94 4.52 7.17
CA GLY A 114 -13.44 5.80 7.68
C GLY A 114 -13.28 5.92 9.18
N MET A 115 -13.96 6.89 9.77
CA MET A 115 -13.90 7.12 11.21
C MET A 115 -15.25 7.63 11.73
N LEU A 116 -15.70 7.07 12.84
CA LEU A 116 -16.97 7.47 13.46
C LEU A 116 -16.75 8.54 14.51
N GLY A 1 8.24 25.63 -2.30
CA GLY A 1 7.74 25.32 -0.93
C GLY A 1 7.03 23.97 -0.85
N PRO A 2 5.74 23.88 -1.31
CA PRO A 2 4.98 22.63 -1.28
C PRO A 2 5.67 21.50 -2.05
N SER A 3 5.61 20.28 -1.50
CA SER A 3 6.22 19.12 -2.14
C SER A 3 5.23 18.43 -3.06
N ARG A 4 5.66 18.18 -4.31
CA ARG A 4 4.79 17.53 -5.30
C ARG A 4 4.39 16.13 -4.84
N ASN A 5 5.36 15.36 -4.36
CA ASN A 5 5.10 14.01 -3.84
C ASN A 5 4.88 14.03 -2.33
N LEU A 6 4.62 12.86 -1.75
CA LEU A 6 4.43 12.72 -0.30
C LEU A 6 5.49 11.81 0.30
N ASP A 7 5.99 12.19 1.48
CA ASP A 7 7.05 11.43 2.15
C ASP A 7 6.52 10.14 2.76
N PHE A 8 6.43 9.10 1.94
CA PHE A 8 5.95 7.78 2.40
C PHE A 8 7.11 6.84 2.81
N GLN A 9 8.35 7.35 2.79
CA GLN A 9 9.53 6.56 3.15
C GLN A 9 9.46 6.09 4.61
N ALA A 10 8.94 6.97 5.47
CA ALA A 10 8.79 6.64 6.90
C ALA A 10 7.87 5.43 7.09
N LEU A 11 6.82 5.37 6.27
CA LEU A 11 5.88 4.24 6.28
C LEU A 11 6.61 2.95 5.93
N GLU A 12 7.48 3.04 4.92
CA GLU A 12 8.26 1.91 4.43
C GLU A 12 9.16 1.35 5.53
N GLU A 13 9.75 2.23 6.33
CA GLU A 13 10.67 1.81 7.39
C GLU A 13 9.96 0.93 8.42
N THR A 14 8.73 1.29 8.76
CA THR A 14 7.93 0.52 9.71
C THR A 14 7.26 -0.69 9.03
N THR A 15 7.00 -0.59 7.71
CA THR A 15 6.33 -1.67 6.96
C THR A 15 7.06 -3.01 7.11
N GLU A 16 6.29 -4.06 7.40
CA GLU A 16 6.83 -5.40 7.61
C GLU A 16 6.59 -6.30 6.40
N TYR A 17 7.34 -7.39 6.33
CA TYR A 17 7.23 -8.37 5.23
C TYR A 17 6.90 -9.76 5.77
N ASP A 18 6.13 -10.51 5.01
CA ASP A 18 5.73 -11.87 5.39
C ASP A 18 5.61 -12.76 4.16
N GLY A 19 6.54 -13.72 4.04
CA GLY A 19 6.54 -14.62 2.88
C GLY A 19 7.92 -14.87 2.29
N GLY A 20 8.97 -14.68 3.12
CA GLY A 20 10.33 -14.93 2.65
C GLY A 20 10.83 -13.88 1.66
N TYR A 21 10.35 -12.64 1.82
CA TYR A 21 10.77 -11.54 0.93
C TYR A 21 10.92 -10.24 1.72
N THR A 22 11.68 -9.29 1.15
CA THR A 22 11.97 -8.02 1.80
C THR A 22 11.69 -6.83 0.87
N ARG A 23 12.01 -5.62 1.34
CA ARG A 23 11.76 -4.41 0.56
C ARG A 23 12.51 -4.44 -0.77
N ASP A 24 13.73 -4.96 -0.74
CA ASP A 24 14.55 -5.07 -1.95
C ASP A 24 13.90 -6.00 -2.99
N SER A 25 13.00 -6.91 -2.52
CA SER A 25 12.31 -7.86 -3.41
C SER A 25 11.49 -7.11 -4.46
N VAL A 26 11.28 -7.75 -5.59
CA VAL A 26 10.56 -7.14 -6.70
C VAL A 26 9.13 -6.71 -6.35
N LEU A 27 8.43 -7.58 -5.62
CA LEU A 27 7.03 -7.29 -5.27
C LEU A 27 6.90 -6.03 -4.42
N ILE A 28 7.73 -5.91 -3.38
CA ILE A 28 7.67 -4.75 -2.49
C ILE A 28 8.28 -3.52 -3.17
N ARG A 29 9.44 -3.70 -3.79
CA ARG A 29 10.17 -2.62 -4.43
C ARG A 29 9.34 -1.99 -5.56
N GLU A 30 8.75 -2.83 -6.40
CA GLU A 30 7.90 -2.34 -7.50
C GLU A 30 6.63 -1.70 -6.94
N PHE A 31 6.08 -2.30 -5.89
CA PHE A 31 4.85 -1.82 -5.25
C PHE A 31 5.05 -0.39 -4.71
N TRP A 32 6.18 -0.17 -4.04
CA TRP A 32 6.49 1.15 -3.49
C TRP A 32 6.65 2.20 -4.60
N GLU A 33 7.17 1.79 -5.76
CA GLU A 33 7.32 2.71 -6.90
C GLU A 33 5.94 3.24 -7.33
N ILE A 34 4.96 2.35 -7.38
CA ILE A 34 3.59 2.72 -7.74
C ILE A 34 2.93 3.56 -6.61
N VAL A 35 3.08 3.10 -5.37
CA VAL A 35 2.46 3.76 -4.22
C VAL A 35 2.98 5.20 -4.06
N HIS A 36 4.30 5.35 -4.13
CA HIS A 36 4.95 6.65 -4.00
C HIS A 36 4.58 7.56 -5.16
N SER A 37 4.49 6.99 -6.36
CA SER A 37 4.22 7.77 -7.58
C SER A 37 2.72 8.05 -7.81
N PHE A 38 1.85 7.47 -6.98
CA PHE A 38 0.40 7.71 -7.11
C PHE A 38 0.05 9.17 -6.83
N THR A 39 -1.18 9.56 -7.18
CA THR A 39 -1.65 10.92 -6.88
C THR A 39 -1.97 11.04 -5.40
N ASP A 40 -2.11 12.27 -4.91
CA ASP A 40 -2.40 12.51 -3.49
C ASP A 40 -3.75 11.88 -3.11
N GLU A 41 -4.72 11.98 -4.00
CA GLU A 41 -6.05 11.41 -3.78
C GLU A 41 -5.97 9.88 -3.62
N GLN A 42 -5.22 9.24 -4.52
CA GLN A 42 -5.04 7.78 -4.48
C GLN A 42 -4.35 7.33 -3.20
N LYS A 43 -3.35 8.09 -2.77
CA LYS A 43 -2.64 7.79 -1.53
C LYS A 43 -3.58 7.89 -0.31
N ARG A 44 -4.49 8.87 -0.32
CA ARG A 44 -5.44 9.05 0.78
C ARG A 44 -6.35 7.81 0.95
N LEU A 45 -6.91 7.32 -0.16
CA LEU A 45 -7.81 6.14 -0.11
C LEU A 45 -7.02 4.84 0.09
N PHE A 46 -5.76 4.83 -0.39
CA PHE A 46 -4.89 3.66 -0.23
C PHE A 46 -4.65 3.36 1.27
N LEU A 47 -4.30 4.40 2.04
CA LEU A 47 -4.07 4.23 3.47
C LEU A 47 -5.36 3.86 4.21
N GLN A 48 -6.49 4.45 3.80
CA GLN A 48 -7.78 4.14 4.42
C GLN A 48 -8.15 2.67 4.23
N PHE A 49 -7.96 2.18 3.03
CA PHE A 49 -8.23 0.78 2.70
C PHE A 49 -7.35 -0.18 3.53
N THR A 50 -6.04 0.07 3.54
CA THR A 50 -5.08 -0.80 4.22
C THR A 50 -5.19 -0.70 5.76
N THR A 51 -5.25 0.53 6.30
CA THR A 51 -5.24 0.74 7.75
C THR A 51 -6.32 1.72 8.25
N GLY A 52 -7.12 2.26 7.34
CA GLY A 52 -8.15 3.23 7.74
C GLY A 52 -7.54 4.58 8.12
N THR A 53 -6.42 4.93 7.50
CA THR A 53 -5.69 6.18 7.81
C THR A 53 -5.71 7.15 6.61
N ASP A 54 -5.96 8.43 6.90
CA ASP A 54 -5.95 9.48 5.89
C ASP A 54 -4.53 9.72 5.37
N ARG A 55 -4.40 10.50 4.29
CA ARG A 55 -3.09 10.78 3.65
C ARG A 55 -2.01 11.13 4.69
N ALA A 56 -0.74 11.14 4.25
CA ALA A 56 0.38 11.37 5.16
C ALA A 56 0.27 12.74 5.88
N PRO A 57 0.12 12.73 7.24
CA PRO A 57 0.06 13.96 8.04
C PRO A 57 1.45 14.54 8.30
N VAL A 58 1.51 15.77 8.82
CA VAL A 58 2.79 16.43 9.14
C VAL A 58 3.71 15.52 9.98
N GLY A 59 3.11 14.55 10.70
CA GLY A 59 3.88 13.61 11.49
C GLY A 59 4.48 12.52 10.62
N GLY A 60 5.08 11.50 11.24
CA GLY A 60 5.71 10.42 10.48
C GLY A 60 4.82 9.21 10.35
N LEU A 61 4.80 8.62 9.15
CA LEU A 61 4.02 7.41 8.91
C LEU A 61 4.63 6.22 9.64
N GLY A 62 5.94 6.28 9.91
CA GLY A 62 6.61 5.23 10.65
C GLY A 62 6.03 5.03 12.05
N LYS A 63 5.23 6.00 12.50
CA LYS A 63 4.58 5.92 13.80
C LYS A 63 3.49 4.83 13.78
N LEU A 64 2.94 4.58 12.59
CA LEU A 64 1.90 3.56 12.41
C LEU A 64 2.53 2.27 11.89
N LYS A 65 2.02 1.13 12.36
CA LYS A 65 2.55 -0.18 11.98
C LYS A 65 1.81 -0.77 10.76
N MET A 66 2.59 -1.21 9.76
CA MET A 66 2.03 -1.81 8.53
C MET A 66 2.61 -3.20 8.29
N ILE A 67 1.74 -4.14 7.89
CA ILE A 67 2.14 -5.52 7.62
C ILE A 67 1.78 -5.90 6.17
N ILE A 68 2.75 -6.42 5.42
CA ILE A 68 2.52 -6.87 4.03
C ILE A 68 2.80 -8.38 3.89
N ALA A 69 1.84 -9.11 3.31
CA ALA A 69 1.98 -10.56 3.14
C ALA A 69 1.73 -10.98 1.68
N LYS A 70 2.39 -12.06 1.28
CA LYS A 70 2.28 -12.60 -0.08
C LYS A 70 1.02 -13.47 -0.19
N ASN A 71 0.07 -13.04 -1.04
CA ASN A 71 -1.16 -13.80 -1.25
C ASN A 71 -0.86 -15.16 -1.89
N GLY A 72 0.06 -15.15 -2.86
CA GLY A 72 0.44 -16.37 -3.54
C GLY A 72 1.23 -16.08 -4.81
N PRO A 73 1.35 -17.04 -5.76
CA PRO A 73 2.07 -16.82 -7.02
C PRO A 73 1.31 -15.84 -7.91
N ASP A 74 2.01 -15.24 -8.89
CA ASP A 74 1.39 -14.24 -9.80
C ASP A 74 0.02 -14.71 -10.32
N THR A 75 -1.04 -14.13 -9.76
CA THR A 75 -2.40 -14.49 -10.13
C THR A 75 -3.29 -13.26 -10.24
N GLU A 76 -4.37 -13.41 -10.99
CA GLU A 76 -5.30 -12.32 -11.26
C GLU A 76 -6.20 -11.98 -10.04
N ARG A 77 -6.00 -12.67 -8.90
CA ARG A 77 -6.81 -12.44 -7.70
C ARG A 77 -6.80 -10.96 -7.29
N LEU A 78 -7.98 -10.43 -7.05
CA LEU A 78 -8.14 -9.02 -6.71
C LEU A 78 -7.46 -8.69 -5.35
N PRO A 79 -6.57 -7.64 -5.29
CA PRO A 79 -5.90 -7.24 -4.04
C PRO A 79 -6.88 -6.99 -2.89
N THR A 80 -6.52 -7.45 -1.69
CA THR A 80 -7.36 -7.28 -0.50
C THR A 80 -6.55 -6.75 0.67
N SER A 81 -7.22 -6.04 1.58
CA SER A 81 -6.57 -5.49 2.77
C SER A 81 -7.54 -5.38 3.94
N HIS A 82 -7.01 -5.35 5.17
CA HIS A 82 -7.83 -5.23 6.37
C HIS A 82 -7.40 -4.02 7.21
N THR A 83 -8.32 -3.07 7.37
CA THR A 83 -8.03 -1.86 8.14
C THR A 83 -7.92 -2.16 9.64
N ALA A 84 -8.75 -3.11 10.12
CA ALA A 84 -8.76 -3.48 11.53
C ALA A 84 -7.41 -4.06 11.98
N PHE A 85 -6.82 -4.91 11.13
CA PHE A 85 -5.54 -5.56 11.45
C PHE A 85 -4.34 -4.89 10.76
N ASN A 86 -4.60 -3.91 9.88
CA ASN A 86 -3.54 -3.19 9.17
C ASN A 86 -2.63 -4.14 8.36
N VAL A 87 -3.25 -5.11 7.68
CA VAL A 87 -2.51 -6.09 6.86
C VAL A 87 -2.85 -5.93 5.38
N LEU A 88 -1.83 -6.06 4.53
CA LEU A 88 -1.98 -5.94 3.09
C LEU A 88 -1.70 -7.29 2.41
N LEU A 89 -2.73 -7.89 1.82
CA LEU A 89 -2.59 -9.20 1.16
C LEU A 89 -2.64 -9.08 -0.35
N LEU A 90 -1.47 -9.16 -1.00
CA LEU A 90 -1.37 -9.07 -2.47
C LEU A 90 -0.49 -10.20 -3.04
N PRO A 91 -0.94 -10.89 -4.13
CA PRO A 91 -0.12 -11.90 -4.80
C PRO A 91 1.04 -11.28 -5.53
N GLU A 92 2.12 -12.04 -5.69
CA GLU A 92 3.32 -11.54 -6.34
C GLU A 92 3.07 -11.35 -7.83
N TYR A 93 2.79 -10.10 -8.22
CA TYR A 93 2.51 -9.80 -9.63
C TYR A 93 3.78 -9.73 -10.45
N SER A 94 3.71 -10.26 -11.67
CA SER A 94 4.86 -10.28 -12.58
C SER A 94 5.34 -8.88 -12.95
N SER A 95 4.39 -7.98 -13.23
CA SER A 95 4.72 -6.61 -13.66
C SER A 95 4.09 -5.55 -12.75
N LYS A 96 4.83 -4.46 -12.54
CA LYS A 96 4.35 -3.36 -11.69
C LYS A 96 3.05 -2.74 -12.23
N GLU A 97 2.85 -2.84 -13.54
CA GLU A 97 1.61 -2.37 -14.17
C GLU A 97 0.44 -3.27 -13.75
N LYS A 98 0.72 -4.58 -13.68
CA LYS A 98 -0.28 -5.58 -13.31
C LYS A 98 -0.81 -5.31 -11.90
N LEU A 99 0.10 -4.98 -10.98
CA LEU A 99 -0.30 -4.67 -9.60
C LEU A 99 -0.83 -3.23 -9.50
N LYS A 100 -0.30 -2.33 -10.32
CA LYS A 100 -0.74 -0.93 -10.34
C LYS A 100 -2.21 -0.82 -10.73
N GLU A 101 -2.59 -1.53 -11.78
CA GLU A 101 -3.95 -1.47 -12.28
C GLU A 101 -4.95 -2.14 -11.34
N ARG A 102 -4.66 -3.38 -10.92
CA ARG A 102 -5.57 -4.11 -10.02
C ARG A 102 -5.66 -3.44 -8.65
N LEU A 103 -4.52 -2.97 -8.15
CA LEU A 103 -4.48 -2.29 -6.84
C LEU A 103 -5.29 -0.99 -6.88
N LEU A 104 -5.15 -0.26 -7.99
CA LEU A 104 -5.84 1.00 -8.18
C LEU A 104 -7.37 0.83 -8.13
N LYS A 105 -7.87 -0.21 -8.80
CA LYS A 105 -9.31 -0.46 -8.84
C LYS A 105 -9.82 -0.89 -7.46
N ALA A 106 -9.06 -1.77 -6.80
CA ALA A 106 -9.45 -2.32 -5.50
C ALA A 106 -9.58 -1.23 -4.43
N ILE A 107 -8.65 -0.28 -4.42
CA ILE A 107 -8.67 0.80 -3.42
C ILE A 107 -9.81 1.79 -3.69
N THR A 108 -10.13 2.00 -4.98
CA THR A 108 -11.20 2.91 -5.36
C THR A 108 -12.57 2.34 -5.00
N TYR A 109 -12.74 1.02 -5.19
CA TYR A 109 -14.01 0.36 -4.87
C TYR A 109 -14.29 0.37 -3.37
N ALA A 110 -13.25 0.13 -2.57
CA ALA A 110 -13.40 0.09 -1.12
C ALA A 110 -13.75 1.47 -0.57
N LYS A 111 -14.81 1.53 0.24
CA LYS A 111 -15.26 2.77 0.84
C LYS A 111 -14.21 3.33 1.81
N GLY A 112 -13.56 2.45 2.58
CA GLY A 112 -12.57 2.90 3.56
C GLY A 112 -13.18 3.80 4.63
N PHE A 113 -12.61 4.99 4.80
CA PHE A 113 -13.11 5.97 5.79
C PHE A 113 -12.92 5.48 7.23
N GLY A 114 -11.68 5.55 7.73
CA GLY A 114 -11.40 5.16 9.10
C GLY A 114 -11.76 6.24 10.09
N MET A 115 -11.50 6.00 11.38
CA MET A 115 -11.80 6.96 12.44
C MET A 115 -10.53 7.36 13.20
N LEU A 116 -10.33 8.66 13.35
CA LEU A 116 -9.17 9.19 14.05
C LEU A 116 -9.22 8.80 15.54
N GLY A 1 13.78 8.60 -8.73
CA GLY A 1 13.36 8.40 -7.32
C GLY A 1 12.16 9.27 -6.94
N PRO A 2 10.91 8.75 -7.08
CA PRO A 2 9.70 9.54 -6.76
C PRO A 2 9.71 10.09 -5.33
N SER A 3 9.36 11.37 -5.18
CA SER A 3 9.29 12.04 -3.88
C SER A 3 8.96 13.51 -4.05
N ARG A 4 7.66 13.84 -4.07
CA ARG A 4 7.23 15.22 -4.27
C ARG A 4 5.89 15.50 -3.58
N ASN A 5 4.92 14.59 -3.77
CA ASN A 5 3.58 14.78 -3.21
C ASN A 5 3.56 14.53 -1.69
N LEU A 6 3.69 13.25 -1.30
CA LEU A 6 3.64 12.87 0.13
C LEU A 6 4.86 12.04 0.51
N ASP A 7 5.30 12.18 1.77
CA ASP A 7 6.45 11.42 2.26
C ASP A 7 6.00 10.13 2.93
N PHE A 8 6.08 9.03 2.19
CA PHE A 8 5.70 7.70 2.69
C PHE A 8 6.93 6.86 3.10
N GLN A 9 8.14 7.46 3.06
CA GLN A 9 9.38 6.76 3.42
C GLN A 9 9.33 6.28 4.87
N ALA A 10 8.79 7.12 5.75
CA ALA A 10 8.66 6.76 7.18
C ALA A 10 7.77 5.52 7.34
N LEU A 11 6.71 5.47 6.54
CA LEU A 11 5.80 4.32 6.53
C LEU A 11 6.54 3.05 6.09
N GLU A 12 7.39 3.21 5.07
CA GLU A 12 8.18 2.11 4.53
C GLU A 12 9.14 1.54 5.60
N GLU A 13 9.71 2.43 6.40
CA GLU A 13 10.65 2.04 7.46
C GLU A 13 9.97 1.11 8.48
N THR A 14 8.72 1.44 8.80
CA THR A 14 7.94 0.64 9.76
C THR A 14 7.28 -0.58 9.10
N THR A 15 7.09 -0.53 7.77
CA THR A 15 6.45 -1.62 7.03
C THR A 15 7.24 -2.93 7.15
N GLU A 16 6.52 -4.02 7.42
CA GLU A 16 7.11 -5.35 7.59
C GLU A 16 6.85 -6.21 6.36
N TYR A 17 7.37 -7.44 6.40
CA TYR A 17 7.19 -8.39 5.28
C TYR A 17 6.88 -9.79 5.82
N ASP A 18 6.18 -10.57 5.00
CA ASP A 18 5.80 -11.93 5.37
C ASP A 18 5.48 -12.75 4.13
N GLY A 19 6.36 -13.69 3.80
CA GLY A 19 6.16 -14.53 2.62
C GLY A 19 7.45 -14.81 1.85
N GLY A 20 8.59 -14.78 2.55
CA GLY A 20 9.86 -15.06 1.91
C GLY A 20 10.34 -13.95 0.98
N TYR A 21 9.91 -12.71 1.25
CA TYR A 21 10.31 -11.55 0.45
C TYR A 21 10.44 -10.30 1.31
N THR A 22 11.12 -9.29 0.77
CA THR A 22 11.39 -8.04 1.50
C THR A 22 11.25 -6.83 0.60
N ARG A 23 11.58 -5.65 1.13
CA ARG A 23 11.47 -4.40 0.37
C ARG A 23 12.35 -4.42 -0.88
N ASP A 24 13.53 -5.00 -0.76
CA ASP A 24 14.45 -5.10 -1.89
C ASP A 24 13.86 -5.95 -3.04
N SER A 25 12.89 -6.83 -2.70
CA SER A 25 12.25 -7.70 -3.70
C SER A 25 11.59 -6.87 -4.80
N VAL A 26 11.50 -7.45 -5.99
CA VAL A 26 10.91 -6.76 -7.14
C VAL A 26 9.45 -6.37 -6.87
N LEU A 27 8.67 -7.30 -6.29
CA LEU A 27 7.25 -7.04 -6.02
C LEU A 27 7.06 -5.85 -5.05
N ILE A 28 7.77 -5.87 -3.91
CA ILE A 28 7.62 -4.80 -2.93
C ILE A 28 8.29 -3.50 -3.42
N ARG A 29 9.49 -3.63 -3.98
CA ARG A 29 10.26 -2.47 -4.44
C ARG A 29 9.51 -1.71 -5.54
N GLU A 30 8.96 -2.45 -6.50
CA GLU A 30 8.17 -1.85 -7.57
C GLU A 30 6.87 -1.28 -7.02
N PHE A 31 6.28 -1.99 -6.05
CA PHE A 31 5.05 -1.58 -5.39
C PHE A 31 5.21 -0.20 -4.72
N TRP A 32 6.32 -0.04 -3.97
CA TRP A 32 6.60 1.23 -3.29
C TRP A 32 6.78 2.36 -4.28
N GLU A 33 7.42 2.06 -5.41
CA GLU A 33 7.63 3.06 -6.46
C GLU A 33 6.27 3.55 -6.98
N ILE A 34 5.36 2.62 -7.16
CA ILE A 34 4.01 2.91 -7.60
C ILE A 34 3.26 3.78 -6.55
N VAL A 35 3.33 3.38 -5.27
CA VAL A 35 2.63 4.12 -4.19
C VAL A 35 3.19 5.55 -4.06
N HIS A 36 4.52 5.66 -4.02
CA HIS A 36 5.19 6.97 -3.90
C HIS A 36 4.87 7.85 -5.11
N SER A 37 4.84 7.24 -6.27
CA SER A 37 4.53 7.93 -7.52
C SER A 37 3.08 8.43 -7.58
N PHE A 38 2.17 7.73 -6.88
CA PHE A 38 0.75 8.07 -6.94
C PHE A 38 0.49 9.47 -6.35
N THR A 39 -0.60 10.09 -6.83
CA THR A 39 -0.97 11.42 -6.39
C THR A 39 -1.62 11.37 -5.01
N ASP A 40 -1.98 12.53 -4.47
CA ASP A 40 -2.56 12.62 -3.14
C ASP A 40 -3.89 11.86 -3.02
N GLU A 41 -4.75 11.93 -4.05
CA GLU A 41 -6.05 11.25 -4.01
C GLU A 41 -5.88 9.74 -3.90
N GLN A 42 -4.99 9.19 -4.70
CA GLN A 42 -4.72 7.75 -4.70
C GLN A 42 -4.15 7.30 -3.36
N LYS A 43 -3.24 8.11 -2.82
CA LYS A 43 -2.64 7.85 -1.53
C LYS A 43 -3.69 7.91 -0.41
N ARG A 44 -4.63 8.84 -0.53
CA ARG A 44 -5.71 9.01 0.46
C ARG A 44 -6.53 7.71 0.62
N LEU A 45 -6.96 7.12 -0.50
CA LEU A 45 -7.76 5.90 -0.46
C LEU A 45 -6.88 4.66 -0.22
N PHE A 46 -5.62 4.71 -0.68
CA PHE A 46 -4.69 3.60 -0.47
C PHE A 46 -4.46 3.37 1.04
N LEU A 47 -4.19 4.45 1.78
CA LEU A 47 -3.97 4.36 3.22
C LEU A 47 -5.22 3.88 3.93
N GLN A 48 -6.37 4.40 3.50
CA GLN A 48 -7.65 4.02 4.09
C GLN A 48 -7.96 2.53 3.84
N PHE A 49 -7.63 2.07 2.64
CA PHE A 49 -7.90 0.70 2.23
C PHE A 49 -7.17 -0.33 3.14
N THR A 50 -5.86 -0.11 3.37
CA THR A 50 -5.06 -1.08 4.15
C THR A 50 -5.01 -0.80 5.66
N THR A 51 -5.06 0.48 6.06
CA THR A 51 -4.97 0.84 7.49
C THR A 51 -6.12 1.74 7.96
N GLY A 52 -6.98 2.18 7.03
CA GLY A 52 -8.09 3.06 7.41
C GLY A 52 -7.61 4.44 7.84
N THR A 53 -6.46 4.87 7.28
CA THR A 53 -5.84 6.14 7.66
C THR A 53 -5.87 7.15 6.51
N ASP A 54 -6.26 8.37 6.83
CA ASP A 54 -6.31 9.49 5.87
C ASP A 54 -4.91 9.81 5.37
N ARG A 55 -4.83 10.70 4.36
CA ARG A 55 -3.54 11.09 3.74
C ARG A 55 -2.43 11.32 4.78
N ALA A 56 -1.18 11.37 4.32
CA ALA A 56 -0.04 11.48 5.23
C ALA A 56 -0.13 12.72 6.17
N PRO A 57 -0.22 12.51 7.53
CA PRO A 57 -0.23 13.61 8.50
C PRO A 57 1.11 14.34 8.52
N VAL A 58 1.15 15.49 9.20
CA VAL A 58 2.39 16.27 9.33
C VAL A 58 3.48 15.41 9.99
N GLY A 59 3.08 14.65 11.01
CA GLY A 59 4.00 13.75 11.68
C GLY A 59 4.35 12.56 10.80
N GLY A 60 5.35 11.78 11.21
CA GLY A 60 5.80 10.65 10.41
C GLY A 60 4.82 9.49 10.40
N LEU A 61 4.87 8.68 9.35
CA LEU A 61 4.02 7.49 9.25
C LEU A 61 4.65 6.27 9.94
N GLY A 62 5.94 6.37 10.31
CA GLY A 62 6.63 5.28 10.98
C GLY A 62 6.00 4.92 12.32
N LYS A 63 5.20 5.83 12.87
CA LYS A 63 4.52 5.62 14.15
C LYS A 63 3.41 4.56 14.04
N LEU A 64 2.95 4.28 12.82
CA LEU A 64 1.91 3.29 12.58
C LEU A 64 2.54 2.00 12.04
N LYS A 65 2.08 0.86 12.53
CA LYS A 65 2.63 -0.44 12.12
C LYS A 65 1.84 -1.03 10.94
N MET A 66 2.55 -1.35 9.85
CA MET A 66 1.93 -1.94 8.66
C MET A 66 2.67 -3.23 8.26
N ILE A 67 1.91 -4.28 7.93
CA ILE A 67 2.49 -5.56 7.51
C ILE A 67 2.04 -5.92 6.09
N ILE A 68 3.01 -6.23 5.22
CA ILE A 68 2.71 -6.64 3.84
C ILE A 68 2.97 -8.14 3.68
N ALA A 69 1.95 -8.86 3.20
CA ALA A 69 2.05 -10.32 3.02
C ALA A 69 1.71 -10.73 1.59
N LYS A 70 2.33 -11.81 1.13
CA LYS A 70 2.11 -12.33 -0.23
C LYS A 70 0.92 -13.30 -0.24
N ASN A 71 -0.12 -12.97 -1.00
CA ASN A 71 -1.31 -13.81 -1.10
C ASN A 71 -0.97 -15.18 -1.70
N GLY A 72 -0.11 -15.17 -2.73
CA GLY A 72 0.29 -16.41 -3.38
C GLY A 72 0.99 -16.14 -4.73
N PRO A 73 0.96 -17.13 -5.66
CA PRO A 73 1.58 -16.96 -6.98
C PRO A 73 0.83 -15.95 -7.84
N ASP A 74 1.47 -15.47 -8.91
CA ASP A 74 0.85 -14.46 -9.80
C ASP A 74 -0.51 -14.92 -10.33
N THR A 75 -1.56 -14.60 -9.56
CA THR A 75 -2.93 -14.96 -9.91
C THR A 75 -3.81 -13.72 -10.00
N GLU A 76 -4.57 -13.59 -11.08
CA GLU A 76 -5.44 -12.44 -11.28
C GLU A 76 -6.55 -12.42 -10.24
N ARG A 77 -6.25 -11.86 -9.08
CA ARG A 77 -7.19 -11.77 -7.97
C ARG A 77 -7.19 -10.35 -7.41
N LEU A 78 -8.36 -9.88 -7.01
CA LEU A 78 -8.49 -8.53 -6.49
C LEU A 78 -7.74 -8.37 -5.14
N PRO A 79 -6.72 -7.44 -5.06
CA PRO A 79 -5.98 -7.21 -3.80
C PRO A 79 -6.92 -6.84 -2.64
N THR A 80 -6.63 -7.40 -1.46
CA THR A 80 -7.42 -7.12 -0.26
C THR A 80 -6.54 -6.75 0.92
N SER A 81 -7.09 -5.96 1.84
CA SER A 81 -6.35 -5.54 3.03
C SER A 81 -7.30 -5.33 4.21
N HIS A 82 -6.75 -5.44 5.43
CA HIS A 82 -7.55 -5.26 6.65
C HIS A 82 -7.10 -4.00 7.40
N THR A 83 -7.99 -3.03 7.54
CA THR A 83 -7.67 -1.79 8.24
C THR A 83 -7.52 -2.03 9.74
N ALA A 84 -8.36 -2.90 10.29
CA ALA A 84 -8.31 -3.23 11.71
C ALA A 84 -7.00 -3.91 12.08
N PHE A 85 -6.54 -4.81 11.22
CA PHE A 85 -5.29 -5.55 11.46
C PHE A 85 -4.07 -4.86 10.83
N ASN A 86 -4.32 -3.87 9.95
CA ASN A 86 -3.24 -3.14 9.29
C ASN A 86 -2.33 -4.08 8.47
N VAL A 87 -2.94 -5.03 7.74
CA VAL A 87 -2.17 -5.99 6.92
C VAL A 87 -2.65 -5.97 5.45
N LEU A 88 -1.69 -5.83 4.54
CA LEU A 88 -1.96 -5.82 3.11
C LEU A 88 -1.71 -7.20 2.51
N LEU A 89 -2.76 -7.84 1.99
CA LEU A 89 -2.63 -9.15 1.35
C LEU A 89 -2.76 -9.01 -0.17
N LEU A 90 -1.62 -9.07 -0.86
CA LEU A 90 -1.59 -8.91 -2.32
C LEU A 90 -0.68 -10.00 -2.95
N PRO A 91 -1.18 -10.77 -3.98
CA PRO A 91 -0.40 -11.85 -4.62
C PRO A 91 0.79 -11.33 -5.44
N GLU A 92 1.78 -12.19 -5.59
CA GLU A 92 3.00 -11.83 -6.30
C GLU A 92 2.74 -11.74 -7.79
N TYR A 93 2.54 -10.51 -8.28
CA TYR A 93 2.28 -10.28 -9.70
C TYR A 93 3.56 -10.28 -10.51
N SER A 94 3.46 -10.76 -11.74
CA SER A 94 4.61 -10.83 -12.64
C SER A 94 5.18 -9.44 -12.95
N SER A 95 4.29 -8.46 -13.13
CA SER A 95 4.72 -7.09 -13.51
C SER A 95 4.06 -6.02 -12.64
N LYS A 96 4.80 -4.91 -12.43
CA LYS A 96 4.30 -3.79 -11.62
C LYS A 96 3.02 -3.18 -12.22
N GLU A 97 2.84 -3.33 -13.54
CA GLU A 97 1.63 -2.85 -14.20
C GLU A 97 0.42 -3.66 -13.73
N LYS A 98 0.61 -4.97 -13.62
CA LYS A 98 -0.43 -5.89 -13.18
C LYS A 98 -0.88 -5.56 -11.75
N LEU A 99 0.09 -5.29 -10.87
CA LEU A 99 -0.23 -4.95 -9.49
C LEU A 99 -0.74 -3.52 -9.37
N LYS A 100 -0.20 -2.62 -10.21
CA LYS A 100 -0.62 -1.21 -10.22
C LYS A 100 -2.09 -1.08 -10.62
N GLU A 101 -2.48 -1.78 -11.69
CA GLU A 101 -3.85 -1.70 -12.17
C GLU A 101 -4.83 -2.40 -11.22
N ARG A 102 -4.46 -3.58 -10.73
CA ARG A 102 -5.29 -4.31 -9.77
C ARG A 102 -5.42 -3.54 -8.46
N LEU A 103 -4.31 -3.00 -8.01
CA LEU A 103 -4.25 -2.24 -6.76
C LEU A 103 -5.09 -0.96 -6.87
N LEU A 104 -4.93 -0.26 -7.99
CA LEU A 104 -5.64 1.00 -8.21
C LEU A 104 -7.15 0.80 -8.21
N LYS A 105 -7.62 -0.19 -8.94
CA LYS A 105 -9.05 -0.51 -8.98
C LYS A 105 -9.54 -0.99 -7.62
N ALA A 106 -8.72 -1.79 -6.95
CA ALA A 106 -9.06 -2.33 -5.64
C ALA A 106 -9.25 -1.23 -4.59
N ILE A 107 -8.37 -0.22 -4.62
CA ILE A 107 -8.44 0.87 -3.66
C ILE A 107 -9.64 1.79 -3.92
N THR A 108 -9.95 2.01 -5.20
CA THR A 108 -11.10 2.82 -5.57
C THR A 108 -12.41 2.10 -5.29
N TYR A 109 -12.41 0.78 -5.51
CA TYR A 109 -13.59 -0.05 -5.28
C TYR A 109 -14.03 -0.01 -3.81
N ALA A 110 -13.07 -0.22 -2.91
CA ALA A 110 -13.35 -0.22 -1.47
C ALA A 110 -13.13 1.16 -0.86
N LYS A 111 -14.20 1.74 -0.34
CA LYS A 111 -14.12 3.05 0.32
C LYS A 111 -13.29 2.99 1.60
N GLY A 112 -13.35 1.84 2.28
CA GLY A 112 -12.61 1.67 3.53
C GLY A 112 -13.08 2.59 4.63
N PHE A 113 -12.15 3.28 5.28
CA PHE A 113 -12.47 4.18 6.38
C PHE A 113 -13.36 5.34 5.90
N GLY A 114 -14.48 5.55 6.60
CA GLY A 114 -15.38 6.63 6.26
C GLY A 114 -16.57 6.69 7.19
N MET A 115 -17.19 7.87 7.31
CA MET A 115 -18.36 8.06 8.16
C MET A 115 -19.05 9.37 7.87
N LEU A 116 -20.29 9.50 8.35
CA LEU A 116 -21.08 10.71 8.15
C LEU A 116 -22.15 10.85 9.23
N GLY A 1 6.44 25.15 7.11
CA GLY A 1 7.21 25.78 6.00
C GLY A 1 7.06 25.05 4.68
N PRO A 2 7.27 23.70 4.65
CA PRO A 2 7.14 22.90 3.41
C PRO A 2 5.77 23.06 2.76
N SER A 3 4.73 23.24 3.58
CA SER A 3 3.36 23.40 3.09
C SER A 3 2.83 22.10 2.47
N ARG A 4 3.29 21.79 1.25
CA ARG A 4 2.87 20.56 0.56
C ARG A 4 3.92 19.47 0.72
N ASN A 5 3.48 18.28 1.13
CA ASN A 5 4.40 17.16 1.34
C ASN A 5 3.69 15.81 1.26
N LEU A 6 4.48 14.74 1.34
CA LEU A 6 3.96 13.38 1.32
C LEU A 6 5.08 12.38 1.62
N ASP A 7 5.88 12.71 2.65
CA ASP A 7 6.99 11.85 3.05
C ASP A 7 6.49 10.49 3.52
N PHE A 8 6.34 9.57 2.57
CA PHE A 8 5.84 8.23 2.86
C PHE A 8 7.00 7.22 3.07
N GLN A 9 8.24 7.71 3.05
CA GLN A 9 9.42 6.86 3.29
C GLN A 9 9.38 6.29 4.71
N ALA A 10 8.93 7.11 5.67
CA ALA A 10 8.83 6.69 7.07
C ALA A 10 7.89 5.49 7.20
N LEU A 11 6.80 5.50 6.43
CA LEU A 11 5.85 4.37 6.40
C LEU A 11 6.56 3.11 5.91
N GLU A 12 7.36 3.28 4.87
CA GLU A 12 8.15 2.21 4.28
C GLU A 12 9.15 1.63 5.29
N GLU A 13 9.76 2.50 6.09
CA GLU A 13 10.75 2.07 7.08
C GLU A 13 10.13 1.11 8.10
N THR A 14 8.91 1.39 8.51
CA THR A 14 8.19 0.55 9.48
C THR A 14 7.52 -0.68 8.81
N THR A 15 7.40 -0.65 7.48
CA THR A 15 6.76 -1.73 6.73
C THR A 15 7.47 -3.07 6.93
N GLU A 16 6.67 -4.08 7.27
CA GLU A 16 7.16 -5.43 7.49
C GLU A 16 6.99 -6.26 6.23
N TYR A 17 7.38 -7.54 6.28
CA TYR A 17 7.23 -8.43 5.13
C TYR A 17 6.81 -9.83 5.56
N ASP A 18 6.19 -10.57 4.65
CA ASP A 18 5.75 -11.94 4.93
C ASP A 18 5.71 -12.76 3.64
N GLY A 19 6.61 -13.75 3.54
CA GLY A 19 6.66 -14.61 2.35
C GLY A 19 8.08 -14.81 1.82
N GLY A 20 9.08 -14.65 2.69
CA GLY A 20 10.47 -14.87 2.28
C GLY A 20 11.00 -13.79 1.36
N TYR A 21 10.51 -12.57 1.52
CA TYR A 21 10.94 -11.43 0.69
C TYR A 21 10.92 -10.12 1.47
N THR A 22 11.68 -9.13 0.99
CA THR A 22 11.80 -7.82 1.63
C THR A 22 11.52 -6.70 0.63
N ARG A 23 11.76 -5.43 1.05
CA ARG A 23 11.48 -4.29 0.18
C ARG A 23 12.29 -4.35 -1.11
N ASP A 24 13.55 -4.75 -0.99
CA ASP A 24 14.43 -4.85 -2.17
C ASP A 24 13.91 -5.87 -3.18
N SER A 25 13.04 -6.79 -2.73
CA SER A 25 12.44 -7.79 -3.61
C SER A 25 11.59 -7.09 -4.67
N VAL A 26 11.43 -7.73 -5.82
CA VAL A 26 10.73 -7.11 -6.95
C VAL A 26 9.28 -6.73 -6.60
N LEU A 27 8.55 -7.63 -5.92
CA LEU A 27 7.14 -7.38 -5.60
C LEU A 27 6.94 -6.13 -4.73
N ILE A 28 7.70 -6.03 -3.63
CA ILE A 28 7.57 -4.87 -2.73
C ILE A 28 8.27 -3.65 -3.33
N ARG A 29 9.45 -3.87 -3.93
CA ARG A 29 10.24 -2.77 -4.51
C ARG A 29 9.43 -2.05 -5.58
N GLU A 30 8.83 -2.84 -6.48
CA GLU A 30 7.98 -2.31 -7.53
C GLU A 30 6.72 -1.66 -6.95
N PHE A 31 6.17 -2.31 -5.90
CA PHE A 31 4.95 -1.83 -5.25
C PHE A 31 5.15 -0.41 -4.71
N TRP A 32 6.27 -0.18 -4.02
CA TRP A 32 6.57 1.13 -3.46
C TRP A 32 6.72 2.19 -4.55
N GLU A 33 7.32 1.80 -5.68
CA GLU A 33 7.50 2.71 -6.81
C GLU A 33 6.14 3.18 -7.33
N ILE A 34 5.19 2.24 -7.41
CA ILE A 34 3.84 2.54 -7.86
C ILE A 34 3.07 3.38 -6.81
N VAL A 35 3.17 3.02 -5.53
CA VAL A 35 2.46 3.73 -4.46
C VAL A 35 2.94 5.19 -4.35
N HIS A 36 4.27 5.37 -4.32
CA HIS A 36 4.86 6.70 -4.24
C HIS A 36 4.53 7.52 -5.50
N SER A 37 4.53 6.83 -6.64
CA SER A 37 4.24 7.44 -7.93
C SER A 37 2.79 7.93 -8.03
N PHE A 38 1.88 7.28 -7.29
CA PHE A 38 0.46 7.65 -7.34
C PHE A 38 0.23 9.06 -6.80
N THR A 39 -0.85 9.69 -7.25
CA THR A 39 -1.19 11.04 -6.84
C THR A 39 -1.67 11.08 -5.39
N ASP A 40 -1.80 12.29 -4.84
CA ASP A 40 -2.22 12.46 -3.45
C ASP A 40 -3.62 11.87 -3.21
N GLU A 41 -4.52 12.04 -4.19
CA GLU A 41 -5.88 11.51 -4.07
C GLU A 41 -5.86 9.98 -3.93
N GLN A 42 -5.06 9.34 -4.77
CA GLN A 42 -4.89 7.90 -4.72
C GLN A 42 -4.19 7.47 -3.44
N LYS A 43 -3.20 8.25 -3.01
CA LYS A 43 -2.43 7.93 -1.79
C LYS A 43 -3.32 7.93 -0.55
N ARG A 44 -4.20 8.93 -0.44
CA ARG A 44 -5.14 9.00 0.68
C ARG A 44 -6.20 7.90 0.57
N LEU A 45 -6.57 7.58 -0.67
CA LEU A 45 -7.49 6.48 -0.96
C LEU A 45 -6.89 5.15 -0.50
N PHE A 46 -5.62 4.96 -0.83
CA PHE A 46 -4.87 3.76 -0.49
C PHE A 46 -4.79 3.59 1.03
N LEU A 47 -4.51 4.69 1.73
CA LEU A 47 -4.35 4.66 3.19
C LEU A 47 -5.60 4.13 3.89
N GLN A 48 -6.78 4.58 3.45
CA GLN A 48 -8.04 4.13 4.05
C GLN A 48 -8.25 2.63 3.82
N PHE A 49 -7.93 2.18 2.61
CA PHE A 49 -8.08 0.77 2.27
C PHE A 49 -7.17 -0.14 3.14
N THR A 50 -5.89 0.23 3.22
CA THR A 50 -4.91 -0.54 3.99
C THR A 50 -5.09 -0.41 5.52
N THR A 51 -5.30 0.82 6.02
CA THR A 51 -5.35 1.06 7.48
C THR A 51 -6.66 1.74 7.95
N GLY A 52 -7.46 2.25 7.01
CA GLY A 52 -8.73 2.89 7.39
C GLY A 52 -8.61 4.34 7.82
N THR A 53 -7.43 4.95 7.58
CA THR A 53 -7.22 6.36 7.95
C THR A 53 -6.28 7.08 6.99
N ASP A 54 -6.75 8.19 6.43
CA ASP A 54 -5.93 9.02 5.55
C ASP A 54 -5.67 10.38 6.17
N ARG A 55 -4.48 10.57 6.72
CA ARG A 55 -4.10 11.85 7.32
C ARG A 55 -2.62 12.14 7.11
N ALA A 56 -2.31 13.37 6.73
CA ALA A 56 -0.91 13.77 6.57
C ALA A 56 -0.38 14.39 7.88
N PRO A 57 0.55 13.70 8.60
CA PRO A 57 1.12 14.24 9.84
C PRO A 57 2.35 15.08 9.57
N VAL A 58 2.67 15.97 10.51
CA VAL A 58 3.90 16.77 10.40
C VAL A 58 5.14 15.89 10.58
N GLY A 59 4.97 14.79 11.34
CA GLY A 59 6.05 13.85 11.56
C GLY A 59 6.05 12.73 10.53
N GLY A 60 6.63 11.58 10.90
CA GLY A 60 6.71 10.45 9.98
C GLY A 60 5.61 9.43 10.20
N LEU A 61 5.24 8.73 9.13
CA LEU A 61 4.23 7.66 9.19
C LEU A 61 4.74 6.40 9.90
N GLY A 62 6.06 6.36 10.19
CA GLY A 62 6.65 5.21 10.85
C GLY A 62 6.03 4.90 12.22
N LYS A 63 5.25 5.85 12.76
CA LYS A 63 4.60 5.65 14.05
C LYS A 63 3.48 4.58 13.93
N LEU A 64 2.98 4.37 12.71
CA LEU A 64 1.95 3.37 12.45
C LEU A 64 2.58 2.17 11.76
N LYS A 65 2.46 0.99 12.36
CA LYS A 65 3.09 -0.22 11.83
C LYS A 65 2.29 -0.81 10.67
N MET A 66 3.00 -1.15 9.58
CA MET A 66 2.38 -1.74 8.38
C MET A 66 2.87 -3.17 8.17
N ILE A 67 1.93 -4.09 7.90
CA ILE A 67 2.25 -5.49 7.64
C ILE A 67 1.80 -5.88 6.23
N ILE A 68 2.70 -6.46 5.43
CA ILE A 68 2.34 -6.94 4.09
C ILE A 68 2.67 -8.43 3.92
N ALA A 69 1.81 -9.14 3.17
CA ALA A 69 1.99 -10.59 2.96
C ALA A 69 1.60 -11.00 1.55
N LYS A 70 2.12 -12.17 1.14
CA LYS A 70 1.86 -12.71 -0.19
C LYS A 70 0.60 -13.56 -0.21
N ASN A 71 -0.37 -13.16 -1.04
CA ASN A 71 -1.61 -13.91 -1.22
C ASN A 71 -1.31 -15.28 -1.84
N GLY A 72 -0.41 -15.29 -2.82
CA GLY A 72 -0.03 -16.51 -3.51
C GLY A 72 0.82 -16.21 -4.74
N PRO A 73 0.90 -17.15 -5.73
CA PRO A 73 1.67 -16.93 -6.95
C PRO A 73 0.99 -15.90 -7.86
N ASP A 74 1.69 -15.46 -8.92
CA ASP A 74 1.14 -14.46 -9.85
C ASP A 74 -0.17 -14.97 -10.49
N THR A 75 -1.29 -14.68 -9.81
CA THR A 75 -2.61 -15.05 -10.29
C THR A 75 -3.51 -13.80 -10.32
N GLU A 76 -4.21 -13.60 -11.44
CA GLU A 76 -5.09 -12.43 -11.57
C GLU A 76 -6.25 -12.51 -10.57
N ARG A 77 -6.06 -11.84 -9.44
CA ARG A 77 -7.07 -11.81 -8.37
C ARG A 77 -7.17 -10.41 -7.78
N LEU A 78 -8.34 -10.08 -7.25
CA LEU A 78 -8.56 -8.77 -6.65
C LEU A 78 -7.80 -8.64 -5.31
N PRO A 79 -6.85 -7.66 -5.17
CA PRO A 79 -6.11 -7.45 -3.92
C PRO A 79 -7.04 -7.16 -2.74
N THR A 80 -6.67 -7.67 -1.56
CA THR A 80 -7.47 -7.46 -0.34
C THR A 80 -6.60 -6.92 0.78
N SER A 81 -7.21 -6.16 1.70
CA SER A 81 -6.49 -5.58 2.82
C SER A 81 -7.38 -5.52 4.07
N HIS A 82 -6.74 -5.33 5.22
CA HIS A 82 -7.47 -5.25 6.50
C HIS A 82 -7.09 -3.98 7.24
N THR A 83 -8.09 -3.21 7.64
CA THR A 83 -7.87 -1.98 8.39
C THR A 83 -7.76 -2.23 9.89
N ALA A 84 -8.52 -3.22 10.37
CA ALA A 84 -8.52 -3.59 11.78
C ALA A 84 -7.13 -4.04 12.23
N PHE A 85 -6.44 -4.80 11.36
CA PHE A 85 -5.10 -5.31 11.66
C PHE A 85 -4.00 -4.58 10.85
N ASN A 86 -4.40 -3.64 9.97
CA ASN A 86 -3.43 -2.88 9.17
C ASN A 86 -2.50 -3.80 8.35
N VAL A 87 -3.08 -4.83 7.71
CA VAL A 87 -2.29 -5.78 6.92
C VAL A 87 -2.73 -5.78 5.44
N LEU A 88 -1.74 -5.88 4.54
CA LEU A 88 -1.98 -5.89 3.10
C LEU A 88 -1.78 -7.30 2.55
N LEU A 89 -2.84 -7.90 2.03
CA LEU A 89 -2.76 -9.25 1.46
C LEU A 89 -2.98 -9.21 -0.03
N LEU A 90 -1.90 -9.37 -0.81
CA LEU A 90 -1.99 -9.38 -2.27
C LEU A 90 -1.00 -10.40 -2.87
N PRO A 91 -1.36 -11.05 -4.03
CA PRO A 91 -0.49 -12.03 -4.69
C PRO A 91 0.71 -11.39 -5.37
N GLU A 92 1.76 -12.19 -5.54
CA GLU A 92 2.98 -11.73 -6.18
C GLU A 92 2.79 -11.62 -7.67
N TYR A 93 2.61 -10.40 -8.14
CA TYR A 93 2.39 -10.16 -9.57
C TYR A 93 3.71 -10.18 -10.34
N SER A 94 3.64 -10.66 -11.58
CA SER A 94 4.82 -10.76 -12.45
C SER A 94 5.42 -9.38 -12.73
N SER A 95 4.55 -8.39 -12.96
CA SER A 95 5.00 -7.02 -13.31
C SER A 95 4.27 -5.94 -12.51
N LYS A 96 4.90 -4.76 -12.44
CA LYS A 96 4.37 -3.63 -11.68
C LYS A 96 3.05 -3.11 -12.28
N GLU A 97 2.89 -3.23 -13.59
CA GLU A 97 1.64 -2.81 -14.25
C GLU A 97 0.50 -3.70 -13.81
N LYS A 98 0.78 -5.00 -13.72
CA LYS A 98 -0.22 -5.99 -13.33
C LYS A 98 -0.72 -5.72 -11.91
N LEU A 99 0.20 -5.37 -11.00
CA LEU A 99 -0.18 -5.05 -9.62
C LEU A 99 -0.75 -3.64 -9.51
N LYS A 100 -0.25 -2.73 -10.34
CA LYS A 100 -0.71 -1.34 -10.36
C LYS A 100 -2.19 -1.26 -10.77
N GLU A 101 -2.56 -1.97 -11.82
CA GLU A 101 -3.92 -1.96 -12.32
C GLU A 101 -4.89 -2.64 -11.35
N ARG A 102 -4.51 -3.80 -10.83
CA ARG A 102 -5.33 -4.52 -9.84
C ARG A 102 -5.45 -3.73 -8.54
N LEU A 103 -4.32 -3.20 -8.08
CA LEU A 103 -4.27 -2.45 -6.83
C LEU A 103 -5.09 -1.16 -6.90
N LEU A 104 -4.97 -0.45 -8.02
CA LEU A 104 -5.69 0.81 -8.22
C LEU A 104 -7.20 0.59 -8.19
N LYS A 105 -7.66 -0.43 -8.93
CA LYS A 105 -9.08 -0.76 -8.97
C LYS A 105 -9.60 -1.19 -7.60
N ALA A 106 -8.78 -1.96 -6.88
CA ALA A 106 -9.15 -2.46 -5.56
C ALA A 106 -9.38 -1.33 -4.56
N ILE A 107 -8.52 -0.31 -4.61
CA ILE A 107 -8.61 0.80 -3.66
C ILE A 107 -9.74 1.77 -4.02
N THR A 108 -9.93 2.03 -5.32
CA THR A 108 -10.99 2.93 -5.76
C THR A 108 -12.36 2.29 -5.62
N TYR A 109 -12.46 1.04 -6.05
CA TYR A 109 -13.72 0.28 -5.97
C TYR A 109 -14.17 0.10 -4.51
N ALA A 110 -13.24 -0.34 -3.67
CA ALA A 110 -13.53 -0.58 -2.26
C ALA A 110 -13.78 0.72 -1.52
N LYS A 111 -14.70 0.68 -0.56
CA LYS A 111 -15.03 1.85 0.24
C LYS A 111 -14.12 1.95 1.46
N GLY A 112 -13.44 3.08 1.61
CA GLY A 112 -12.53 3.27 2.73
C GLY A 112 -13.25 3.67 3.99
N PHE A 113 -12.49 3.83 5.08
CA PHE A 113 -13.05 4.23 6.37
C PHE A 113 -12.61 5.64 6.75
N GLY A 114 -13.56 6.43 7.25
CA GLY A 114 -13.28 7.81 7.64
C GLY A 114 -12.24 7.90 8.74
N MET A 115 -12.32 7.00 9.72
CA MET A 115 -11.39 6.98 10.84
C MET A 115 -11.32 5.59 11.47
N LEU A 116 -10.24 5.34 12.21
CA LEU A 116 -10.03 4.06 12.89
C LEU A 116 -10.17 4.22 14.40
N GLY A 1 -7.01 20.91 2.34
CA GLY A 1 -7.04 19.67 3.15
C GLY A 1 -5.81 18.79 2.92
N PRO A 2 -5.50 18.42 1.64
CA PRO A 2 -4.33 17.57 1.34
C PRO A 2 -3.03 18.19 1.83
N SER A 3 -2.14 17.33 2.34
CA SER A 3 -0.85 17.78 2.85
C SER A 3 0.05 18.25 1.71
N ARG A 4 0.88 19.25 1.99
CA ARG A 4 1.80 19.79 0.98
C ARG A 4 2.80 18.75 0.50
N ASN A 5 3.29 17.93 1.43
CA ASN A 5 4.27 16.89 1.10
C ASN A 5 3.86 15.54 1.69
N LEU A 6 3.60 14.57 0.80
CA LEU A 6 3.20 13.23 1.24
C LEU A 6 4.43 12.40 1.60
N ASP A 7 4.77 12.39 2.89
CA ASP A 7 5.94 11.65 3.37
C ASP A 7 5.58 10.22 3.75
N PHE A 8 5.80 9.30 2.80
CA PHE A 8 5.53 7.86 3.04
C PHE A 8 6.82 7.07 3.34
N GLN A 9 7.97 7.76 3.39
CA GLN A 9 9.24 7.12 3.70
C GLN A 9 9.23 6.53 5.12
N ALA A 10 8.63 7.27 6.05
CA ALA A 10 8.53 6.80 7.45
C ALA A 10 7.72 5.51 7.52
N LEU A 11 6.66 5.43 6.72
CA LEU A 11 5.83 4.23 6.63
C LEU A 11 6.68 3.05 6.13
N GLU A 12 7.52 3.33 5.14
CA GLU A 12 8.42 2.34 4.56
C GLU A 12 9.36 1.76 5.61
N GLU A 13 9.83 2.62 6.51
CA GLU A 13 10.77 2.23 7.56
C GLU A 13 10.18 1.14 8.46
N THR A 14 8.88 1.23 8.76
CA THR A 14 8.20 0.24 9.62
C THR A 14 7.45 -0.86 8.83
N THR A 15 7.44 -0.75 7.49
CA THR A 15 6.77 -1.76 6.65
C THR A 15 7.50 -3.11 6.73
N GLU A 16 6.72 -4.18 6.90
CA GLU A 16 7.28 -5.53 7.02
C GLU A 16 7.08 -6.34 5.74
N TYR A 17 7.72 -7.50 5.68
CA TYR A 17 7.64 -8.40 4.52
C TYR A 17 7.43 -9.84 4.96
N ASP A 18 6.81 -10.65 4.08
CA ASP A 18 6.59 -12.06 4.39
C ASP A 18 7.79 -12.89 4.01
N GLY A 19 7.68 -14.19 4.28
CA GLY A 19 8.78 -15.10 4.02
C GLY A 19 9.07 -15.28 2.55
N GLY A 20 10.35 -15.43 2.23
CA GLY A 20 10.75 -15.65 0.85
C GLY A 20 11.04 -14.37 0.07
N TYR A 21 10.71 -13.21 0.66
CA TYR A 21 10.95 -11.93 -0.02
C TYR A 21 11.11 -10.77 0.96
N THR A 22 11.73 -9.69 0.46
CA THR A 22 12.03 -8.51 1.30
C THR A 22 11.69 -7.21 0.55
N ARG A 23 12.05 -6.07 1.15
CA ARG A 23 11.76 -4.76 0.56
C ARG A 23 12.42 -4.59 -0.80
N ASP A 24 13.65 -5.08 -0.92
CA ASP A 24 14.40 -4.96 -2.16
C ASP A 24 13.85 -5.88 -3.27
N SER A 25 12.94 -6.81 -2.90
CA SER A 25 12.35 -7.71 -3.89
C SER A 25 11.47 -6.93 -4.84
N VAL A 26 11.17 -7.52 -5.98
CA VAL A 26 10.41 -6.85 -7.02
C VAL A 26 8.99 -6.47 -6.55
N LEU A 27 8.33 -7.36 -5.80
CA LEU A 27 6.95 -7.09 -5.36
C LEU A 27 6.85 -5.83 -4.49
N ILE A 28 7.69 -5.74 -3.45
CA ILE A 28 7.68 -4.57 -2.56
C ILE A 28 8.34 -3.36 -3.23
N ARG A 29 9.47 -3.60 -3.89
CA ARG A 29 10.22 -2.54 -4.55
C ARG A 29 9.37 -1.83 -5.63
N GLU A 30 8.70 -2.61 -6.45
CA GLU A 30 7.82 -2.07 -7.49
C GLU A 30 6.58 -1.43 -6.87
N PHE A 31 6.05 -2.07 -5.83
CA PHE A 31 4.84 -1.60 -5.14
C PHE A 31 5.06 -0.18 -4.59
N TRP A 32 6.21 0.03 -3.93
CA TRP A 32 6.55 1.33 -3.36
C TRP A 32 6.68 2.38 -4.47
N GLU A 33 7.26 1.98 -5.60
CA GLU A 33 7.42 2.90 -6.73
C GLU A 33 6.06 3.40 -7.23
N ILE A 34 5.09 2.49 -7.29
CA ILE A 34 3.74 2.81 -7.70
C ILE A 34 3.02 3.67 -6.64
N VAL A 35 3.14 3.27 -5.36
CA VAL A 35 2.46 3.98 -4.27
C VAL A 35 2.97 5.42 -4.13
N HIS A 36 4.29 5.58 -4.13
CA HIS A 36 4.91 6.90 -4.02
C HIS A 36 4.60 7.75 -5.25
N SER A 37 4.61 7.11 -6.42
CA SER A 37 4.33 7.79 -7.68
C SER A 37 2.86 8.19 -7.83
N PHE A 38 1.97 7.57 -7.04
CA PHE A 38 0.54 7.88 -7.11
C PHE A 38 0.26 9.30 -6.64
N THR A 39 -0.84 9.86 -7.12
CA THR A 39 -1.24 11.22 -6.76
C THR A 39 -1.73 11.27 -5.33
N ASP A 40 -1.87 12.49 -4.80
CA ASP A 40 -2.31 12.69 -3.41
C ASP A 40 -3.70 12.10 -3.17
N GLU A 41 -4.57 12.23 -4.17
CA GLU A 41 -5.93 11.70 -4.08
C GLU A 41 -5.92 10.17 -3.91
N GLN A 42 -5.12 9.51 -4.74
CA GLN A 42 -5.00 8.06 -4.69
C GLN A 42 -4.44 7.59 -3.34
N LYS A 43 -3.47 8.32 -2.83
CA LYS A 43 -2.85 8.00 -1.53
C LYS A 43 -3.87 8.08 -0.38
N ARG A 44 -4.75 9.09 -0.44
CA ARG A 44 -5.80 9.26 0.58
C ARG A 44 -6.73 8.04 0.63
N LEU A 45 -7.16 7.56 -0.55
CA LEU A 45 -8.03 6.37 -0.62
C LEU A 45 -7.25 5.11 -0.25
N PHE A 46 -6.00 5.04 -0.70
CA PHE A 46 -5.13 3.90 -0.43
C PHE A 46 -4.94 3.70 1.09
N LEU A 47 -4.63 4.79 1.78
CA LEU A 47 -4.39 4.75 3.21
C LEU A 47 -5.63 4.32 3.98
N GLN A 48 -6.81 4.81 3.57
CA GLN A 48 -8.05 4.42 4.23
C GLN A 48 -8.35 2.93 4.02
N PHE A 49 -8.12 2.47 2.81
CA PHE A 49 -8.32 1.06 2.45
C PHE A 49 -7.39 0.13 3.26
N THR A 50 -6.10 0.46 3.24
CA THR A 50 -5.09 -0.36 3.92
C THR A 50 -5.13 -0.23 5.46
N THR A 51 -5.26 1.00 5.97
CA THR A 51 -5.19 1.25 7.42
C THR A 51 -6.34 2.12 7.96
N GLY A 52 -7.21 2.62 7.08
CA GLY A 52 -8.34 3.44 7.53
C GLY A 52 -7.95 4.84 7.96
N THR A 53 -6.89 5.40 7.35
CA THR A 53 -6.43 6.76 7.70
C THR A 53 -6.16 7.63 6.47
N ASP A 54 -6.20 8.94 6.67
CA ASP A 54 -5.99 9.94 5.63
C ASP A 54 -4.50 10.20 5.39
N ARG A 55 -4.21 11.05 4.38
CA ARG A 55 -2.83 11.40 3.96
C ARG A 55 -1.90 11.63 5.14
N ALA A 56 -0.60 11.69 4.84
CA ALA A 56 0.44 11.79 5.88
C ALA A 56 0.15 12.91 6.91
N PRO A 57 -0.05 12.56 8.22
CA PRO A 57 -0.26 13.53 9.29
C PRO A 57 1.04 14.23 9.65
N VAL A 58 0.97 15.26 10.51
CA VAL A 58 2.17 16.01 10.92
C VAL A 58 3.22 15.04 11.49
N GLY A 59 2.76 14.10 12.31
CA GLY A 59 3.63 13.04 12.80
C GLY A 59 3.94 12.05 11.70
N GLY A 60 5.03 11.29 11.86
CA GLY A 60 5.42 10.33 10.83
C GLY A 60 4.52 9.13 10.78
N LEU A 61 4.57 8.39 9.67
CA LEU A 61 3.78 7.16 9.50
C LEU A 61 4.48 5.94 10.16
N GLY A 62 5.76 6.11 10.53
CA GLY A 62 6.51 5.03 11.16
C GLY A 62 5.91 4.56 12.48
N LYS A 63 5.10 5.41 13.09
CA LYS A 63 4.43 5.05 14.35
C LYS A 63 3.35 3.98 14.12
N LEU A 64 2.90 3.83 12.87
CA LEU A 64 1.91 2.83 12.51
C LEU A 64 2.61 1.65 11.81
N LYS A 65 2.26 0.44 12.24
CA LYS A 65 2.86 -0.77 11.69
C LYS A 65 2.18 -1.23 10.41
N MET A 66 2.98 -1.45 9.36
CA MET A 66 2.49 -1.94 8.07
C MET A 66 3.06 -3.33 7.80
N ILE A 67 2.19 -4.27 7.44
CA ILE A 67 2.62 -5.65 7.15
C ILE A 67 2.28 -6.05 5.71
N ILE A 68 3.28 -6.55 4.97
CA ILE A 68 3.08 -7.01 3.59
C ILE A 68 3.09 -8.54 3.57
N ALA A 69 2.03 -9.12 3.00
CA ALA A 69 1.88 -10.58 2.93
C ALA A 69 1.52 -11.04 1.51
N LYS A 70 2.11 -12.17 1.11
CA LYS A 70 1.86 -12.74 -0.21
C LYS A 70 0.69 -13.73 -0.16
N ASN A 71 -0.35 -13.43 -0.92
CA ASN A 71 -1.54 -14.29 -0.98
C ASN A 71 -1.21 -15.66 -1.56
N GLY A 72 -0.37 -15.67 -2.59
CA GLY A 72 0.04 -16.91 -3.22
C GLY A 72 0.77 -16.68 -4.54
N PRO A 73 0.68 -17.65 -5.52
CA PRO A 73 1.35 -17.50 -6.82
C PRO A 73 0.88 -16.27 -7.56
N ASP A 74 1.61 -15.87 -8.60
CA ASP A 74 1.24 -14.73 -9.42
C ASP A 74 -0.05 -15.02 -10.21
N THR A 75 -1.16 -15.10 -9.49
CA THR A 75 -2.47 -15.39 -10.09
C THR A 75 -3.30 -14.12 -10.24
N GLU A 76 -4.38 -14.22 -11.02
CA GLU A 76 -5.25 -13.07 -11.24
C GLU A 76 -6.38 -13.02 -10.19
N ARG A 77 -6.14 -12.27 -9.12
CA ARG A 77 -7.13 -12.12 -8.04
C ARG A 77 -7.19 -10.67 -7.57
N LEU A 78 -8.35 -10.24 -7.08
CA LEU A 78 -8.54 -8.87 -6.62
C LEU A 78 -7.81 -8.65 -5.27
N PRO A 79 -6.83 -7.69 -5.18
CA PRO A 79 -6.12 -7.41 -3.93
C PRO A 79 -7.05 -6.97 -2.81
N THR A 80 -6.73 -7.38 -1.58
CA THR A 80 -7.51 -7.01 -0.40
C THR A 80 -6.62 -6.52 0.73
N SER A 81 -7.18 -5.72 1.63
CA SER A 81 -6.43 -5.16 2.75
C SER A 81 -7.31 -5.09 4.00
N HIS A 82 -6.68 -5.02 5.17
CA HIS A 82 -7.40 -4.92 6.45
C HIS A 82 -7.01 -3.65 7.20
N THR A 83 -7.97 -2.74 7.36
CA THR A 83 -7.72 -1.48 8.06
C THR A 83 -7.52 -1.70 9.56
N ALA A 84 -8.27 -2.63 10.13
CA ALA A 84 -8.20 -2.93 11.55
C ALA A 84 -6.82 -3.47 11.95
N PHE A 85 -6.25 -4.33 11.12
CA PHE A 85 -4.95 -4.96 11.42
C PHE A 85 -3.78 -4.31 10.67
N ASN A 86 -4.07 -3.36 9.76
CA ASN A 86 -3.02 -2.67 9.00
C ASN A 86 -2.12 -3.65 8.23
N VAL A 87 -2.75 -4.62 7.54
CA VAL A 87 -2.01 -5.62 6.76
C VAL A 87 -2.49 -5.65 5.30
N LEU A 88 -1.54 -5.70 4.38
CA LEU A 88 -1.84 -5.75 2.96
C LEU A 88 -1.74 -7.20 2.49
N LEU A 89 -2.88 -7.79 2.13
CA LEU A 89 -2.90 -9.19 1.68
C LEU A 89 -3.20 -9.28 0.19
N LEU A 90 -2.14 -9.49 -0.60
CA LEU A 90 -2.29 -9.62 -2.05
C LEU A 90 -1.30 -10.65 -2.62
N PRO A 91 -1.67 -11.35 -3.74
CA PRO A 91 -0.76 -12.31 -4.37
C PRO A 91 0.41 -11.61 -5.06
N GLU A 92 1.51 -12.34 -5.17
CA GLU A 92 2.74 -11.78 -5.75
C GLU A 92 2.67 -11.80 -7.27
N TYR A 93 2.39 -10.65 -7.84
CA TYR A 93 2.33 -10.51 -9.30
C TYR A 93 3.73 -10.42 -9.88
N SER A 94 3.88 -10.90 -11.11
CA SER A 94 5.17 -10.89 -11.80
C SER A 94 5.50 -9.51 -12.43
N SER A 95 4.53 -8.58 -12.45
CA SER A 95 4.75 -7.27 -13.08
C SER A 95 4.15 -6.11 -12.28
N LYS A 96 4.88 -4.99 -12.24
CA LYS A 96 4.43 -3.78 -11.55
C LYS A 96 3.14 -3.22 -12.17
N GLU A 97 2.98 -3.42 -13.49
CA GLU A 97 1.77 -2.98 -14.18
C GLU A 97 0.57 -3.82 -13.74
N LYS A 98 0.82 -5.12 -13.57
CA LYS A 98 -0.20 -6.05 -13.19
C LYS A 98 -0.78 -5.73 -11.81
N LEU A 99 0.10 -5.30 -10.89
CA LEU A 99 -0.31 -5.00 -9.52
C LEU A 99 -0.89 -3.59 -9.38
N LYS A 100 -0.34 -2.62 -10.14
CA LYS A 100 -0.85 -1.24 -10.05
C LYS A 100 -2.27 -1.14 -10.62
N GLU A 101 -2.54 -1.89 -11.71
CA GLU A 101 -3.87 -1.88 -12.31
C GLU A 101 -4.91 -2.57 -11.41
N ARG A 102 -4.57 -3.76 -10.90
CA ARG A 102 -5.48 -4.48 -9.98
C ARG A 102 -5.68 -3.70 -8.68
N LEU A 103 -4.58 -3.19 -8.14
CA LEU A 103 -4.61 -2.44 -6.89
C LEU A 103 -5.39 -1.14 -7.03
N LEU A 104 -5.19 -0.45 -8.16
CA LEU A 104 -5.85 0.83 -8.42
C LEU A 104 -7.37 0.68 -8.43
N LYS A 105 -7.85 -0.36 -9.11
CA LYS A 105 -9.29 -0.64 -9.18
C LYS A 105 -9.85 -0.96 -7.79
N ALA A 106 -9.11 -1.74 -7.01
CA ALA A 106 -9.53 -2.13 -5.67
C ALA A 106 -9.69 -0.92 -4.74
N ILE A 107 -8.72 0.01 -4.80
CA ILE A 107 -8.74 1.17 -3.90
C ILE A 107 -9.74 2.24 -4.35
N THR A 108 -9.91 2.39 -5.67
CA THR A 108 -10.83 3.38 -6.20
C THR A 108 -12.28 2.93 -6.02
N TYR A 109 -12.51 1.62 -6.22
CA TYR A 109 -13.85 1.05 -6.03
C TYR A 109 -14.32 1.24 -4.59
N ALA A 110 -13.43 0.90 -3.65
CA ALA A 110 -13.73 1.05 -2.22
C ALA A 110 -13.54 2.51 -1.79
N LYS A 111 -14.61 3.10 -1.30
CA LYS A 111 -14.58 4.49 -0.82
C LYS A 111 -13.66 4.65 0.40
N GLY A 112 -13.44 3.54 1.12
CA GLY A 112 -12.62 3.56 2.32
C GLY A 112 -13.47 3.78 3.56
N PHE A 113 -13.05 3.18 4.67
CA PHE A 113 -13.80 3.31 5.93
C PHE A 113 -13.81 4.77 6.39
N GLY A 114 -12.65 5.43 6.32
CA GLY A 114 -12.53 6.82 6.72
C GLY A 114 -12.07 6.98 8.16
N MET A 115 -11.94 8.22 8.60
CA MET A 115 -11.49 8.54 9.93
C MET A 115 -12.54 8.23 10.97
N LEU A 116 -12.09 7.90 12.17
CA LEU A 116 -12.98 7.55 13.30
C LEU A 116 -14.06 8.62 13.53
N GLY A 1 8.12 22.43 -8.75
CA GLY A 1 7.23 22.44 -9.94
C GLY A 1 5.84 21.84 -9.65
N PRO A 2 5.05 21.48 -10.70
CA PRO A 2 3.71 20.91 -10.51
C PRO A 2 3.75 19.53 -9.81
N SER A 3 4.88 18.84 -9.94
CA SER A 3 5.04 17.53 -9.32
C SER A 3 5.06 17.64 -7.80
N ARG A 4 4.62 16.57 -7.12
CA ARG A 4 4.58 16.56 -5.65
C ARG A 4 4.86 15.16 -5.11
N ASN A 5 5.34 15.09 -3.86
CA ASN A 5 5.66 13.83 -3.23
C ASN A 5 5.47 13.90 -1.71
N LEU A 6 4.47 13.19 -1.21
CA LEU A 6 4.18 13.18 0.22
C LEU A 6 5.21 12.33 0.97
N ASP A 7 5.48 12.71 2.22
CA ASP A 7 6.48 12.01 3.03
C ASP A 7 5.96 10.66 3.53
N PHE A 8 5.98 9.67 2.65
CA PHE A 8 5.54 8.30 3.01
C PHE A 8 6.73 7.42 3.46
N GLN A 9 7.97 7.90 3.27
CA GLN A 9 9.17 7.09 3.53
C GLN A 9 9.18 6.52 4.94
N ALA A 10 8.64 7.27 5.90
CA ALA A 10 8.53 6.79 7.28
C ALA A 10 7.70 5.49 7.33
N LEU A 11 6.64 5.43 6.51
CA LEU A 11 5.80 4.25 6.41
C LEU A 11 6.61 3.05 5.90
N GLU A 12 7.43 3.27 4.85
CA GLU A 12 8.29 2.18 4.33
C GLU A 12 9.28 1.67 5.39
N GLU A 13 9.82 2.57 6.20
CA GLU A 13 10.82 2.22 7.21
C GLU A 13 10.26 1.20 8.22
N THR A 14 9.00 1.37 8.62
CA THR A 14 8.37 0.45 9.59
C THR A 14 7.59 -0.70 8.90
N THR A 15 7.53 -0.69 7.56
CA THR A 15 6.85 -1.74 6.81
C THR A 15 7.54 -3.11 7.04
N GLU A 16 6.73 -4.13 7.27
CA GLU A 16 7.22 -5.49 7.52
C GLU A 16 6.96 -6.38 6.31
N TYR A 17 7.41 -7.63 6.40
CA TYR A 17 7.24 -8.58 5.30
C TYR A 17 6.81 -9.96 5.81
N ASP A 18 6.15 -10.72 4.94
CA ASP A 18 5.68 -12.05 5.28
C ASP A 18 5.55 -12.91 4.02
N GLY A 19 6.48 -13.86 3.84
CA GLY A 19 6.45 -14.75 2.67
C GLY A 19 7.82 -14.97 2.05
N GLY A 20 8.88 -14.83 2.85
CA GLY A 20 10.23 -15.06 2.34
C GLY A 20 10.69 -13.97 1.38
N TYR A 21 10.25 -12.74 1.61
CA TYR A 21 10.61 -11.61 0.76
C TYR A 21 10.80 -10.33 1.59
N THR A 22 11.52 -9.36 1.01
CA THR A 22 11.80 -8.09 1.68
C THR A 22 11.49 -6.91 0.77
N ARG A 23 11.80 -5.69 1.24
CA ARG A 23 11.56 -4.48 0.46
C ARG A 23 12.36 -4.49 -0.85
N ASP A 24 13.59 -5.00 -0.79
CA ASP A 24 14.46 -5.09 -1.95
C ASP A 24 13.85 -6.00 -3.05
N SER A 25 12.92 -6.90 -2.63
CA SER A 25 12.27 -7.82 -3.57
C SER A 25 11.53 -7.05 -4.67
N VAL A 26 11.39 -7.67 -5.83
CA VAL A 26 10.76 -7.04 -6.99
C VAL A 26 9.30 -6.63 -6.67
N LEU A 27 8.55 -7.53 -6.02
CA LEU A 27 7.14 -7.27 -5.72
C LEU A 27 6.97 -6.03 -4.81
N ILE A 28 7.71 -5.98 -3.70
CA ILE A 28 7.59 -4.87 -2.76
C ILE A 28 8.23 -3.60 -3.33
N ARG A 29 9.42 -3.75 -3.91
CA ARG A 29 10.16 -2.61 -4.47
C ARG A 29 9.36 -1.94 -5.60
N GLU A 30 8.82 -2.75 -6.51
CA GLU A 30 7.98 -2.25 -7.60
C GLU A 30 6.70 -1.62 -7.04
N PHE A 31 6.15 -2.27 -6.02
CA PHE A 31 4.91 -1.80 -5.37
C PHE A 31 5.09 -0.39 -4.81
N TRP A 32 6.20 -0.17 -4.11
CA TRP A 32 6.49 1.14 -3.51
C TRP A 32 6.61 2.22 -4.59
N GLU A 33 7.21 1.86 -5.72
CA GLU A 33 7.36 2.80 -6.84
C GLU A 33 6.00 3.29 -7.33
N ILE A 34 5.04 2.36 -7.38
CA ILE A 34 3.68 2.68 -7.80
C ILE A 34 2.96 3.55 -6.75
N VAL A 35 3.07 3.17 -5.47
CA VAL A 35 2.40 3.90 -4.38
C VAL A 35 2.95 5.34 -4.29
N HIS A 36 4.27 5.49 -4.34
CA HIS A 36 4.90 6.81 -4.27
C HIS A 36 4.48 7.68 -5.45
N SER A 37 4.39 7.06 -6.63
CA SER A 37 4.02 7.77 -7.86
C SER A 37 2.53 8.16 -7.89
N PHE A 38 1.70 7.51 -7.04
CA PHE A 38 0.26 7.83 -7.01
C PHE A 38 0.01 9.24 -6.50
N THR A 39 -1.02 9.89 -7.04
CA THR A 39 -1.40 11.24 -6.64
C THR A 39 -1.85 11.28 -5.18
N ASP A 40 -1.98 12.49 -4.64
CA ASP A 40 -2.36 12.66 -3.22
C ASP A 40 -3.75 12.07 -2.95
N GLU A 41 -4.67 12.26 -3.89
CA GLU A 41 -6.03 11.72 -3.76
C GLU A 41 -6.01 10.19 -3.65
N GLN A 42 -5.25 9.57 -4.54
CA GLN A 42 -5.09 8.14 -4.54
C GLN A 42 -4.38 7.65 -3.29
N LYS A 43 -3.39 8.41 -2.83
CA LYS A 43 -2.60 8.04 -1.66
C LYS A 43 -3.46 7.94 -0.38
N ARG A 44 -4.37 8.90 -0.17
CA ARG A 44 -5.25 8.85 1.01
C ARG A 44 -6.24 7.69 0.88
N LEU A 45 -6.68 7.46 -0.35
CA LEU A 45 -7.57 6.36 -0.68
C LEU A 45 -6.90 5.02 -0.36
N PHE A 46 -5.66 4.88 -0.79
CA PHE A 46 -4.85 3.70 -0.54
C PHE A 46 -4.65 3.49 0.97
N LEU A 47 -4.30 4.56 1.67
CA LEU A 47 -4.04 4.49 3.11
C LEU A 47 -5.28 4.09 3.89
N GLN A 48 -6.44 4.62 3.50
CA GLN A 48 -7.70 4.28 4.16
C GLN A 48 -8.04 2.80 3.97
N PHE A 49 -7.82 2.30 2.76
CA PHE A 49 -8.08 0.90 2.46
C PHE A 49 -7.19 -0.03 3.30
N THR A 50 -5.89 0.24 3.31
CA THR A 50 -4.92 -0.58 4.03
C THR A 50 -5.02 -0.44 5.57
N THR A 51 -5.13 0.80 6.07
CA THR A 51 -5.12 1.06 7.52
C THR A 51 -6.27 1.97 8.00
N GLY A 52 -7.08 2.47 7.08
CA GLY A 52 -8.17 3.37 7.47
C GLY A 52 -7.66 4.74 7.89
N THR A 53 -6.52 5.16 7.32
CA THR A 53 -5.88 6.44 7.67
C THR A 53 -5.77 7.36 6.43
N ASP A 54 -6.16 8.62 6.63
CA ASP A 54 -6.07 9.65 5.59
C ASP A 54 -4.61 9.98 5.30
N ARG A 55 -4.36 10.78 4.25
CA ARG A 55 -2.99 11.15 3.82
C ARG A 55 -2.07 11.49 5.00
N ALA A 56 -0.77 11.56 4.74
CA ALA A 56 0.22 11.76 5.80
C ALA A 56 -0.06 13.02 6.66
N PRO A 57 -0.36 12.84 7.99
CA PRO A 57 -0.57 13.96 8.91
C PRO A 57 0.76 14.55 9.35
N VAL A 58 0.73 15.72 10.01
CA VAL A 58 1.97 16.37 10.48
C VAL A 58 2.76 15.42 11.40
N GLY A 59 3.68 14.68 10.81
CA GLY A 59 4.48 13.70 11.54
C GLY A 59 4.89 12.54 10.65
N GLY A 60 5.44 11.49 11.26
CA GLY A 60 5.87 10.31 10.49
C GLY A 60 4.87 9.17 10.54
N LEU A 61 4.70 8.48 9.41
CA LEU A 61 3.80 7.31 9.34
C LEU A 61 4.37 6.08 10.07
N GLY A 62 5.68 6.14 10.38
CA GLY A 62 6.34 5.02 11.04
C GLY A 62 5.78 4.70 12.42
N LYS A 63 4.94 5.60 12.98
CA LYS A 63 4.37 5.36 14.31
C LYS A 63 3.36 4.19 14.27
N LEU A 64 2.81 3.92 13.08
CA LEU A 64 1.88 2.82 12.88
C LEU A 64 2.56 1.72 12.07
N LYS A 65 2.59 0.51 12.62
CA LYS A 65 3.24 -0.62 11.94
C LYS A 65 2.42 -1.13 10.77
N MET A 66 3.12 -1.48 9.68
CA MET A 66 2.48 -2.03 8.48
C MET A 66 3.03 -3.42 8.21
N ILE A 67 2.13 -4.37 7.95
CA ILE A 67 2.54 -5.75 7.64
C ILE A 67 2.07 -6.15 6.24
N ILE A 68 3.02 -6.54 5.39
CA ILE A 68 2.71 -6.96 4.02
C ILE A 68 2.93 -8.46 3.85
N ALA A 69 1.90 -9.16 3.37
CA ALA A 69 1.96 -10.61 3.17
C ALA A 69 1.60 -10.98 1.73
N LYS A 70 2.20 -12.05 1.23
CA LYS A 70 1.94 -12.51 -0.14
C LYS A 70 0.70 -13.41 -0.18
N ASN A 71 -0.28 -13.02 -0.99
CA ASN A 71 -1.51 -13.81 -1.15
C ASN A 71 -1.21 -15.18 -1.74
N GLY A 72 -0.32 -15.20 -2.73
CA GLY A 72 0.06 -16.43 -3.40
C GLY A 72 0.84 -16.17 -4.68
N PRO A 73 0.93 -17.16 -5.60
CA PRO A 73 1.65 -16.99 -6.87
C PRO A 73 0.92 -16.00 -7.79
N ASP A 74 1.64 -15.43 -8.76
CA ASP A 74 1.06 -14.44 -9.68
C ASP A 74 -0.28 -14.91 -10.27
N THR A 75 -1.38 -14.37 -9.72
CA THR A 75 -2.72 -14.74 -10.17
C THR A 75 -3.63 -13.52 -10.30
N GLU A 76 -4.63 -13.60 -11.17
CA GLU A 76 -5.55 -12.50 -11.40
C GLU A 76 -6.68 -12.47 -10.38
N ARG A 77 -6.43 -11.81 -9.25
CA ARG A 77 -7.42 -11.65 -8.20
C ARG A 77 -7.40 -10.23 -7.67
N LEU A 78 -8.57 -9.72 -7.26
CA LEU A 78 -8.67 -8.38 -6.72
C LEU A 78 -7.89 -8.25 -5.39
N PRO A 79 -6.91 -7.31 -5.29
CA PRO A 79 -6.12 -7.12 -4.06
C PRO A 79 -7.02 -6.78 -2.87
N THR A 80 -6.65 -7.29 -1.69
CA THR A 80 -7.42 -7.05 -0.45
C THR A 80 -6.54 -6.58 0.68
N SER A 81 -7.13 -5.84 1.62
CA SER A 81 -6.40 -5.32 2.77
C SER A 81 -7.30 -5.23 4.01
N HIS A 82 -6.68 -5.19 5.18
CA HIS A 82 -7.43 -5.10 6.45
C HIS A 82 -7.04 -3.84 7.23
N THR A 83 -7.98 -2.91 7.35
CA THR A 83 -7.74 -1.66 8.08
C THR A 83 -7.62 -1.91 9.59
N ALA A 84 -8.40 -2.87 10.08
CA ALA A 84 -8.41 -3.19 11.51
C ALA A 84 -7.05 -3.68 12.01
N PHE A 85 -6.39 -4.52 11.21
CA PHE A 85 -5.08 -5.10 11.59
C PHE A 85 -3.90 -4.45 10.83
N ASN A 86 -4.20 -3.50 9.92
CA ASN A 86 -3.16 -2.81 9.15
C ASN A 86 -2.27 -3.79 8.37
N VAL A 87 -2.89 -4.79 7.72
CA VAL A 87 -2.17 -5.79 6.94
C VAL A 87 -2.59 -5.75 5.46
N LEU A 88 -1.61 -5.89 4.58
CA LEU A 88 -1.85 -5.86 3.14
C LEU A 88 -1.66 -7.26 2.55
N LEU A 89 -2.74 -7.84 2.03
CA LEU A 89 -2.69 -9.17 1.43
C LEU A 89 -2.84 -9.07 -0.08
N LEU A 90 -1.72 -9.23 -0.80
CA LEU A 90 -1.72 -9.13 -2.27
C LEU A 90 -0.83 -10.22 -2.89
N PRO A 91 -1.28 -10.90 -4.00
CA PRO A 91 -0.47 -11.91 -4.66
C PRO A 91 0.71 -11.31 -5.39
N GLU A 92 1.77 -12.11 -5.57
CA GLU A 92 2.99 -11.64 -6.21
C GLU A 92 2.78 -11.50 -7.71
N TYR A 93 2.58 -10.28 -8.16
CA TYR A 93 2.35 -10.01 -9.58
C TYR A 93 3.67 -9.98 -10.35
N SER A 94 3.64 -10.54 -11.55
CA SER A 94 4.83 -10.61 -12.40
C SER A 94 5.33 -9.22 -12.82
N SER A 95 4.40 -8.31 -13.13
CA SER A 95 4.77 -6.97 -13.61
C SER A 95 4.19 -5.85 -12.75
N LYS A 96 4.91 -4.72 -12.68
CA LYS A 96 4.48 -3.54 -11.92
C LYS A 96 3.17 -2.97 -12.46
N GLU A 97 2.94 -3.11 -13.76
CA GLU A 97 1.67 -2.68 -14.37
C GLU A 97 0.53 -3.55 -13.89
N LYS A 98 0.82 -4.84 -13.77
CA LYS A 98 -0.14 -5.84 -13.33
C LYS A 98 -0.63 -5.54 -11.91
N LEU A 99 0.30 -5.15 -11.03
CA LEU A 99 -0.06 -4.80 -9.65
C LEU A 99 -0.62 -3.38 -9.57
N LYS A 100 -0.12 -2.49 -10.43
CA LYS A 100 -0.59 -1.10 -10.48
C LYS A 100 -2.07 -1.04 -10.86
N GLU A 101 -2.45 -1.80 -11.88
CA GLU A 101 -3.85 -1.80 -12.34
C GLU A 101 -4.78 -2.51 -11.35
N ARG A 102 -4.37 -3.67 -10.85
CA ARG A 102 -5.17 -4.41 -9.86
C ARG A 102 -5.29 -3.65 -8.54
N LEU A 103 -4.18 -3.06 -8.11
CA LEU A 103 -4.13 -2.30 -6.85
C LEU A 103 -5.01 -1.07 -6.92
N LEU A 104 -4.92 -0.34 -8.03
CA LEU A 104 -5.70 0.88 -8.23
C LEU A 104 -7.20 0.58 -8.21
N LYS A 105 -7.60 -0.47 -8.92
CA LYS A 105 -9.00 -0.88 -8.96
C LYS A 105 -9.49 -1.34 -7.59
N ALA A 106 -8.63 -2.06 -6.86
CA ALA A 106 -9.00 -2.59 -5.55
C ALA A 106 -9.31 -1.48 -4.54
N ILE A 107 -8.49 -0.42 -4.54
CA ILE A 107 -8.68 0.66 -3.60
C ILE A 107 -9.92 1.49 -3.95
N THR A 108 -10.17 1.68 -5.24
CA THR A 108 -11.32 2.44 -5.70
C THR A 108 -12.62 1.68 -5.44
N TYR A 109 -12.57 0.36 -5.62
CA TYR A 109 -13.75 -0.49 -5.40
C TYR A 109 -14.24 -0.42 -3.95
N ALA A 110 -13.30 -0.58 -3.01
CA ALA A 110 -13.63 -0.54 -1.59
C ALA A 110 -13.88 0.89 -1.13
N LYS A 111 -14.98 1.09 -0.40
CA LYS A 111 -15.33 2.41 0.12
C LYS A 111 -14.29 2.89 1.12
N GLY A 112 -13.81 1.97 1.96
CA GLY A 112 -12.82 2.31 2.97
C GLY A 112 -13.44 2.95 4.20
N PHE A 113 -12.59 3.44 5.10
CA PHE A 113 -13.07 4.08 6.34
C PHE A 113 -12.42 5.45 6.51
N GLY A 114 -13.19 6.38 7.08
CA GLY A 114 -12.69 7.73 7.30
C GLY A 114 -13.71 8.63 7.97
N MET A 115 -13.36 9.90 8.16
CA MET A 115 -14.25 10.87 8.77
C MET A 115 -13.88 12.29 8.37
N LEU A 116 -14.84 13.20 8.52
CA LEU A 116 -14.63 14.60 8.17
C LEU A 116 -13.60 15.25 9.09
N GLY A 1 1.44 25.48 1.65
CA GLY A 1 1.97 24.53 0.62
C GLY A 1 3.38 24.05 0.95
N PRO A 2 3.56 23.15 1.95
CA PRO A 2 4.89 22.64 2.32
C PRO A 2 5.58 21.90 1.16
N SER A 3 5.14 20.67 0.88
CA SER A 3 5.71 19.87 -0.21
C SER A 3 4.62 19.09 -0.95
N ARG A 4 4.73 19.05 -2.28
CA ARG A 4 3.77 18.30 -3.10
C ARG A 4 3.84 16.81 -2.81
N ASN A 5 5.06 16.30 -2.61
CA ASN A 5 5.26 14.88 -2.35
C ASN A 5 4.88 14.52 -0.91
N LEU A 6 4.19 13.40 -0.75
CA LEU A 6 3.77 12.93 0.57
C LEU A 6 4.91 12.19 1.27
N ASP A 7 4.94 12.29 2.59
CA ASP A 7 6.00 11.65 3.39
C ASP A 7 5.63 10.20 3.75
N PHE A 8 5.69 9.32 2.76
CA PHE A 8 5.39 7.89 2.97
C PHE A 8 6.66 7.05 3.25
N GLN A 9 7.83 7.69 3.28
CA GLN A 9 9.08 6.99 3.55
C GLN A 9 9.09 6.43 4.98
N ALA A 10 8.55 7.19 5.93
CA ALA A 10 8.46 6.77 7.33
C ALA A 10 7.61 5.50 7.45
N LEU A 11 6.52 5.46 6.67
CA LEU A 11 5.64 4.29 6.62
C LEU A 11 6.41 3.06 6.15
N GLU A 12 7.26 3.27 5.14
CA GLU A 12 8.09 2.21 4.56
C GLU A 12 9.04 1.62 5.60
N GLU A 13 9.60 2.48 6.45
CA GLU A 13 10.55 2.03 7.48
C GLU A 13 9.90 1.04 8.44
N THR A 14 8.65 1.31 8.82
CA THR A 14 7.91 0.43 9.72
C THR A 14 7.30 -0.78 8.97
N THR A 15 7.03 -0.60 7.67
CA THR A 15 6.41 -1.67 6.85
C THR A 15 7.18 -3.00 6.95
N GLU A 16 6.44 -4.08 7.15
CA GLU A 16 7.01 -5.42 7.28
C GLU A 16 6.81 -6.22 5.99
N TYR A 17 7.46 -7.38 5.92
CA TYR A 17 7.39 -8.24 4.72
C TYR A 17 7.17 -9.71 5.09
N ASP A 18 6.49 -10.44 4.20
CA ASP A 18 6.27 -11.87 4.37
C ASP A 18 6.27 -12.57 3.02
N GLY A 19 6.15 -13.90 3.04
CA GLY A 19 6.11 -14.66 1.78
C GLY A 19 7.50 -14.98 1.22
N GLY A 20 8.54 -14.87 2.06
CA GLY A 20 9.90 -15.20 1.62
C GLY A 20 10.56 -14.08 0.80
N TYR A 21 10.08 -12.85 0.96
CA TYR A 21 10.65 -11.70 0.26
C TYR A 21 10.72 -10.48 1.16
N THR A 22 11.56 -9.52 0.78
CA THR A 22 11.82 -8.33 1.58
C THR A 22 11.57 -7.05 0.77
N ARG A 23 11.86 -5.90 1.37
CA ARG A 23 11.65 -4.61 0.72
C ARG A 23 12.45 -4.50 -0.58
N ASP A 24 13.67 -5.05 -0.56
CA ASP A 24 14.55 -5.03 -1.72
C ASP A 24 14.01 -5.91 -2.86
N SER A 25 13.06 -6.82 -2.55
CA SER A 25 12.52 -7.73 -3.57
C SER A 25 11.70 -6.94 -4.58
N VAL A 26 11.47 -7.55 -5.73
CA VAL A 26 10.76 -6.88 -6.83
C VAL A 26 9.32 -6.52 -6.48
N LEU A 27 8.61 -7.42 -5.81
CA LEU A 27 7.20 -7.19 -5.49
C LEU A 27 7.02 -5.96 -4.60
N ILE A 28 7.82 -5.89 -3.53
CA ILE A 28 7.71 -4.77 -2.58
C ILE A 28 8.35 -3.50 -3.15
N ARG A 29 9.55 -3.65 -3.73
CA ARG A 29 10.27 -2.52 -4.31
C ARG A 29 9.46 -1.85 -5.42
N GLU A 30 8.89 -2.67 -6.31
CA GLU A 30 8.06 -2.16 -7.40
C GLU A 30 6.77 -1.56 -6.84
N PHE A 31 6.20 -2.22 -5.83
CA PHE A 31 4.95 -1.78 -5.20
C PHE A 31 5.09 -0.36 -4.64
N TRP A 32 6.18 -0.12 -3.91
CA TRP A 32 6.44 1.19 -3.30
C TRP A 32 6.60 2.27 -4.37
N GLU A 33 7.23 1.92 -5.48
CA GLU A 33 7.40 2.86 -6.59
C GLU A 33 6.04 3.30 -7.13
N ILE A 34 5.13 2.34 -7.23
CA ILE A 34 3.78 2.60 -7.71
C ILE A 34 2.99 3.48 -6.69
N VAL A 35 3.05 3.11 -5.41
CA VAL A 35 2.32 3.85 -4.36
C VAL A 35 2.83 5.30 -4.25
N HIS A 36 4.15 5.45 -4.19
CA HIS A 36 4.76 6.78 -4.11
C HIS A 36 4.50 7.59 -5.39
N SER A 37 4.57 6.90 -6.53
CA SER A 37 4.36 7.54 -7.82
C SER A 37 2.90 7.94 -8.07
N PHE A 38 1.97 7.35 -7.29
CA PHE A 38 0.55 7.69 -7.45
C PHE A 38 0.28 9.13 -7.04
N THR A 39 -0.89 9.65 -7.43
CA THR A 39 -1.28 11.00 -7.06
C THR A 39 -1.70 11.03 -5.59
N ASP A 40 -1.84 12.22 -5.02
CA ASP A 40 -2.20 12.36 -3.62
C ASP A 40 -3.58 11.75 -3.32
N GLU A 41 -4.51 11.86 -4.29
CA GLU A 41 -5.86 11.30 -4.13
C GLU A 41 -5.81 9.79 -3.93
N GLN A 42 -5.04 9.12 -4.79
CA GLN A 42 -4.86 7.67 -4.71
C GLN A 42 -4.17 7.28 -3.41
N LYS A 43 -3.19 8.07 -2.98
CA LYS A 43 -2.48 7.83 -1.73
C LYS A 43 -3.44 7.92 -0.54
N ARG A 44 -4.36 8.90 -0.59
CA ARG A 44 -5.33 9.11 0.48
C ARG A 44 -6.22 7.88 0.70
N LEU A 45 -6.74 7.34 -0.39
CA LEU A 45 -7.62 6.15 -0.32
C LEU A 45 -6.82 4.87 -0.10
N PHE A 46 -5.56 4.84 -0.56
CA PHE A 46 -4.68 3.69 -0.37
C PHE A 46 -4.47 3.41 1.14
N LEU A 47 -4.14 4.46 1.90
CA LEU A 47 -3.97 4.34 3.34
C LEU A 47 -5.28 3.93 4.01
N GLN A 48 -6.38 4.49 3.53
CA GLN A 48 -7.70 4.18 4.08
C GLN A 48 -8.05 2.69 3.86
N PHE A 49 -7.69 2.18 2.67
CA PHE A 49 -7.97 0.79 2.31
C PHE A 49 -7.26 -0.21 3.25
N THR A 50 -5.96 -0.03 3.48
CA THR A 50 -5.17 -1.01 4.27
C THR A 50 -5.05 -0.67 5.76
N THR A 51 -4.99 0.63 6.10
CA THR A 51 -4.84 1.03 7.52
C THR A 51 -6.01 1.91 8.01
N GLY A 52 -6.89 2.33 7.10
CA GLY A 52 -8.02 3.17 7.50
C GLY A 52 -7.58 4.56 7.92
N THR A 53 -6.48 5.03 7.35
CA THR A 53 -5.90 6.33 7.69
C THR A 53 -5.90 7.26 6.47
N ASP A 54 -6.29 8.51 6.70
CA ASP A 54 -6.31 9.54 5.66
C ASP A 54 -4.90 9.78 5.11
N ARG A 55 -4.81 10.55 4.01
CA ARG A 55 -3.51 10.83 3.35
C ARG A 55 -2.40 11.19 4.35
N ALA A 56 -1.15 11.20 3.89
CA ALA A 56 0.01 11.41 4.76
C ALA A 56 -0.15 12.66 5.67
N PRO A 57 -0.20 12.48 7.03
CA PRO A 57 -0.30 13.58 7.97
C PRO A 57 1.06 14.22 8.23
N VAL A 58 1.06 15.36 8.92
CA VAL A 58 2.31 16.06 9.26
C VAL A 58 3.21 15.13 10.10
N GLY A 59 2.59 14.40 11.04
CA GLY A 59 3.34 13.45 11.85
C GLY A 59 3.82 12.26 11.02
N GLY A 60 4.84 11.57 11.51
CA GLY A 60 5.41 10.46 10.76
C GLY A 60 4.51 9.23 10.72
N LEU A 61 4.58 8.48 9.63
CA LEU A 61 3.83 7.23 9.50
C LEU A 61 4.59 6.04 10.11
N GLY A 62 5.88 6.23 10.41
CA GLY A 62 6.66 5.19 11.06
C GLY A 62 6.08 4.80 12.42
N LYS A 63 5.23 5.68 12.96
CA LYS A 63 4.54 5.45 14.21
C LYS A 63 3.48 4.34 14.06
N LEU A 64 2.92 4.20 12.86
CA LEU A 64 1.92 3.19 12.57
C LEU A 64 2.57 1.91 12.06
N LYS A 65 2.04 0.77 12.48
CA LYS A 65 2.59 -0.53 12.09
C LYS A 65 1.91 -1.04 10.81
N MET A 66 2.71 -1.33 9.80
CA MET A 66 2.21 -1.85 8.51
C MET A 66 2.81 -3.22 8.22
N ILE A 67 1.96 -4.16 7.83
CA ILE A 67 2.40 -5.52 7.52
C ILE A 67 1.96 -5.92 6.11
N ILE A 68 2.92 -6.39 5.29
CA ILE A 68 2.63 -6.84 3.93
C ILE A 68 2.72 -8.36 3.85
N ALA A 69 1.64 -8.98 3.37
CA ALA A 69 1.57 -10.44 3.25
C ALA A 69 1.28 -10.87 1.81
N LYS A 70 1.88 -11.98 1.42
CA LYS A 70 1.71 -12.53 0.08
C LYS A 70 0.38 -13.27 -0.04
N ASN A 71 -0.50 -12.77 -0.91
CA ASN A 71 -1.78 -13.42 -1.16
C ASN A 71 -1.60 -14.81 -1.79
N GLY A 72 -0.64 -14.89 -2.71
CA GLY A 72 -0.36 -16.16 -3.38
C GLY A 72 0.55 -15.97 -4.60
N PRO A 73 0.67 -16.99 -5.49
CA PRO A 73 1.51 -16.89 -6.70
C PRO A 73 0.93 -15.89 -7.69
N ASP A 74 1.76 -15.41 -8.62
CA ASP A 74 1.34 -14.42 -9.63
C ASP A 74 0.03 -14.84 -10.32
N THR A 75 -1.09 -14.35 -9.79
CA THR A 75 -2.41 -14.67 -10.33
C THR A 75 -3.33 -13.46 -10.31
N GLU A 76 -4.32 -13.45 -11.20
CA GLU A 76 -5.24 -12.32 -11.30
C GLU A 76 -6.35 -12.43 -10.25
N ARG A 77 -6.13 -11.79 -9.11
CA ARG A 77 -7.11 -11.78 -8.01
C ARG A 77 -7.25 -10.39 -7.44
N LEU A 78 -8.45 -10.07 -6.95
CA LEU A 78 -8.71 -8.74 -6.38
C LEU A 78 -7.91 -8.51 -5.07
N PRO A 79 -7.07 -7.42 -5.00
CA PRO A 79 -6.32 -7.07 -3.77
C PRO A 79 -7.25 -6.85 -2.58
N THR A 80 -6.80 -7.28 -1.40
CA THR A 80 -7.60 -7.15 -0.17
C THR A 80 -6.71 -6.71 1.00
N SER A 81 -7.25 -5.84 1.86
CA SER A 81 -6.52 -5.35 3.01
C SER A 81 -7.47 -5.09 4.19
N HIS A 82 -6.92 -5.04 5.40
CA HIS A 82 -7.72 -4.80 6.61
C HIS A 82 -7.12 -3.65 7.42
N THR A 83 -7.97 -2.70 7.79
CA THR A 83 -7.53 -1.54 8.58
C THR A 83 -7.38 -1.89 10.07
N ALA A 84 -8.07 -2.94 10.51
CA ALA A 84 -8.02 -3.37 11.91
C ALA A 84 -6.61 -3.81 12.31
N PHE A 85 -5.93 -4.53 11.42
CA PHE A 85 -4.58 -5.06 11.70
C PHE A 85 -3.51 -4.43 10.79
N ASN A 86 -3.92 -3.57 9.84
CA ASN A 86 -2.98 -2.93 8.92
C ASN A 86 -2.22 -3.97 8.06
N VAL A 87 -2.97 -4.96 7.54
CA VAL A 87 -2.37 -6.02 6.73
C VAL A 87 -2.78 -5.90 5.25
N LEU A 88 -1.78 -5.80 4.38
CA LEU A 88 -2.01 -5.73 2.95
C LEU A 88 -1.81 -7.11 2.33
N LEU A 89 -2.88 -7.66 1.75
CA LEU A 89 -2.81 -8.95 1.10
C LEU A 89 -2.81 -8.76 -0.41
N LEU A 90 -1.61 -8.84 -1.01
CA LEU A 90 -1.45 -8.62 -2.44
C LEU A 90 -0.62 -9.78 -3.06
N PRO A 91 -1.17 -10.55 -4.04
CA PRO A 91 -0.44 -11.66 -4.68
C PRO A 91 0.78 -11.17 -5.44
N GLU A 92 1.82 -12.01 -5.48
CA GLU A 92 3.09 -11.62 -6.10
C GLU A 92 2.95 -11.52 -7.61
N TYR A 93 2.74 -10.32 -8.12
CA TYR A 93 2.62 -10.10 -9.55
C TYR A 93 3.99 -10.06 -10.22
N SER A 94 4.04 -10.51 -11.46
CA SER A 94 5.30 -10.52 -12.23
C SER A 94 5.60 -9.18 -12.90
N SER A 95 4.64 -8.24 -12.86
CA SER A 95 4.82 -6.92 -13.49
C SER A 95 4.23 -5.80 -12.62
N LYS A 96 4.94 -4.66 -12.56
CA LYS A 96 4.49 -3.52 -11.76
C LYS A 96 3.15 -2.96 -12.27
N GLU A 97 2.92 -3.07 -13.59
CA GLU A 97 1.66 -2.62 -14.18
C GLU A 97 0.53 -3.54 -13.73
N LYS A 98 0.82 -4.83 -13.67
CA LYS A 98 -0.17 -5.84 -13.29
C LYS A 98 -0.66 -5.60 -11.86
N LEU A 99 0.25 -5.23 -10.96
CA LEU A 99 -0.11 -4.94 -9.58
C LEU A 99 -0.71 -3.53 -9.44
N LYS A 100 -0.21 -2.60 -10.25
CA LYS A 100 -0.72 -1.22 -10.24
C LYS A 100 -2.20 -1.16 -10.64
N GLU A 101 -2.54 -1.86 -11.72
CA GLU A 101 -3.91 -1.86 -12.22
C GLU A 101 -4.89 -2.51 -11.23
N ARG A 102 -4.53 -3.70 -10.72
CA ARG A 102 -5.36 -4.39 -9.73
C ARG A 102 -5.44 -3.59 -8.42
N LEU A 103 -4.29 -3.07 -7.99
CA LEU A 103 -4.20 -2.31 -6.75
C LEU A 103 -5.04 -1.05 -6.80
N LEU A 104 -4.95 -0.32 -7.92
CA LEU A 104 -5.68 0.93 -8.09
C LEU A 104 -7.21 0.72 -8.01
N LYS A 105 -7.70 -0.30 -8.71
CA LYS A 105 -9.13 -0.61 -8.70
C LYS A 105 -9.59 -1.07 -7.31
N ALA A 106 -8.77 -1.87 -6.64
CA ALA A 106 -9.10 -2.42 -5.32
C ALA A 106 -9.27 -1.31 -4.28
N ILE A 107 -8.39 -0.32 -4.32
CA ILE A 107 -8.41 0.75 -3.34
C ILE A 107 -9.56 1.73 -3.59
N THR A 108 -9.88 1.97 -4.85
CA THR A 108 -10.98 2.89 -5.20
C THR A 108 -12.34 2.25 -4.91
N TYR A 109 -12.48 0.97 -5.25
CA TYR A 109 -13.73 0.24 -5.01
C TYR A 109 -14.05 0.16 -3.51
N ALA A 110 -13.04 -0.26 -2.73
CA ALA A 110 -13.20 -0.40 -1.28
C ALA A 110 -13.27 0.95 -0.58
N LYS A 111 -14.09 1.03 0.45
CA LYS A 111 -14.23 2.26 1.23
C LYS A 111 -13.24 2.31 2.42
N GLY A 112 -12.52 1.19 2.66
CA GLY A 112 -11.55 1.14 3.74
C GLY A 112 -12.16 1.36 5.11
N PHE A 113 -11.75 2.44 5.79
CA PHE A 113 -12.23 2.76 7.14
C PHE A 113 -13.76 2.92 7.15
N GLY A 114 -14.30 3.69 6.20
CA GLY A 114 -15.73 3.88 6.12
C GLY A 114 -16.46 2.59 5.77
N MET A 115 -17.59 2.33 6.44
CA MET A 115 -18.37 1.11 6.19
C MET A 115 -19.86 1.41 6.20
N LEU A 116 -20.61 0.72 5.36
CA LEU A 116 -22.06 0.90 5.26
C LEU A 116 -22.81 -0.28 5.90
N GLY A 1 9.52 22.60 7.64
CA GLY A 1 10.38 21.94 6.62
C GLY A 1 9.75 20.67 6.05
N PRO A 2 8.52 20.76 5.46
CA PRO A 2 7.84 19.58 4.89
C PRO A 2 8.52 19.09 3.61
N SER A 3 8.31 17.81 3.30
CA SER A 3 8.90 17.20 2.10
C SER A 3 8.34 17.86 0.83
N ARG A 4 8.71 17.32 -0.34
CA ARG A 4 8.27 17.87 -1.63
C ARG A 4 6.75 17.82 -1.76
N ASN A 5 6.16 16.72 -1.29
CA ASN A 5 4.70 16.55 -1.30
C ASN A 5 4.23 15.72 -0.11
N LEU A 6 4.32 14.38 -0.23
CA LEU A 6 3.91 13.47 0.85
C LEU A 6 5.08 12.57 1.25
N ASP A 7 5.28 12.40 2.57
CA ASP A 7 6.38 11.59 3.10
C ASP A 7 5.92 10.19 3.52
N PHE A 8 6.03 9.23 2.59
CA PHE A 8 5.65 7.83 2.87
C PHE A 8 6.87 6.94 3.19
N GLN A 9 8.07 7.52 3.24
CA GLN A 9 9.28 6.77 3.57
C GLN A 9 9.21 6.22 4.99
N ALA A 10 8.68 7.04 5.91
CA ALA A 10 8.53 6.62 7.31
C ALA A 10 7.59 5.42 7.41
N LEU A 11 6.53 5.43 6.60
CA LEU A 11 5.58 4.32 6.53
C LEU A 11 6.30 3.04 6.07
N GLU A 12 7.16 3.21 5.07
CA GLU A 12 7.93 2.12 4.51
C GLU A 12 8.86 1.49 5.55
N GLU A 13 9.47 2.34 6.38
CA GLU A 13 10.42 1.87 7.40
C GLU A 13 9.75 0.92 8.39
N THR A 14 8.51 1.24 8.78
CA THR A 14 7.76 0.42 9.72
C THR A 14 7.16 -0.83 9.05
N THR A 15 6.88 -0.74 7.73
CA THR A 15 6.26 -1.86 6.99
C THR A 15 6.96 -3.22 7.29
N GLU A 16 6.19 -4.31 7.18
CA GLU A 16 6.73 -5.65 7.39
C GLU A 16 6.54 -6.50 6.14
N TYR A 17 7.43 -7.46 5.95
CA TYR A 17 7.39 -8.34 4.77
C TYR A 17 7.20 -9.78 5.18
N ASP A 18 6.64 -10.58 4.26
CA ASP A 18 6.42 -12.00 4.52
C ASP A 18 7.66 -12.81 4.21
N GLY A 19 7.59 -14.10 4.53
CA GLY A 19 8.71 -14.97 4.26
C GLY A 19 8.87 -15.22 2.78
N GLY A 20 10.08 -14.98 2.29
CA GLY A 20 10.37 -15.16 0.87
C GLY A 20 10.81 -13.88 0.16
N TYR A 21 10.43 -12.71 0.71
CA TYR A 21 10.85 -11.43 0.09
C TYR A 21 10.91 -10.27 1.08
N THR A 22 11.64 -9.22 0.68
CA THR A 22 11.84 -8.01 1.49
C THR A 22 11.53 -6.75 0.66
N ARG A 23 11.82 -5.57 1.20
CA ARG A 23 11.55 -4.31 0.50
C ARG A 23 12.33 -4.22 -0.81
N ASP A 24 13.58 -4.69 -0.77
CA ASP A 24 14.46 -4.66 -1.95
C ASP A 24 13.96 -5.60 -3.07
N SER A 25 13.04 -6.51 -2.74
CA SER A 25 12.52 -7.46 -3.73
C SER A 25 11.71 -6.74 -4.79
N VAL A 26 11.51 -7.40 -5.92
CA VAL A 26 10.79 -6.82 -7.05
C VAL A 26 9.34 -6.46 -6.67
N LEU A 27 8.65 -7.38 -6.00
CA LEU A 27 7.23 -7.16 -5.67
C LEU A 27 7.02 -5.93 -4.78
N ILE A 28 7.77 -5.85 -3.66
CA ILE A 28 7.62 -4.71 -2.75
C ILE A 28 8.23 -3.43 -3.34
N ARG A 29 9.41 -3.56 -3.95
CA ARG A 29 10.10 -2.40 -4.54
C ARG A 29 9.28 -1.76 -5.65
N GLU A 30 8.78 -2.57 -6.58
CA GLU A 30 7.96 -2.04 -7.68
C GLU A 30 6.65 -1.46 -7.16
N PHE A 31 6.09 -2.12 -6.16
CA PHE A 31 4.85 -1.69 -5.52
C PHE A 31 5.02 -0.29 -4.91
N TRP A 32 6.11 -0.11 -4.16
CA TRP A 32 6.40 1.17 -3.53
C TRP A 32 6.59 2.28 -4.56
N GLU A 33 7.26 1.97 -5.66
CA GLU A 33 7.49 2.97 -6.71
C GLU A 33 6.15 3.46 -7.28
N ILE A 34 5.22 2.53 -7.45
CA ILE A 34 3.89 2.84 -7.94
C ILE A 34 3.11 3.67 -6.89
N VAL A 35 3.16 3.24 -5.63
CA VAL A 35 2.41 3.91 -4.54
C VAL A 35 2.91 5.36 -4.35
N HIS A 36 4.22 5.53 -4.30
CA HIS A 36 4.82 6.86 -4.12
C HIS A 36 4.50 7.76 -5.31
N SER A 37 4.54 7.16 -6.50
CA SER A 37 4.27 7.89 -7.74
C SER A 37 2.79 8.26 -7.91
N PHE A 38 1.90 7.57 -7.17
CA PHE A 38 0.46 7.84 -7.30
C PHE A 38 0.12 9.25 -6.82
N THR A 39 -1.06 9.73 -7.20
CA THR A 39 -1.50 11.07 -6.84
C THR A 39 -1.85 11.15 -5.36
N ASP A 40 -1.99 12.38 -4.85
CA ASP A 40 -2.32 12.60 -3.44
C ASP A 40 -3.66 11.95 -3.07
N GLU A 41 -4.65 12.09 -3.97
CA GLU A 41 -5.98 11.52 -3.74
C GLU A 41 -5.91 10.00 -3.63
N GLN A 42 -5.14 9.38 -4.54
CA GLN A 42 -4.99 7.92 -4.54
C GLN A 42 -4.33 7.43 -3.26
N LYS A 43 -3.34 8.18 -2.79
CA LYS A 43 -2.63 7.85 -1.57
C LYS A 43 -3.56 7.89 -0.35
N ARG A 44 -4.48 8.87 -0.34
CA ARG A 44 -5.46 9.01 0.75
C ARG A 44 -6.36 7.76 0.85
N LEU A 45 -6.85 7.29 -0.29
CA LEU A 45 -7.70 6.08 -0.32
C LEU A 45 -6.88 4.83 -0.01
N PHE A 46 -5.65 4.81 -0.54
CA PHE A 46 -4.74 3.69 -0.33
C PHE A 46 -4.45 3.50 1.17
N LEU A 47 -4.14 4.60 1.85
CA LEU A 47 -3.87 4.54 3.30
C LEU A 47 -5.09 4.09 4.08
N GLN A 48 -6.27 4.59 3.70
CA GLN A 48 -7.52 4.21 4.37
C GLN A 48 -7.82 2.73 4.19
N PHE A 49 -7.62 2.24 2.97
CA PHE A 49 -7.86 0.84 2.65
C PHE A 49 -6.94 -0.09 3.45
N THR A 50 -5.64 0.22 3.45
CA THR A 50 -4.65 -0.59 4.14
C THR A 50 -4.74 -0.49 5.68
N THR A 51 -4.83 0.74 6.21
CA THR A 51 -4.82 0.95 7.68
C THR A 51 -5.94 1.87 8.18
N GLY A 52 -6.77 2.39 7.27
CA GLY A 52 -7.84 3.32 7.69
C GLY A 52 -7.29 4.67 8.10
N THR A 53 -6.16 5.06 7.50
CA THR A 53 -5.49 6.32 7.83
C THR A 53 -5.58 7.30 6.65
N ASP A 54 -5.94 8.53 6.96
CA ASP A 54 -6.04 9.60 5.96
C ASP A 54 -4.67 9.91 5.37
N ARG A 55 -4.63 10.71 4.28
CA ARG A 55 -3.37 11.07 3.58
C ARG A 55 -2.26 11.44 4.57
N ALA A 56 -1.02 11.49 4.06
CA ALA A 56 0.15 11.72 4.92
C ALA A 56 0.05 13.06 5.69
N PRO A 57 -0.01 13.00 7.07
CA PRO A 57 -0.05 14.20 7.91
C PRO A 57 1.34 14.78 8.14
N VAL A 58 1.40 15.99 8.70
CA VAL A 58 2.69 16.65 8.99
C VAL A 58 3.59 15.75 9.88
N GLY A 59 2.99 14.79 10.58
CA GLY A 59 3.74 13.86 11.41
C GLY A 59 4.27 12.70 10.60
N GLY A 60 4.83 11.70 11.31
CA GLY A 60 5.39 10.54 10.62
C GLY A 60 4.45 9.35 10.60
N LEU A 61 4.49 8.59 9.49
CA LEU A 61 3.65 7.40 9.35
C LEU A 61 4.30 6.16 10.02
N GLY A 62 5.59 6.28 10.38
CA GLY A 62 6.29 5.18 11.00
C GLY A 62 5.69 4.74 12.34
N LYS A 63 4.89 5.63 12.94
CA LYS A 63 4.23 5.32 14.21
C LYS A 63 3.13 4.27 14.04
N LEU A 64 2.66 4.07 12.80
CA LEU A 64 1.65 3.07 12.49
C LEU A 64 2.30 1.83 11.89
N LYS A 65 1.86 0.65 12.34
CA LYS A 65 2.44 -0.62 11.88
C LYS A 65 1.73 -1.15 10.63
N MET A 66 2.53 -1.45 9.60
CA MET A 66 2.00 -2.00 8.33
C MET A 66 2.62 -3.36 8.05
N ILE A 67 1.78 -4.33 7.66
CA ILE A 67 2.24 -5.70 7.36
C ILE A 67 1.94 -6.08 5.91
N ILE A 68 2.95 -6.62 5.21
CA ILE A 68 2.78 -7.08 3.83
C ILE A 68 2.88 -8.61 3.78
N ALA A 69 1.83 -9.25 3.26
CA ALA A 69 1.76 -10.71 3.16
C ALA A 69 1.41 -11.17 1.75
N LYS A 70 2.05 -12.25 1.33
CA LYS A 70 1.83 -12.82 -0.01
C LYS A 70 0.53 -13.61 -0.07
N ASN A 71 -0.39 -13.19 -0.95
CA ASN A 71 -1.64 -13.93 -1.13
C ASN A 71 -1.36 -15.31 -1.72
N GLY A 72 -0.45 -15.35 -2.69
CA GLY A 72 -0.08 -16.60 -3.33
C GLY A 72 0.74 -16.35 -4.60
N PRO A 73 0.77 -17.30 -5.55
CA PRO A 73 1.52 -17.13 -6.80
C PRO A 73 0.85 -16.08 -7.69
N ASP A 74 1.59 -15.58 -8.69
CA ASP A 74 1.04 -14.55 -9.62
C ASP A 74 -0.33 -14.97 -10.17
N THR A 75 -1.37 -14.23 -9.75
CA THR A 75 -2.74 -14.50 -10.19
C THR A 75 -3.53 -13.21 -10.35
N GLU A 76 -4.52 -13.24 -11.23
CA GLU A 76 -5.36 -12.06 -11.50
C GLU A 76 -6.54 -12.01 -10.54
N ARG A 77 -6.40 -11.20 -9.49
CA ARG A 77 -7.44 -11.02 -8.50
C ARG A 77 -7.25 -9.69 -7.76
N LEU A 78 -8.35 -9.10 -7.33
CA LEU A 78 -8.31 -7.82 -6.63
C LEU A 78 -7.63 -7.97 -5.25
N PRO A 79 -6.58 -7.15 -4.94
CA PRO A 79 -5.90 -7.20 -3.63
C PRO A 79 -6.85 -6.90 -2.48
N THR A 80 -6.54 -7.46 -1.30
CA THR A 80 -7.38 -7.26 -0.11
C THR A 80 -6.55 -6.73 1.05
N SER A 81 -7.17 -5.89 1.88
CA SER A 81 -6.48 -5.31 3.03
C SER A 81 -7.42 -5.15 4.22
N HIS A 82 -6.84 -5.03 5.41
CA HIS A 82 -7.63 -4.84 6.63
C HIS A 82 -7.10 -3.66 7.43
N THR A 83 -8.01 -2.79 7.87
CA THR A 83 -7.64 -1.61 8.64
C THR A 83 -7.52 -1.93 10.12
N ALA A 84 -8.44 -2.76 10.63
CA ALA A 84 -8.41 -3.17 12.04
C ALA A 84 -7.13 -3.93 12.35
N PHE A 85 -6.72 -4.79 11.42
CA PHE A 85 -5.49 -5.59 11.57
C PHE A 85 -4.27 -4.92 10.88
N ASN A 86 -4.52 -3.91 10.03
CA ASN A 86 -3.44 -3.19 9.33
C ASN A 86 -2.55 -4.14 8.52
N VAL A 87 -3.18 -5.08 7.80
CA VAL A 87 -2.45 -6.05 6.97
C VAL A 87 -2.84 -5.94 5.50
N LEU A 88 -1.86 -6.06 4.62
CA LEU A 88 -2.06 -5.99 3.17
C LEU A 88 -1.82 -7.36 2.54
N LEU A 89 -2.89 -7.98 2.03
CA LEU A 89 -2.76 -9.30 1.40
C LEU A 89 -2.94 -9.21 -0.10
N LEU A 90 -1.84 -9.40 -0.83
CA LEU A 90 -1.90 -9.38 -2.29
C LEU A 90 -0.96 -10.44 -2.89
N PRO A 91 -1.34 -11.09 -4.02
CA PRO A 91 -0.48 -12.08 -4.68
C PRO A 91 0.71 -11.45 -5.35
N GLU A 92 1.76 -12.25 -5.53
CA GLU A 92 2.99 -11.77 -6.14
C GLU A 92 2.80 -11.65 -7.63
N TYR A 93 2.55 -10.42 -8.10
CA TYR A 93 2.34 -10.18 -9.52
C TYR A 93 3.67 -10.18 -10.26
N SER A 94 3.69 -10.84 -11.41
CA SER A 94 4.88 -10.93 -12.23
C SER A 94 5.32 -9.56 -12.78
N SER A 95 4.36 -8.64 -12.93
CA SER A 95 4.65 -7.30 -13.48
C SER A 95 4.08 -6.17 -12.62
N LYS A 96 4.80 -5.05 -12.59
CA LYS A 96 4.38 -3.87 -11.84
C LYS A 96 3.07 -3.28 -12.38
N GLU A 97 2.85 -3.46 -13.69
CA GLU A 97 1.61 -2.99 -14.33
C GLU A 97 0.43 -3.82 -13.82
N LYS A 98 0.65 -5.13 -13.69
CA LYS A 98 -0.39 -6.05 -13.24
C LYS A 98 -0.86 -5.70 -11.83
N LEU A 99 0.10 -5.38 -10.95
CA LEU A 99 -0.24 -5.00 -9.58
C LEU A 99 -0.73 -3.56 -9.51
N LYS A 100 -0.19 -2.70 -10.37
CA LYS A 100 -0.58 -1.28 -10.42
C LYS A 100 -2.05 -1.14 -10.79
N GLU A 101 -2.47 -1.88 -11.82
CA GLU A 101 -3.86 -1.82 -12.29
C GLU A 101 -4.83 -2.51 -11.32
N ARG A 102 -4.44 -3.68 -10.83
CA ARG A 102 -5.28 -4.44 -9.88
C ARG A 102 -5.42 -3.71 -8.53
N LEU A 103 -4.33 -3.12 -8.06
CA LEU A 103 -4.34 -2.43 -6.77
C LEU A 103 -5.07 -1.09 -6.85
N LEU A 104 -4.84 -0.37 -7.95
CA LEU A 104 -5.46 0.94 -8.15
C LEU A 104 -6.98 0.82 -8.18
N LYS A 105 -7.48 -0.15 -8.94
CA LYS A 105 -8.91 -0.41 -9.05
C LYS A 105 -9.50 -0.82 -7.70
N ALA A 106 -8.79 -1.69 -7.00
CA ALA A 106 -9.24 -2.20 -5.71
C ALA A 106 -9.39 -1.09 -4.66
N ILE A 107 -8.45 -0.14 -4.65
CA ILE A 107 -8.47 0.93 -3.65
C ILE A 107 -9.56 1.97 -3.93
N THR A 108 -9.86 2.19 -5.22
CA THR A 108 -10.88 3.16 -5.62
C THR A 108 -12.29 2.57 -5.49
N TYR A 109 -12.44 1.32 -5.91
CA TYR A 109 -13.73 0.62 -5.85
C TYR A 109 -14.22 0.52 -4.39
N ALA A 110 -13.33 0.05 -3.50
CA ALA A 110 -13.68 -0.11 -2.09
C ALA A 110 -13.98 1.23 -1.43
N LYS A 111 -15.04 1.27 -0.63
CA LYS A 111 -15.44 2.48 0.07
C LYS A 111 -14.39 2.90 1.10
N GLY A 112 -13.82 1.92 1.79
CA GLY A 112 -12.81 2.19 2.80
C GLY A 112 -13.40 2.27 4.20
N PHE A 113 -12.54 2.19 5.22
CA PHE A 113 -13.00 2.25 6.61
C PHE A 113 -11.81 2.36 7.59
N GLY A 114 -12.08 2.15 8.88
CA GLY A 114 -11.04 2.24 9.90
C GLY A 114 -11.04 3.57 10.63
N MET A 115 -10.41 3.61 11.80
CA MET A 115 -10.35 4.82 12.61
C MET A 115 -8.95 5.02 13.20
N LEU A 116 -8.45 6.25 13.14
CA LEU A 116 -7.12 6.57 13.66
C LEU A 116 -7.17 6.80 15.17
N GLY A 1 3.53 16.41 -12.69
CA GLY A 1 4.85 16.74 -12.11
C GLY A 1 4.75 17.54 -10.81
N PRO A 2 4.18 16.95 -9.72
CA PRO A 2 4.04 17.64 -8.42
C PRO A 2 5.39 18.14 -7.89
N SER A 3 6.46 17.41 -8.21
CA SER A 3 7.83 17.72 -7.74
C SER A 3 8.03 17.30 -6.28
N ARG A 4 7.16 17.80 -5.41
CA ARG A 4 7.21 17.44 -3.99
C ARG A 4 6.23 16.29 -3.71
N ASN A 5 6.74 15.07 -3.78
CA ASN A 5 5.93 13.88 -3.58
C ASN A 5 5.67 13.63 -2.10
N LEU A 6 4.58 12.90 -1.82
CA LEU A 6 4.20 12.56 -0.45
C LEU A 6 5.29 11.73 0.23
N ASP A 7 5.62 12.09 1.47
CA ASP A 7 6.69 11.40 2.20
C ASP A 7 6.21 10.09 2.83
N PHE A 8 6.29 9.01 2.07
CA PHE A 8 5.92 7.66 2.56
C PHE A 8 7.13 6.81 2.97
N GLN A 9 8.34 7.40 2.93
CA GLN A 9 9.56 6.67 3.32
C GLN A 9 9.48 6.22 4.78
N ALA A 10 8.96 7.10 5.63
CA ALA A 10 8.80 6.78 7.06
C ALA A 10 7.87 5.58 7.23
N LEU A 11 6.81 5.55 6.42
CA LEU A 11 5.88 4.42 6.43
C LEU A 11 6.60 3.13 5.97
N GLU A 12 7.43 3.27 4.92
CA GLU A 12 8.16 2.15 4.35
C GLU A 12 9.11 1.49 5.36
N GLU A 13 9.85 2.31 6.10
CA GLU A 13 10.80 1.78 7.09
C GLU A 13 10.08 1.03 8.21
N THR A 14 8.86 1.45 8.53
CA THR A 14 8.04 0.76 9.52
C THR A 14 7.35 -0.48 8.91
N THR A 15 7.11 -0.43 7.59
CA THR A 15 6.43 -1.53 6.87
C THR A 15 7.18 -2.87 7.06
N GLU A 16 6.41 -3.94 7.25
CA GLU A 16 6.97 -5.28 7.48
C GLU A 16 6.76 -6.17 6.27
N TYR A 17 7.29 -7.38 6.35
CA TYR A 17 7.18 -8.35 5.25
C TYR A 17 6.81 -9.74 5.77
N ASP A 18 6.13 -10.51 4.92
CA ASP A 18 5.72 -11.88 5.26
C ASP A 18 5.68 -12.74 4.00
N GLY A 19 6.46 -13.82 3.98
CA GLY A 19 6.51 -14.71 2.82
C GLY A 19 7.91 -14.89 2.25
N GLY A 20 8.94 -14.65 3.07
CA GLY A 20 10.32 -14.84 2.62
C GLY A 20 10.79 -13.78 1.63
N TYR A 21 10.29 -12.55 1.78
CA TYR A 21 10.69 -11.44 0.91
C TYR A 21 10.84 -10.14 1.70
N THR A 22 11.56 -9.18 1.12
CA THR A 22 11.81 -7.89 1.76
C THR A 22 11.47 -6.74 0.79
N ARG A 23 11.77 -5.51 1.20
CA ARG A 23 11.51 -4.34 0.36
C ARG A 23 12.31 -4.40 -0.94
N ASP A 24 13.54 -4.90 -0.86
CA ASP A 24 14.42 -5.02 -2.03
C ASP A 24 13.81 -5.96 -3.09
N SER A 25 12.90 -6.84 -2.67
CA SER A 25 12.23 -7.77 -3.59
C SER A 25 11.51 -7.01 -4.71
N VAL A 26 11.38 -7.65 -5.87
CA VAL A 26 10.77 -7.01 -7.03
C VAL A 26 9.30 -6.61 -6.75
N LEU A 27 8.55 -7.49 -6.10
CA LEU A 27 7.13 -7.22 -5.82
C LEU A 27 6.95 -5.98 -4.92
N ILE A 28 7.67 -5.95 -3.80
CA ILE A 28 7.55 -4.82 -2.86
C ILE A 28 8.22 -3.56 -3.44
N ARG A 29 9.40 -3.75 -4.02
CA ARG A 29 10.17 -2.63 -4.58
C ARG A 29 9.38 -1.91 -5.69
N GLU A 30 8.81 -2.69 -6.63
CA GLU A 30 8.01 -2.12 -7.70
C GLU A 30 6.73 -1.51 -7.14
N PHE A 31 6.13 -2.19 -6.16
CA PHE A 31 4.89 -1.75 -5.52
C PHE A 31 5.07 -0.36 -4.90
N TRP A 32 6.16 -0.18 -4.16
CA TRP A 32 6.45 1.10 -3.52
C TRP A 32 6.62 2.21 -4.53
N GLU A 33 7.22 1.89 -5.69
CA GLU A 33 7.40 2.88 -6.75
C GLU A 33 6.06 3.43 -7.23
N ILE A 34 5.07 2.55 -7.38
CA ILE A 34 3.71 2.96 -7.74
C ILE A 34 3.09 3.85 -6.63
N VAL A 35 3.22 3.42 -5.37
CA VAL A 35 2.64 4.15 -4.24
C VAL A 35 3.24 5.57 -4.12
N HIS A 36 4.55 5.65 -4.21
CA HIS A 36 5.25 6.93 -4.11
C HIS A 36 4.90 7.84 -5.29
N SER A 37 4.77 7.24 -6.48
CA SER A 37 4.45 7.98 -7.71
C SER A 37 2.94 8.27 -7.85
N PHE A 38 2.11 7.70 -6.96
CA PHE A 38 0.66 7.89 -7.02
C PHE A 38 0.27 9.35 -6.73
N THR A 39 -0.96 9.70 -7.11
CA THR A 39 -1.50 11.02 -6.85
C THR A 39 -1.93 11.15 -5.40
N ASP A 40 -2.08 12.39 -4.92
CA ASP A 40 -2.46 12.65 -3.53
C ASP A 40 -3.82 12.00 -3.21
N GLU A 41 -4.77 12.12 -4.12
CA GLU A 41 -6.10 11.53 -3.95
C GLU A 41 -6.00 10.01 -3.81
N GLN A 42 -5.19 9.39 -4.68
CA GLN A 42 -5.00 7.95 -4.66
C GLN A 42 -4.34 7.50 -3.35
N LYS A 43 -3.40 8.29 -2.86
CA LYS A 43 -2.72 8.01 -1.59
C LYS A 43 -3.71 8.06 -0.42
N ARG A 44 -4.62 9.02 -0.46
CA ARG A 44 -5.65 9.16 0.58
C ARG A 44 -6.56 7.93 0.67
N LEU A 45 -6.94 7.40 -0.49
CA LEU A 45 -7.79 6.19 -0.52
C LEU A 45 -6.97 4.93 -0.29
N PHE A 46 -5.69 4.94 -0.69
CA PHE A 46 -4.79 3.81 -0.49
C PHE A 46 -4.62 3.50 1.02
N LEU A 47 -4.34 4.55 1.82
CA LEU A 47 -4.18 4.38 3.27
C LEU A 47 -5.48 3.95 3.92
N GLN A 48 -6.60 4.53 3.45
CA GLN A 48 -7.91 4.16 3.99
C GLN A 48 -8.21 2.68 3.73
N PHE A 49 -7.86 2.22 2.54
CA PHE A 49 -8.05 0.82 2.15
C PHE A 49 -7.23 -0.16 3.03
N THR A 50 -5.94 0.14 3.20
CA THR A 50 -5.01 -0.77 3.92
C THR A 50 -5.03 -0.59 5.45
N THR A 51 -5.00 0.66 5.92
CA THR A 51 -4.92 0.95 7.38
C THR A 51 -6.20 1.61 7.92
N GLY A 52 -7.09 2.05 7.03
CA GLY A 52 -8.35 2.66 7.44
C GLY A 52 -8.32 4.18 7.53
N THR A 53 -7.12 4.80 7.48
CA THR A 53 -7.03 6.27 7.55
C THR A 53 -5.78 6.83 6.90
N ASP A 54 -5.95 7.93 6.17
CA ASP A 54 -4.80 8.67 5.62
C ASP A 54 -4.71 10.04 6.28
N ARG A 55 -3.77 10.20 7.19
CA ARG A 55 -3.59 11.48 7.91
C ARG A 55 -2.14 11.90 7.92
N ALA A 56 -1.90 13.18 7.58
CA ALA A 56 -0.55 13.72 7.61
C ALA A 56 -0.25 14.31 8.99
N PRO A 57 0.69 13.69 9.78
CA PRO A 57 1.06 14.20 11.09
C PRO A 57 2.28 15.11 11.01
N VAL A 58 2.56 15.82 12.12
CA VAL A 58 3.76 16.65 12.19
C VAL A 58 5.03 15.78 12.08
N GLY A 59 4.93 14.52 12.54
CA GLY A 59 6.03 13.59 12.45
C GLY A 59 5.92 12.71 11.20
N GLY A 60 6.60 11.57 11.23
CA GLY A 60 6.57 10.66 10.09
C GLY A 60 5.39 9.70 10.13
N LEU A 61 5.27 8.88 9.08
CA LEU A 61 4.21 7.86 9.00
C LEU A 61 4.59 6.57 9.74
N GLY A 62 5.85 6.46 10.16
CA GLY A 62 6.33 5.25 10.82
C GLY A 62 5.63 4.96 12.14
N LYS A 63 4.85 5.91 12.65
CA LYS A 63 4.13 5.71 13.91
C LYS A 63 3.00 4.67 13.73
N LEU A 64 2.56 4.49 12.48
CA LEU A 64 1.54 3.50 12.16
C LEU A 64 2.19 2.26 11.55
N LYS A 65 2.03 1.13 12.22
CA LYS A 65 2.66 -0.12 11.78
C LYS A 65 1.89 -0.77 10.63
N MET A 66 2.62 -1.17 9.59
CA MET A 66 2.03 -1.83 8.42
C MET A 66 2.76 -3.14 8.11
N ILE A 67 2.00 -4.18 7.76
CA ILE A 67 2.56 -5.49 7.44
C ILE A 67 2.06 -5.94 6.05
N ILE A 68 3.00 -6.36 5.20
CA ILE A 68 2.67 -6.82 3.84
C ILE A 68 2.99 -8.33 3.68
N ALA A 69 2.01 -9.10 3.17
CA ALA A 69 2.21 -10.55 2.96
C ALA A 69 1.71 -11.01 1.58
N LYS A 70 2.36 -12.06 1.06
CA LYS A 70 2.04 -12.61 -0.26
C LYS A 70 0.79 -13.49 -0.21
N ASN A 71 -0.20 -13.16 -1.04
CA ASN A 71 -1.42 -13.97 -1.15
C ASN A 71 -1.07 -15.36 -1.70
N GLY A 72 -0.18 -15.37 -2.69
CA GLY A 72 0.23 -16.61 -3.32
C GLY A 72 1.02 -16.36 -4.59
N PRO A 73 1.12 -17.35 -5.52
CA PRO A 73 1.84 -17.16 -6.79
C PRO A 73 1.10 -16.18 -7.69
N ASP A 74 1.80 -15.64 -8.71
CA ASP A 74 1.21 -14.66 -9.65
C ASP A 74 -0.10 -15.18 -10.28
N THR A 75 -1.21 -14.92 -9.58
CA THR A 75 -2.53 -15.35 -10.03
C THR A 75 -3.47 -14.15 -10.07
N GLU A 76 -4.21 -14.03 -11.17
CA GLU A 76 -5.12 -12.90 -11.36
C GLU A 76 -6.23 -12.90 -10.31
N ARG A 77 -6.05 -12.11 -9.26
CA ARG A 77 -7.04 -11.99 -8.17
C ARG A 77 -7.14 -10.54 -7.71
N LEU A 78 -8.32 -10.17 -7.21
CA LEU A 78 -8.54 -8.82 -6.70
C LEU A 78 -7.81 -8.62 -5.35
N PRO A 79 -6.86 -7.63 -5.25
CA PRO A 79 -6.12 -7.38 -4.00
C PRO A 79 -7.06 -7.08 -2.82
N THR A 80 -6.69 -7.56 -1.63
CA THR A 80 -7.50 -7.34 -0.43
C THR A 80 -6.63 -6.84 0.72
N SER A 81 -7.24 -6.07 1.63
CA SER A 81 -6.51 -5.52 2.78
C SER A 81 -7.40 -5.48 4.02
N HIS A 82 -6.77 -5.39 5.20
CA HIS A 82 -7.52 -5.27 6.47
C HIS A 82 -7.10 -4.01 7.21
N THR A 83 -8.02 -3.05 7.31
CA THR A 83 -7.73 -1.79 8.00
C THR A 83 -7.61 -2.01 9.49
N ALA A 84 -8.47 -2.87 10.04
CA ALA A 84 -8.45 -3.17 11.47
C ALA A 84 -7.13 -3.85 11.88
N PHE A 85 -6.66 -4.78 11.04
CA PHE A 85 -5.43 -5.52 11.31
C PHE A 85 -4.18 -4.82 10.72
N ASN A 86 -4.41 -3.83 9.83
CA ASN A 86 -3.30 -3.08 9.20
C ASN A 86 -2.35 -4.01 8.42
N VAL A 87 -2.93 -4.94 7.65
CA VAL A 87 -2.14 -5.90 6.87
C VAL A 87 -2.59 -5.92 5.38
N LEU A 88 -1.62 -5.98 4.46
CA LEU A 88 -1.93 -5.99 3.02
C LEU A 88 -1.73 -7.37 2.42
N LEU A 89 -2.83 -8.02 2.04
CA LEU A 89 -2.78 -9.35 1.45
C LEU A 89 -2.90 -9.26 -0.07
N LEU A 90 -1.78 -9.38 -0.79
CA LEU A 90 -1.81 -9.34 -2.26
C LEU A 90 -0.85 -10.40 -2.85
N PRO A 91 -1.24 -11.08 -3.98
CA PRO A 91 -0.38 -12.08 -4.62
C PRO A 91 0.80 -11.43 -5.34
N GLU A 92 1.86 -12.22 -5.53
CA GLU A 92 3.05 -11.73 -6.19
C GLU A 92 2.81 -11.62 -7.69
N TYR A 93 2.58 -10.40 -8.15
CA TYR A 93 2.32 -10.16 -9.56
C TYR A 93 3.62 -10.14 -10.38
N SER A 94 3.55 -10.71 -11.59
CA SER A 94 4.71 -10.79 -12.46
C SER A 94 5.22 -9.41 -12.90
N SER A 95 4.28 -8.49 -13.20
CA SER A 95 4.64 -7.14 -13.70
C SER A 95 4.05 -6.02 -12.84
N LYS A 96 4.81 -4.92 -12.73
CA LYS A 96 4.38 -3.75 -11.95
C LYS A 96 3.06 -3.18 -12.48
N GLU A 97 2.82 -3.33 -13.78
CA GLU A 97 1.56 -2.88 -14.39
C GLU A 97 0.41 -3.74 -13.88
N LYS A 98 0.67 -5.04 -13.74
CA LYS A 98 -0.33 -6.00 -13.27
C LYS A 98 -0.84 -5.62 -11.88
N LEU A 99 0.10 -5.27 -10.99
CA LEU A 99 -0.26 -4.84 -9.63
C LEU A 99 -0.80 -3.40 -9.65
N LYS A 100 -0.30 -2.60 -10.60
CA LYS A 100 -0.74 -1.21 -10.79
C LYS A 100 -2.24 -1.16 -11.12
N GLU A 101 -2.66 -1.99 -12.07
CA GLU A 101 -4.05 -2.03 -12.50
C GLU A 101 -4.95 -2.72 -11.46
N ARG A 102 -4.51 -3.87 -10.94
CA ARG A 102 -5.30 -4.59 -9.92
C ARG A 102 -5.46 -3.78 -8.64
N LEU A 103 -4.36 -3.18 -8.20
CA LEU A 103 -4.35 -2.40 -6.96
C LEU A 103 -5.19 -1.14 -7.09
N LEU A 104 -5.08 -0.47 -8.24
CA LEU A 104 -5.77 0.79 -8.46
C LEU A 104 -7.30 0.63 -8.35
N LYS A 105 -7.84 -0.38 -9.03
CA LYS A 105 -9.27 -0.66 -8.97
C LYS A 105 -9.71 -1.07 -7.57
N ALA A 106 -8.88 -1.87 -6.91
CA ALA A 106 -9.18 -2.36 -5.56
C ALA A 106 -9.33 -1.22 -4.55
N ILE A 107 -8.43 -0.24 -4.63
CA ILE A 107 -8.44 0.88 -3.70
C ILE A 107 -9.54 1.89 -4.03
N THR A 108 -9.79 2.10 -5.32
CA THR A 108 -10.84 3.02 -5.75
C THR A 108 -12.23 2.45 -5.47
N TYR A 109 -12.39 1.15 -5.70
CA TYR A 109 -13.66 0.45 -5.46
C TYR A 109 -14.05 0.51 -3.98
N ALA A 110 -13.10 0.18 -3.11
CA ALA A 110 -13.35 0.14 -1.67
C ALA A 110 -13.68 1.52 -1.13
N LYS A 111 -14.65 1.56 -0.22
CA LYS A 111 -15.05 2.81 0.42
C LYS A 111 -14.01 3.23 1.45
N GLY A 112 -13.60 4.50 1.41
CA GLY A 112 -12.61 4.99 2.36
C GLY A 112 -13.19 5.04 3.76
N PHE A 113 -12.57 4.30 4.68
CA PHE A 113 -13.03 4.25 6.07
C PHE A 113 -12.98 5.65 6.72
N GLY A 114 -11.83 6.32 6.57
CA GLY A 114 -11.67 7.65 7.16
C GLY A 114 -11.73 7.61 8.67
N MET A 115 -12.06 8.74 9.28
CA MET A 115 -12.18 8.84 10.76
C MET A 115 -12.48 10.29 11.20
N LEU A 116 -11.93 11.26 10.47
CA LEU A 116 -12.11 12.67 10.80
C LEU A 116 -12.02 13.54 9.56
N GLY A 1 10.48 17.51 -11.13
CA GLY A 1 10.56 17.65 -9.65
C GLY A 1 9.58 16.74 -8.92
N PRO A 2 9.66 16.64 -7.56
CA PRO A 2 8.75 15.78 -6.78
C PRO A 2 7.29 16.23 -6.87
N SER A 3 7.08 17.53 -7.15
CA SER A 3 5.72 18.09 -7.26
C SER A 3 4.93 17.91 -5.95
N ARG A 4 5.51 18.38 -4.84
CA ARG A 4 4.87 18.28 -3.53
C ARG A 4 4.60 16.82 -3.14
N ASN A 5 5.56 15.95 -3.44
CA ASN A 5 5.43 14.52 -3.14
C ASN A 5 5.31 14.28 -1.63
N LEU A 6 4.33 13.47 -1.25
CA LEU A 6 4.09 13.18 0.17
C LEU A 6 5.19 12.26 0.70
N ASP A 7 5.54 12.43 1.98
CA ASP A 7 6.60 11.64 2.61
C ASP A 7 6.04 10.32 3.18
N PHE A 8 6.13 9.26 2.38
CA PHE A 8 5.68 7.92 2.79
C PHE A 8 6.87 7.02 3.22
N GLN A 9 8.09 7.59 3.26
CA GLN A 9 9.29 6.82 3.62
C GLN A 9 9.19 6.26 5.04
N ALA A 10 8.65 7.05 5.97
CA ALA A 10 8.49 6.62 7.36
C ALA A 10 7.62 5.37 7.45
N LEU A 11 6.56 5.34 6.63
CA LEU A 11 5.67 4.19 6.56
C LEU A 11 6.46 2.95 6.09
N GLU A 12 7.31 3.17 5.08
CA GLU A 12 8.15 2.12 4.50
C GLU A 12 9.10 1.54 5.55
N GLU A 13 9.65 2.41 6.40
CA GLU A 13 10.61 1.99 7.42
C GLU A 13 9.99 0.99 8.40
N THR A 14 8.72 1.20 8.76
CA THR A 14 8.02 0.29 9.68
C THR A 14 7.23 -0.81 8.97
N THR A 15 7.20 -0.77 7.63
CA THR A 15 6.52 -1.80 6.83
C THR A 15 7.19 -3.17 7.04
N GLU A 16 6.37 -4.18 7.29
CA GLU A 16 6.85 -5.54 7.57
C GLU A 16 6.67 -6.43 6.34
N TYR A 17 7.36 -7.56 6.33
CA TYR A 17 7.29 -8.52 5.22
C TYR A 17 7.05 -9.94 5.71
N ASP A 18 6.36 -10.73 4.89
CA ASP A 18 6.09 -12.14 5.21
C ASP A 18 6.82 -13.07 4.24
N GLY A 19 6.73 -14.37 4.51
CA GLY A 19 7.38 -15.36 3.65
C GLY A 19 8.88 -15.16 3.53
N GLY A 20 9.38 -15.18 2.28
CA GLY A 20 10.80 -15.03 2.03
C GLY A 20 11.11 -13.86 1.10
N TYR A 21 10.62 -12.68 1.45
CA TYR A 21 10.85 -11.47 0.64
C TYR A 21 10.93 -10.22 1.50
N THR A 22 11.52 -9.16 0.95
CA THR A 22 11.73 -7.90 1.67
C THR A 22 11.48 -6.69 0.77
N ARG A 23 11.78 -5.49 1.28
CA ARG A 23 11.53 -4.25 0.54
C ARG A 23 12.31 -4.22 -0.77
N ASP A 24 13.54 -4.71 -0.73
CA ASP A 24 14.40 -4.74 -1.91
C ASP A 24 13.83 -5.66 -3.00
N SER A 25 12.96 -6.60 -2.62
CA SER A 25 12.34 -7.54 -3.56
C SER A 25 11.55 -6.80 -4.64
N VAL A 26 11.39 -7.44 -5.79
CA VAL A 26 10.69 -6.85 -6.93
C VAL A 26 9.23 -6.52 -6.57
N LEU A 27 8.55 -7.44 -5.90
CA LEU A 27 7.13 -7.26 -5.58
C LEU A 27 6.90 -6.04 -4.66
N ILE A 28 7.65 -5.94 -3.57
CA ILE A 28 7.50 -4.80 -2.65
C ILE A 28 8.08 -3.52 -3.25
N ARG A 29 9.26 -3.64 -3.85
CA ARG A 29 9.96 -2.48 -4.43
C ARG A 29 9.13 -1.82 -5.53
N GLU A 30 8.60 -2.65 -6.45
CA GLU A 30 7.75 -2.14 -7.52
C GLU A 30 6.45 -1.58 -6.95
N PHE A 31 5.90 -2.26 -5.95
CA PHE A 31 4.65 -1.85 -5.30
C PHE A 31 4.81 -0.43 -4.70
N TRP A 32 5.93 -0.20 -4.04
CA TRP A 32 6.23 1.09 -3.44
C TRP A 32 6.32 2.18 -4.49
N GLU A 33 6.85 1.84 -5.68
CA GLU A 33 6.96 2.81 -6.77
C GLU A 33 5.57 3.32 -7.16
N ILE A 34 4.59 2.42 -7.22
CA ILE A 34 3.21 2.79 -7.51
C ILE A 34 2.64 3.73 -6.42
N VAL A 35 2.83 3.35 -5.15
CA VAL A 35 2.28 4.13 -4.02
C VAL A 35 2.88 5.55 -3.98
N HIS A 36 4.21 5.64 -4.06
CA HIS A 36 4.90 6.93 -4.02
C HIS A 36 4.55 7.79 -5.24
N SER A 37 4.46 7.14 -6.39
CA SER A 37 4.13 7.82 -7.64
C SER A 37 2.70 8.34 -7.68
N PHE A 38 1.79 7.68 -6.96
CA PHE A 38 0.36 8.04 -6.99
C PHE A 38 0.12 9.43 -6.39
N THR A 39 -0.87 10.13 -6.96
CA THR A 39 -1.23 11.47 -6.52
C THR A 39 -1.77 11.46 -5.08
N ASP A 40 -1.99 12.65 -4.53
CA ASP A 40 -2.47 12.79 -3.15
C ASP A 40 -3.84 12.14 -2.98
N GLU A 41 -4.72 12.30 -3.97
CA GLU A 41 -6.06 11.71 -3.92
C GLU A 41 -6.00 10.18 -3.86
N GLN A 42 -5.14 9.60 -4.69
CA GLN A 42 -4.95 8.16 -4.71
C GLN A 42 -4.31 7.68 -3.42
N LYS A 43 -3.36 8.45 -2.91
CA LYS A 43 -2.69 8.13 -1.65
C LYS A 43 -3.67 8.17 -0.47
N ARG A 44 -4.59 9.13 -0.49
CA ARG A 44 -5.59 9.29 0.56
C ARG A 44 -6.47 8.03 0.69
N LEU A 45 -6.97 7.53 -0.43
CA LEU A 45 -7.82 6.34 -0.43
C LEU A 45 -7.00 5.06 -0.25
N PHE A 46 -5.77 5.06 -0.78
CA PHE A 46 -4.87 3.91 -0.65
C PHE A 46 -4.56 3.64 0.83
N LEU A 47 -4.20 4.70 1.56
CA LEU A 47 -3.88 4.57 2.98
C LEU A 47 -5.08 4.12 3.79
N GLN A 48 -6.27 4.65 3.46
CA GLN A 48 -7.49 4.30 4.16
C GLN A 48 -7.83 2.82 3.99
N PHE A 49 -7.67 2.31 2.78
CA PHE A 49 -7.93 0.91 2.48
C PHE A 49 -7.01 -0.03 3.30
N THR A 50 -5.71 0.24 3.25
CA THR A 50 -4.73 -0.61 3.92
C THR A 50 -4.78 -0.49 5.46
N THR A 51 -4.83 0.74 5.98
CA THR A 51 -4.79 0.97 7.45
C THR A 51 -5.88 1.91 7.96
N GLY A 52 -6.71 2.47 7.06
CA GLY A 52 -7.73 3.42 7.50
C GLY A 52 -7.11 4.76 7.91
N THR A 53 -5.98 5.10 7.30
CA THR A 53 -5.24 6.33 7.63
C THR A 53 -5.33 7.36 6.49
N ASP A 54 -5.63 8.60 6.87
CA ASP A 54 -5.72 9.71 5.93
C ASP A 54 -4.36 10.01 5.32
N ARG A 55 -4.35 10.87 4.28
CA ARG A 55 -3.10 11.25 3.57
C ARG A 55 -1.94 11.56 4.54
N ALA A 56 -0.73 11.65 4.00
CA ALA A 56 0.48 11.84 4.83
C ALA A 56 0.33 13.03 5.82
N PRO A 57 0.34 12.76 7.16
CA PRO A 57 0.26 13.80 8.19
C PRO A 57 1.61 14.45 8.43
N VAL A 58 1.63 15.54 9.21
CA VAL A 58 2.87 16.25 9.53
C VAL A 58 3.85 15.28 10.23
N GLY A 59 3.32 14.48 11.16
CA GLY A 59 4.12 13.48 11.83
C GLY A 59 4.43 12.30 10.91
N GLY A 60 5.41 11.49 11.29
CA GLY A 60 5.79 10.35 10.46
C GLY A 60 4.78 9.23 10.49
N LEU A 61 4.67 8.49 9.38
CA LEU A 61 3.77 7.34 9.29
C LEU A 61 4.32 6.11 10.04
N GLY A 62 5.60 6.16 10.42
CA GLY A 62 6.23 5.06 11.11
C GLY A 62 5.59 4.75 12.46
N LYS A 63 4.73 5.66 12.97
CA LYS A 63 4.06 5.44 14.24
C LYS A 63 3.02 4.30 14.12
N LEU A 64 2.55 4.06 12.88
CA LEU A 64 1.61 2.99 12.59
C LEU A 64 2.31 1.90 11.78
N LYS A 65 2.34 0.67 12.31
CA LYS A 65 3.01 -0.44 11.62
C LYS A 65 2.12 -1.04 10.52
N MET A 66 2.77 -1.61 9.51
CA MET A 66 2.07 -2.25 8.39
C MET A 66 2.64 -3.64 8.13
N ILE A 67 1.76 -4.59 7.81
CA ILE A 67 2.19 -5.96 7.51
C ILE A 67 1.81 -6.33 6.07
N ILE A 68 2.81 -6.70 5.28
CA ILE A 68 2.59 -7.12 3.89
C ILE A 68 2.75 -8.64 3.76
N ALA A 69 1.72 -9.29 3.21
CA ALA A 69 1.72 -10.75 3.03
C ALA A 69 1.50 -11.14 1.57
N LYS A 70 2.16 -12.20 1.15
CA LYS A 70 2.03 -12.72 -0.21
C LYS A 70 0.80 -13.64 -0.31
N ASN A 71 -0.17 -13.22 -1.12
CA ASN A 71 -1.39 -14.01 -1.31
C ASN A 71 -1.08 -15.35 -1.94
N GLY A 72 -0.18 -15.36 -2.92
CA GLY A 72 0.20 -16.58 -3.60
C GLY A 72 0.98 -16.32 -4.87
N PRO A 73 1.11 -17.31 -5.78
CA PRO A 73 1.84 -17.13 -7.04
C PRO A 73 1.12 -16.15 -7.95
N ASP A 74 1.86 -15.56 -8.91
CA ASP A 74 1.31 -14.56 -9.85
C ASP A 74 -0.05 -14.99 -10.43
N THR A 75 -1.12 -14.43 -9.86
CA THR A 75 -2.48 -14.72 -10.31
C THR A 75 -3.33 -13.46 -10.33
N GLU A 76 -4.31 -13.42 -11.24
CA GLU A 76 -5.18 -12.25 -11.38
C GLU A 76 -6.32 -12.28 -10.37
N ARG A 77 -6.10 -11.63 -9.24
CA ARG A 77 -7.13 -11.54 -8.18
C ARG A 77 -7.16 -10.14 -7.58
N LEU A 78 -8.36 -9.68 -7.23
CA LEU A 78 -8.53 -8.35 -6.65
C LEU A 78 -7.86 -8.30 -5.23
N PRO A 79 -6.81 -7.43 -5.04
CA PRO A 79 -6.09 -7.32 -3.75
C PRO A 79 -7.01 -6.92 -2.60
N THR A 80 -6.73 -7.46 -1.40
CA THR A 80 -7.55 -7.20 -0.22
C THR A 80 -6.68 -6.77 0.97
N SER A 81 -7.14 -5.75 1.69
CA SER A 81 -6.42 -5.23 2.85
C SER A 81 -7.38 -4.96 4.00
N HIS A 82 -6.86 -4.92 5.22
CA HIS A 82 -7.69 -4.70 6.41
C HIS A 82 -7.15 -3.53 7.23
N THR A 83 -8.04 -2.63 7.63
CA THR A 83 -7.65 -1.46 8.42
C THR A 83 -7.52 -1.81 9.90
N ALA A 84 -8.45 -2.61 10.39
CA ALA A 84 -8.43 -3.04 11.79
C ALA A 84 -7.18 -3.86 12.09
N PHE A 85 -6.79 -4.71 11.14
CA PHE A 85 -5.60 -5.54 11.27
C PHE A 85 -4.37 -4.90 10.58
N ASN A 86 -4.60 -3.92 9.69
CA ASN A 86 -3.51 -3.25 8.98
C ASN A 86 -2.63 -4.24 8.18
N VAL A 87 -3.27 -5.17 7.48
CA VAL A 87 -2.54 -6.18 6.68
C VAL A 87 -2.88 -6.05 5.19
N LEU A 88 -1.86 -6.16 4.35
CA LEU A 88 -2.03 -6.08 2.90
C LEU A 88 -1.84 -7.46 2.29
N LEU A 89 -2.88 -7.97 1.64
CA LEU A 89 -2.80 -9.27 0.98
C LEU A 89 -2.76 -9.09 -0.54
N LEU A 90 -1.56 -9.19 -1.09
CA LEU A 90 -1.33 -8.97 -2.53
C LEU A 90 -0.51 -10.12 -3.13
N PRO A 91 -1.06 -10.91 -4.10
CA PRO A 91 -0.29 -11.98 -4.77
C PRO A 91 0.87 -11.40 -5.55
N GLU A 92 1.94 -12.19 -5.69
CA GLU A 92 3.15 -11.72 -6.36
C GLU A 92 2.94 -11.63 -7.87
N TYR A 93 2.65 -10.43 -8.36
CA TYR A 93 2.42 -10.22 -9.79
C TYR A 93 3.73 -10.14 -10.57
N SER A 94 3.68 -10.65 -11.81
CA SER A 94 4.83 -10.66 -12.69
C SER A 94 5.30 -9.24 -13.04
N SER A 95 4.33 -8.34 -13.31
CA SER A 95 4.66 -6.96 -13.72
C SER A 95 4.05 -5.91 -12.80
N LYS A 96 4.76 -4.78 -12.66
CA LYS A 96 4.31 -3.68 -11.81
C LYS A 96 2.98 -3.09 -12.29
N GLU A 97 2.73 -3.14 -13.59
CA GLU A 97 1.47 -2.64 -14.15
C GLU A 97 0.31 -3.54 -13.72
N LYS A 98 0.57 -4.85 -13.70
CA LYS A 98 -0.42 -5.84 -13.34
C LYS A 98 -0.90 -5.63 -11.90
N LEU A 99 0.05 -5.35 -10.99
CA LEU A 99 -0.29 -5.06 -9.59
C LEU A 99 -0.80 -3.62 -9.43
N LYS A 100 -0.30 -2.71 -10.28
CA LYS A 100 -0.71 -1.30 -10.26
C LYS A 100 -2.21 -1.18 -10.54
N GLU A 101 -2.66 -1.86 -11.59
CA GLU A 101 -4.06 -1.83 -11.99
C GLU A 101 -4.95 -2.61 -11.02
N ARG A 102 -4.44 -3.75 -10.55
CA ARG A 102 -5.19 -4.59 -9.62
C ARG A 102 -5.38 -3.89 -8.26
N LEU A 103 -4.33 -3.23 -7.78
CA LEU A 103 -4.37 -2.56 -6.48
C LEU A 103 -5.12 -1.25 -6.56
N LEU A 104 -4.92 -0.51 -7.65
CA LEU A 104 -5.60 0.77 -7.87
C LEU A 104 -7.12 0.58 -7.91
N LYS A 105 -7.54 -0.43 -8.65
CA LYS A 105 -8.96 -0.75 -8.78
C LYS A 105 -9.57 -1.16 -7.43
N ALA A 106 -8.83 -1.95 -6.66
CA ALA A 106 -9.30 -2.42 -5.36
C ALA A 106 -9.50 -1.27 -4.37
N ILE A 107 -8.56 -0.33 -4.36
CA ILE A 107 -8.63 0.79 -3.43
C ILE A 107 -9.71 1.80 -3.81
N THR A 108 -9.94 1.96 -5.12
CA THR A 108 -10.97 2.87 -5.60
C THR A 108 -12.36 2.34 -5.27
N TYR A 109 -12.54 1.02 -5.38
CA TYR A 109 -13.82 0.38 -5.08
C TYR A 109 -14.21 0.60 -3.61
N ALA A 110 -13.25 0.33 -2.71
CA ALA A 110 -13.50 0.50 -1.27
C ALA A 110 -13.48 1.98 -0.88
N LYS A 111 -14.53 2.41 -0.18
CA LYS A 111 -14.63 3.80 0.29
C LYS A 111 -13.52 4.12 1.29
N GLY A 112 -13.22 3.16 2.16
CA GLY A 112 -12.19 3.35 3.17
C GLY A 112 -12.77 3.79 4.50
N PHE A 113 -12.02 3.53 5.58
CA PHE A 113 -12.45 3.89 6.95
C PHE A 113 -11.46 4.85 7.60
N GLY A 114 -11.51 6.12 7.19
CA GLY A 114 -10.64 7.13 7.76
C GLY A 114 -11.16 7.67 9.08
N MET A 115 -10.34 8.45 9.78
CA MET A 115 -10.74 9.05 11.06
C MET A 115 -11.91 10.01 10.88
N LEU A 116 -11.88 10.78 9.80
CA LEU A 116 -12.94 11.75 9.50
C LEU A 116 -14.16 11.05 8.92
N GLY A 1 -3.25 16.71 -8.93
CA GLY A 1 -2.15 17.72 -8.96
C GLY A 1 -1.01 17.31 -9.90
N PRO A 2 0.05 18.15 -10.05
CA PRO A 2 1.18 17.84 -10.92
C PRO A 2 2.19 16.90 -10.26
N SER A 3 1.70 15.77 -9.75
CA SER A 3 2.54 14.77 -9.09
C SER A 3 3.27 15.35 -7.87
N ARG A 4 3.00 14.79 -6.70
CA ARG A 4 3.64 15.25 -5.45
C ARG A 4 4.10 14.04 -4.63
N ASN A 5 5.32 14.10 -4.13
CA ASN A 5 5.90 13.01 -3.34
C ASN A 5 5.54 13.15 -1.86
N LEU A 6 4.60 12.33 -1.41
CA LEU A 6 4.18 12.34 -0.02
C LEU A 6 5.22 11.65 0.87
N ASP A 7 5.24 12.02 2.15
CA ASP A 7 6.20 11.45 3.10
C ASP A 7 5.81 10.03 3.51
N PHE A 8 5.88 9.10 2.55
CA PHE A 8 5.58 7.68 2.82
C PHE A 8 6.84 6.86 3.16
N GLN A 9 8.01 7.51 3.17
CA GLN A 9 9.28 6.83 3.50
C GLN A 9 9.25 6.28 4.92
N ALA A 10 8.69 7.07 5.86
CA ALA A 10 8.57 6.65 7.26
C ALA A 10 7.72 5.37 7.36
N LEU A 11 6.66 5.32 6.57
CA LEU A 11 5.78 4.14 6.51
C LEU A 11 6.58 2.92 6.05
N GLU A 12 7.42 3.14 5.02
CA GLU A 12 8.28 2.11 4.45
C GLU A 12 9.26 1.57 5.51
N GLU A 13 9.77 2.47 6.34
CA GLU A 13 10.73 2.10 7.38
C GLU A 13 10.15 1.06 8.34
N THR A 14 8.87 1.23 8.69
CA THR A 14 8.19 0.32 9.61
C THR A 14 7.42 -0.81 8.89
N THR A 15 7.39 -0.75 7.54
CA THR A 15 6.70 -1.79 6.76
C THR A 15 7.38 -3.14 6.95
N GLU A 16 6.57 -4.20 7.13
CA GLU A 16 7.09 -5.55 7.36
C GLU A 16 6.80 -6.47 6.17
N TYR A 17 7.54 -7.58 6.10
CA TYR A 17 7.38 -8.56 5.01
C TYR A 17 7.13 -9.96 5.56
N ASP A 18 6.39 -10.77 4.79
CA ASP A 18 6.08 -12.15 5.17
C ASP A 18 6.57 -13.13 4.11
N GLY A 19 6.41 -14.43 4.38
CA GLY A 19 6.83 -15.45 3.43
C GLY A 19 8.33 -15.41 3.16
N GLY A 20 8.69 -15.42 1.87
CA GLY A 20 10.10 -15.41 1.49
C GLY A 20 10.48 -14.24 0.60
N TYR A 21 10.14 -13.01 1.01
CA TYR A 21 10.49 -11.81 0.24
C TYR A 21 10.76 -10.62 1.17
N THR A 22 11.47 -9.62 0.63
CA THR A 22 11.86 -8.43 1.39
C THR A 22 11.65 -7.16 0.58
N ARG A 23 12.05 -6.01 1.14
CA ARG A 23 11.89 -4.71 0.47
C ARG A 23 12.64 -4.67 -0.86
N ASP A 24 13.84 -5.25 -0.88
CA ASP A 24 14.66 -5.29 -2.11
C ASP A 24 13.99 -6.15 -3.19
N SER A 25 13.09 -7.06 -2.79
CA SER A 25 12.40 -7.95 -3.72
C SER A 25 11.59 -7.17 -4.75
N VAL A 26 11.37 -7.77 -5.90
CA VAL A 26 10.65 -7.13 -6.99
C VAL A 26 9.22 -6.73 -6.56
N LEU A 27 8.54 -7.62 -5.82
CA LEU A 27 7.15 -7.36 -5.42
C LEU A 27 7.02 -6.09 -4.56
N ILE A 28 7.85 -5.99 -3.50
CA ILE A 28 7.79 -4.82 -2.61
C ILE A 28 8.42 -3.59 -3.28
N ARG A 29 9.57 -3.80 -3.92
CA ARG A 29 10.30 -2.72 -4.58
C ARG A 29 9.45 -2.05 -5.67
N GLU A 30 8.83 -2.86 -6.51
CA GLU A 30 7.95 -2.36 -7.58
C GLU A 30 6.70 -1.72 -6.98
N PHE A 31 6.18 -2.33 -5.91
CA PHE A 31 4.97 -1.84 -5.24
C PHE A 31 5.19 -0.42 -4.70
N TRP A 32 6.32 -0.21 -4.03
CA TRP A 32 6.65 1.10 -3.47
C TRP A 32 6.76 2.17 -4.55
N GLU A 33 7.32 1.78 -5.71
CA GLU A 33 7.46 2.70 -6.84
C GLU A 33 6.09 3.19 -7.30
N ILE A 34 5.12 2.28 -7.34
CA ILE A 34 3.76 2.60 -7.73
C ILE A 34 3.05 3.48 -6.68
N VAL A 35 3.17 3.09 -5.41
CA VAL A 35 2.51 3.80 -4.30
C VAL A 35 3.04 5.25 -4.20
N HIS A 36 4.36 5.39 -4.23
CA HIS A 36 4.99 6.70 -4.14
C HIS A 36 4.63 7.57 -5.35
N SER A 37 4.59 6.94 -6.53
CA SER A 37 4.25 7.66 -7.77
C SER A 37 2.75 8.00 -7.87
N PHE A 38 1.92 7.38 -7.02
CA PHE A 38 0.46 7.63 -7.05
C PHE A 38 0.14 9.06 -6.61
N THR A 39 -0.96 9.60 -7.14
CA THR A 39 -1.39 10.95 -6.81
C THR A 39 -1.92 11.00 -5.39
N ASP A 40 -1.99 12.21 -4.82
CA ASP A 40 -2.43 12.38 -3.44
C ASP A 40 -3.85 11.85 -3.19
N GLU A 41 -4.69 11.84 -4.24
CA GLU A 41 -6.06 11.35 -4.09
C GLU A 41 -6.06 9.82 -3.92
N GLN A 42 -5.22 9.15 -4.72
CA GLN A 42 -5.06 7.70 -4.60
C GLN A 42 -4.42 7.32 -3.26
N LYS A 43 -3.45 8.12 -2.84
CA LYS A 43 -2.77 7.91 -1.56
C LYS A 43 -3.73 8.05 -0.38
N ARG A 44 -4.63 9.03 -0.47
CA ARG A 44 -5.64 9.28 0.59
C ARG A 44 -6.54 8.04 0.80
N LEU A 45 -7.03 7.49 -0.30
CA LEU A 45 -7.89 6.30 -0.24
C LEU A 45 -7.07 5.03 0.04
N PHE A 46 -5.82 5.02 -0.43
CA PHE A 46 -4.91 3.89 -0.19
C PHE A 46 -4.67 3.69 1.31
N LEU A 47 -4.37 4.78 2.03
CA LEU A 47 -4.13 4.71 3.48
C LEU A 47 -5.38 4.24 4.22
N GLN A 48 -6.53 4.72 3.78
CA GLN A 48 -7.80 4.32 4.38
C GLN A 48 -8.05 2.82 4.16
N PHE A 49 -7.73 2.35 2.98
CA PHE A 49 -7.91 0.94 2.63
C PHE A 49 -7.07 0.00 3.52
N THR A 50 -5.78 0.33 3.67
CA THR A 50 -4.86 -0.51 4.46
C THR A 50 -5.00 -0.33 5.97
N THR A 51 -5.18 0.92 6.43
CA THR A 51 -5.23 1.20 7.87
C THR A 51 -6.42 2.07 8.30
N GLY A 52 -7.24 2.50 7.34
CA GLY A 52 -8.37 3.37 7.67
C GLY A 52 -7.90 4.77 8.09
N THR A 53 -6.74 5.19 7.56
CA THR A 53 -6.16 6.48 7.89
C THR A 53 -6.19 7.41 6.68
N ASP A 54 -6.65 8.64 6.91
CA ASP A 54 -6.72 9.67 5.88
C ASP A 54 -5.34 10.01 5.35
N ARG A 55 -5.30 10.81 4.26
CA ARG A 55 -4.03 11.21 3.61
C ARG A 55 -2.96 11.63 4.64
N ALA A 56 -1.71 11.75 4.19
CA ALA A 56 -0.59 12.03 5.10
C ALA A 56 -0.87 13.24 6.03
N PRO A 57 -1.00 13.00 7.38
CA PRO A 57 -1.18 14.07 8.36
C PRO A 57 0.15 14.68 8.75
N VAL A 58 0.12 15.81 9.46
CA VAL A 58 1.36 16.46 9.92
C VAL A 58 2.05 15.55 10.95
N GLY A 59 2.84 14.60 10.45
CA GLY A 59 3.53 13.67 11.31
C GLY A 59 4.14 12.52 10.53
N GLY A 60 4.67 11.53 11.25
CA GLY A 60 5.30 10.38 10.61
C GLY A 60 4.40 9.16 10.55
N LEU A 61 4.48 8.41 9.43
CA LEU A 61 3.70 7.17 9.29
C LEU A 61 4.40 5.98 9.98
N GLY A 62 5.67 6.16 10.35
CA GLY A 62 6.39 5.13 11.09
C GLY A 62 5.74 4.84 12.45
N LYS A 63 4.83 5.74 12.87
CA LYS A 63 4.08 5.57 14.09
C LYS A 63 3.08 4.41 13.94
N LEU A 64 2.62 4.18 12.71
CA LEU A 64 1.70 3.09 12.41
C LEU A 64 2.48 1.93 11.79
N LYS A 65 2.32 0.74 12.36
CA LYS A 65 3.04 -0.45 11.88
C LYS A 65 2.25 -1.15 10.77
N MET A 66 2.89 -1.35 9.62
CA MET A 66 2.27 -1.99 8.46
C MET A 66 2.93 -3.32 8.15
N ILE A 67 2.11 -4.35 7.90
CA ILE A 67 2.61 -5.69 7.55
C ILE A 67 2.10 -6.07 6.16
N ILE A 68 3.03 -6.47 5.28
CA ILE A 68 2.68 -6.86 3.90
C ILE A 68 3.01 -8.34 3.68
N ALA A 69 2.04 -9.08 3.15
CA ALA A 69 2.20 -10.54 2.91
C ALA A 69 1.80 -10.91 1.48
N LYS A 70 2.42 -11.98 0.97
CA LYS A 70 2.15 -12.45 -0.40
C LYS A 70 1.02 -13.48 -0.42
N ASN A 71 -0.03 -13.18 -1.18
CA ASN A 71 -1.17 -14.09 -1.31
C ASN A 71 -0.75 -15.40 -1.97
N GLY A 72 0.07 -15.29 -3.01
CA GLY A 72 0.54 -16.45 -3.75
C GLY A 72 1.22 -16.07 -5.06
N PRO A 73 1.22 -16.97 -6.09
CA PRO A 73 1.83 -16.67 -7.40
C PRO A 73 1.01 -15.64 -8.17
N ASP A 74 1.54 -15.16 -9.30
CA ASP A 74 0.83 -14.16 -10.11
C ASP A 74 -0.50 -14.73 -10.63
N THR A 75 -1.54 -14.54 -9.83
CA THR A 75 -2.89 -14.98 -10.16
C THR A 75 -3.84 -13.80 -10.09
N GLU A 76 -4.68 -13.64 -11.12
CA GLU A 76 -5.62 -12.52 -11.18
C GLU A 76 -6.59 -12.56 -9.99
N ARG A 77 -6.41 -11.63 -9.07
CA ARG A 77 -7.23 -11.54 -7.89
C ARG A 77 -7.26 -10.11 -7.37
N LEU A 78 -8.39 -9.71 -6.80
CA LEU A 78 -8.53 -8.36 -6.27
C LEU A 78 -7.73 -8.22 -4.97
N PRO A 79 -6.74 -7.27 -4.89
CA PRO A 79 -5.95 -7.07 -3.66
C PRO A 79 -6.83 -6.74 -2.46
N THR A 80 -6.49 -7.29 -1.29
CA THR A 80 -7.27 -7.06 -0.07
C THR A 80 -6.38 -6.59 1.08
N SER A 81 -6.97 -5.79 1.98
CA SER A 81 -6.25 -5.28 3.15
C SER A 81 -7.20 -5.14 4.34
N HIS A 82 -6.65 -5.10 5.55
CA HIS A 82 -7.45 -4.96 6.78
C HIS A 82 -7.04 -3.71 7.55
N THR A 83 -7.99 -2.80 7.74
CA THR A 83 -7.72 -1.55 8.45
C THR A 83 -7.50 -1.80 9.94
N ALA A 84 -8.25 -2.74 10.49
CA ALA A 84 -8.16 -3.06 11.92
C ALA A 84 -6.77 -3.60 12.29
N PHE A 85 -6.22 -4.45 11.42
CA PHE A 85 -4.90 -5.08 11.67
C PHE A 85 -3.77 -4.41 10.88
N ASN A 86 -4.12 -3.49 9.96
CA ASN A 86 -3.11 -2.77 9.15
C ASN A 86 -2.21 -3.75 8.36
N VAL A 87 -2.84 -4.77 7.76
CA VAL A 87 -2.12 -5.77 6.96
C VAL A 87 -2.55 -5.74 5.49
N LEU A 88 -1.59 -5.93 4.60
CA LEU A 88 -1.84 -5.92 3.15
C LEU A 88 -1.59 -7.29 2.56
N LEU A 89 -2.64 -7.93 2.07
CA LEU A 89 -2.52 -9.26 1.45
C LEU A 89 -2.71 -9.16 -0.05
N LEU A 90 -1.60 -9.28 -0.79
CA LEU A 90 -1.66 -9.22 -2.26
C LEU A 90 -0.76 -10.31 -2.90
N PRO A 91 -1.20 -10.94 -4.03
CA PRO A 91 -0.40 -11.95 -4.75
C PRO A 91 0.77 -11.33 -5.49
N GLU A 92 1.80 -12.14 -5.76
CA GLU A 92 2.96 -11.67 -6.45
C GLU A 92 2.68 -11.53 -7.94
N TYR A 93 2.60 -10.30 -8.36
CA TYR A 93 2.28 -9.98 -9.75
C TYR A 93 3.51 -10.02 -10.66
N SER A 94 3.29 -10.39 -11.92
CA SER A 94 4.37 -10.50 -12.89
C SER A 94 5.09 -9.17 -13.12
N SER A 95 4.33 -8.07 -13.18
CA SER A 95 4.91 -6.74 -13.46
C SER A 95 4.23 -5.64 -12.65
N LYS A 96 4.91 -4.48 -12.55
CA LYS A 96 4.39 -3.35 -11.78
C LYS A 96 3.04 -2.84 -12.34
N GLU A 97 2.85 -2.99 -13.66
CA GLU A 97 1.58 -2.60 -14.27
C GLU A 97 0.46 -3.51 -13.80
N LYS A 98 0.77 -4.80 -13.68
CA LYS A 98 -0.18 -5.80 -13.24
C LYS A 98 -0.64 -5.52 -11.79
N LEU A 99 0.30 -5.11 -10.94
CA LEU A 99 -0.02 -4.82 -9.53
C LEU A 99 -0.61 -3.42 -9.34
N LYS A 100 -0.16 -2.47 -10.18
CA LYS A 100 -0.64 -1.09 -10.06
C LYS A 100 -2.10 -0.98 -10.52
N GLU A 101 -2.47 -1.72 -11.56
CA GLU A 101 -3.83 -1.71 -12.06
C GLU A 101 -4.79 -2.41 -11.07
N ARG A 102 -4.35 -3.57 -10.56
CA ARG A 102 -5.15 -4.31 -9.56
C ARG A 102 -5.28 -3.52 -8.26
N LEU A 103 -4.14 -2.96 -7.81
CA LEU A 103 -4.11 -2.20 -6.57
C LEU A 103 -4.95 -0.94 -6.67
N LEU A 104 -4.79 -0.20 -7.76
CA LEU A 104 -5.52 1.05 -7.98
C LEU A 104 -7.02 0.81 -8.05
N LYS A 105 -7.41 -0.22 -8.80
CA LYS A 105 -8.82 -0.57 -8.97
C LYS A 105 -9.47 -0.95 -7.64
N ALA A 106 -8.77 -1.75 -6.85
CA ALA A 106 -9.30 -2.21 -5.56
C ALA A 106 -9.53 -1.05 -4.59
N ILE A 107 -8.57 -0.11 -4.53
CA ILE A 107 -8.67 1.01 -3.61
C ILE A 107 -9.64 2.08 -4.11
N THR A 108 -9.66 2.30 -5.42
CA THR A 108 -10.57 3.27 -6.03
C THR A 108 -12.01 2.77 -6.00
N TYR A 109 -12.18 1.48 -6.26
CA TYR A 109 -13.51 0.86 -6.27
C TYR A 109 -14.16 0.96 -4.90
N ALA A 110 -13.41 0.61 -3.85
CA ALA A 110 -13.92 0.67 -2.48
C ALA A 110 -13.41 1.92 -1.77
N LYS A 111 -14.34 2.72 -1.27
CA LYS A 111 -14.00 3.95 -0.56
C LYS A 111 -13.36 3.64 0.79
N GLY A 112 -12.76 4.66 1.40
CA GLY A 112 -12.13 4.47 2.70
C GLY A 112 -13.13 4.20 3.80
N PHE A 113 -12.67 3.60 4.89
CA PHE A 113 -13.55 3.27 6.02
C PHE A 113 -13.63 4.41 7.05
N GLY A 114 -13.38 5.65 6.59
CA GLY A 114 -13.45 6.80 7.49
C GLY A 114 -12.47 6.71 8.66
N MET A 115 -12.99 6.95 9.87
CA MET A 115 -12.18 6.88 11.09
C MET A 115 -11.08 7.95 11.08
N LEU A 116 -11.08 8.80 12.10
CA LEU A 116 -10.09 9.86 12.22
C LEU A 116 -8.67 9.30 12.37
N GLY A 1 11.61 17.31 9.02
CA GLY A 1 10.69 18.42 9.39
C GLY A 1 9.43 18.47 8.53
N PRO A 2 8.67 19.59 8.52
CA PRO A 2 7.45 19.72 7.71
C PRO A 2 7.72 19.51 6.22
N SER A 3 6.78 18.85 5.55
CA SER A 3 6.92 18.57 4.11
C SER A 3 5.59 18.79 3.38
N ARG A 4 5.64 19.60 2.33
CA ARG A 4 4.45 19.89 1.52
C ARG A 4 3.91 18.61 0.86
N ASN A 5 4.82 17.81 0.34
CA ASN A 5 4.46 16.56 -0.32
C ASN A 5 4.25 15.45 0.71
N LEU A 6 3.69 14.33 0.27
CA LEU A 6 3.44 13.20 1.17
C LEU A 6 4.66 12.30 1.27
N ASP A 7 5.27 12.26 2.45
CA ASP A 7 6.45 11.43 2.70
C ASP A 7 6.05 10.07 3.22
N PHE A 8 6.06 9.07 2.35
CA PHE A 8 5.73 7.68 2.72
C PHE A 8 6.99 6.84 2.99
N GLN A 9 8.18 7.46 2.93
CA GLN A 9 9.44 6.76 3.20
C GLN A 9 9.48 6.28 4.66
N ALA A 10 9.00 7.12 5.58
CA ALA A 10 8.95 6.76 7.00
C ALA A 10 8.06 5.53 7.22
N LEU A 11 6.95 5.49 6.48
CA LEU A 11 6.03 4.36 6.53
C LEU A 11 6.71 3.09 6.05
N GLU A 12 7.53 3.24 4.99
CA GLU A 12 8.30 2.13 4.43
C GLU A 12 9.26 1.54 5.47
N GLU A 13 9.86 2.40 6.28
CA GLU A 13 10.79 1.97 7.33
C GLU A 13 10.09 1.06 8.34
N THR A 14 8.85 1.41 8.67
CA THR A 14 8.05 0.63 9.61
C THR A 14 7.43 -0.61 8.93
N THR A 15 7.21 -0.53 7.61
CA THR A 15 6.59 -1.61 6.83
C THR A 15 7.37 -2.94 7.00
N GLU A 16 6.61 -4.03 7.19
CA GLU A 16 7.19 -5.36 7.38
C GLU A 16 6.95 -6.25 6.15
N TYR A 17 7.57 -7.42 6.15
CA TYR A 17 7.47 -8.36 5.02
C TYR A 17 7.23 -9.79 5.51
N ASP A 18 6.56 -10.61 4.69
CA ASP A 18 6.30 -12.02 5.03
C ASP A 18 6.92 -12.95 4.00
N GLY A 19 6.79 -14.26 4.24
CA GLY A 19 7.32 -15.26 3.34
C GLY A 19 8.83 -15.17 3.15
N GLY A 20 9.27 -15.22 1.88
CA GLY A 20 10.69 -15.18 1.57
C GLY A 20 11.09 -13.96 0.75
N TYR A 21 10.58 -12.79 1.13
CA TYR A 21 10.91 -11.55 0.42
C TYR A 21 10.94 -10.35 1.36
N THR A 22 11.64 -9.30 0.92
CA THR A 22 11.80 -8.07 1.69
C THR A 22 11.54 -6.85 0.81
N ARG A 23 11.82 -5.65 1.33
CA ARG A 23 11.62 -4.41 0.59
C ARG A 23 12.44 -4.39 -0.70
N ASP A 24 13.66 -4.94 -0.64
CA ASP A 24 14.53 -5.01 -1.81
C ASP A 24 13.97 -5.93 -2.90
N SER A 25 12.97 -6.76 -2.56
CA SER A 25 12.39 -7.69 -3.53
C SER A 25 11.65 -6.94 -4.63
N VAL A 26 11.38 -7.63 -5.73
CA VAL A 26 10.72 -7.02 -6.89
C VAL A 26 9.28 -6.62 -6.60
N LEU A 27 8.55 -7.52 -5.97
CA LEU A 27 7.14 -7.28 -5.65
C LEU A 27 6.99 -6.09 -4.71
N ILE A 28 7.85 -6.02 -3.71
CA ILE A 28 7.75 -4.95 -2.70
C ILE A 28 8.36 -3.66 -3.22
N ARG A 29 9.55 -3.77 -3.83
CA ARG A 29 10.25 -2.62 -4.36
C ARG A 29 9.44 -1.94 -5.47
N GLU A 30 8.88 -2.75 -6.38
CA GLU A 30 8.04 -2.22 -7.46
C GLU A 30 6.77 -1.61 -6.90
N PHE A 31 6.20 -2.25 -5.87
CA PHE A 31 4.96 -1.77 -5.22
C PHE A 31 5.15 -0.35 -4.67
N TRP A 32 6.28 -0.14 -3.98
CA TRP A 32 6.59 1.18 -3.42
C TRP A 32 6.77 2.22 -4.52
N GLU A 33 7.36 1.82 -5.65
CA GLU A 33 7.54 2.74 -6.78
C GLU A 33 6.18 3.24 -7.29
N ILE A 34 5.21 2.34 -7.34
CA ILE A 34 3.87 2.67 -7.77
C ILE A 34 3.15 3.55 -6.73
N VAL A 35 3.26 3.16 -5.46
CA VAL A 35 2.59 3.88 -4.36
C VAL A 35 3.11 5.33 -4.26
N HIS A 36 4.44 5.48 -4.26
CA HIS A 36 5.06 6.79 -4.16
C HIS A 36 4.73 7.64 -5.38
N SER A 37 4.73 7.00 -6.56
CA SER A 37 4.45 7.69 -7.82
C SER A 37 2.96 8.02 -8.00
N PHE A 38 2.09 7.41 -7.18
CA PHE A 38 0.65 7.66 -7.26
C PHE A 38 0.32 9.10 -6.86
N THR A 39 -0.82 9.59 -7.33
CA THR A 39 -1.28 10.94 -7.02
C THR A 39 -1.70 11.04 -5.56
N ASP A 40 -1.89 12.26 -5.08
CA ASP A 40 -2.25 12.49 -3.68
C ASP A 40 -3.59 11.83 -3.31
N GLU A 41 -4.56 11.89 -4.24
CA GLU A 41 -5.87 11.30 -3.99
C GLU A 41 -5.78 9.79 -3.83
N GLN A 42 -4.98 9.16 -4.70
CA GLN A 42 -4.80 7.70 -4.67
C GLN A 42 -4.19 7.24 -3.35
N LYS A 43 -3.23 8.01 -2.86
CA LYS A 43 -2.56 7.70 -1.61
C LYS A 43 -3.54 7.82 -0.43
N ARG A 44 -4.43 8.82 -0.49
CA ARG A 44 -5.42 9.06 0.57
C ARG A 44 -6.33 7.83 0.77
N LEU A 45 -6.87 7.30 -0.33
CA LEU A 45 -7.74 6.11 -0.24
C LEU A 45 -6.90 4.84 -0.03
N PHE A 46 -5.65 4.85 -0.51
CA PHE A 46 -4.74 3.72 -0.33
C PHE A 46 -4.49 3.46 1.17
N LEU A 47 -4.16 4.52 1.92
CA LEU A 47 -3.93 4.41 3.35
C LEU A 47 -5.19 3.98 4.09
N GLN A 48 -6.34 4.51 3.67
CA GLN A 48 -7.61 4.15 4.28
C GLN A 48 -7.94 2.67 4.04
N PHE A 49 -7.67 2.21 2.83
CA PHE A 49 -7.94 0.82 2.47
C PHE A 49 -7.09 -0.15 3.32
N THR A 50 -5.79 0.13 3.40
CA THR A 50 -4.85 -0.73 4.14
C THR A 50 -5.00 -0.60 5.68
N THR A 51 -5.11 0.64 6.19
CA THR A 51 -5.14 0.87 7.65
C THR A 51 -6.29 1.78 8.12
N GLY A 52 -7.10 2.28 7.17
CA GLY A 52 -8.19 3.18 7.55
C GLY A 52 -7.69 4.55 8.00
N THR A 53 -6.53 4.96 7.47
CA THR A 53 -5.91 6.24 7.82
C THR A 53 -5.88 7.19 6.60
N ASP A 54 -6.31 8.42 6.83
CA ASP A 54 -6.33 9.46 5.80
C ASP A 54 -4.91 9.78 5.32
N ARG A 55 -4.80 10.56 4.23
CA ARG A 55 -3.49 10.92 3.64
C ARG A 55 -2.47 11.34 4.72
N ALA A 56 -1.19 11.43 4.33
CA ALA A 56 -0.12 11.72 5.28
C ALA A 56 -0.40 12.99 6.14
N PRO A 57 -0.58 12.83 7.49
CA PRO A 57 -0.79 13.97 8.39
C PRO A 57 0.52 14.66 8.74
N VAL A 58 0.42 15.83 9.37
CA VAL A 58 1.62 16.60 9.78
C VAL A 58 2.63 15.72 10.56
N GLY A 59 2.12 14.65 11.18
CA GLY A 59 2.98 13.73 11.91
C GLY A 59 3.63 12.70 11.00
N GLY A 60 4.36 11.76 11.59
CA GLY A 60 5.03 10.72 10.81
C GLY A 60 4.21 9.45 10.67
N LEU A 61 4.29 8.81 9.51
CA LEU A 61 3.58 7.55 9.26
C LEU A 61 4.26 6.35 9.95
N GLY A 62 5.54 6.51 10.32
CA GLY A 62 6.28 5.44 10.95
C GLY A 62 5.69 4.95 12.27
N LYS A 63 4.85 5.78 12.90
CA LYS A 63 4.23 5.43 14.18
C LYS A 63 3.19 4.30 14.02
N LEU A 64 2.73 4.08 12.78
CA LEU A 64 1.75 3.03 12.49
C LEU A 64 2.47 1.82 11.89
N LYS A 65 2.21 0.64 12.45
CA LYS A 65 2.85 -0.59 11.98
C LYS A 65 2.09 -1.20 10.81
N MET A 66 2.82 -1.46 9.72
CA MET A 66 2.24 -2.05 8.51
C MET A 66 2.90 -3.39 8.20
N ILE A 67 2.08 -4.39 7.88
CA ILE A 67 2.58 -5.73 7.55
C ILE A 67 2.13 -6.13 6.14
N ILE A 68 3.09 -6.49 5.28
CA ILE A 68 2.78 -6.90 3.90
C ILE A 68 2.93 -8.43 3.76
N ALA A 69 1.89 -9.07 3.22
CA ALA A 69 1.90 -10.52 3.02
C ALA A 69 1.46 -10.90 1.60
N LYS A 70 2.05 -11.98 1.09
CA LYS A 70 1.74 -12.44 -0.27
C LYS A 70 0.49 -13.33 -0.29
N ASN A 71 -0.49 -12.94 -1.10
CA ASN A 71 -1.73 -13.70 -1.25
C ASN A 71 -1.47 -15.09 -1.86
N GLY A 72 -0.60 -15.13 -2.86
CA GLY A 72 -0.28 -16.38 -3.53
C GLY A 72 0.50 -16.15 -4.83
N PRO A 73 0.53 -17.15 -5.76
CA PRO A 73 1.26 -17.00 -7.03
C PRO A 73 0.61 -15.95 -7.93
N ASP A 74 1.39 -15.45 -8.90
CA ASP A 74 0.92 -14.40 -9.83
C ASP A 74 -0.40 -14.77 -10.50
N THR A 75 -1.51 -14.37 -9.88
CA THR A 75 -2.86 -14.62 -10.42
C THR A 75 -3.67 -13.34 -10.50
N GLU A 76 -4.71 -13.36 -11.32
CA GLU A 76 -5.56 -12.19 -11.52
C GLU A 76 -6.68 -12.13 -10.47
N ARG A 77 -6.37 -11.51 -9.34
CA ARG A 77 -7.35 -11.35 -8.25
C ARG A 77 -7.27 -9.96 -7.66
N LEU A 78 -8.40 -9.45 -7.18
CA LEU A 78 -8.45 -8.13 -6.57
C LEU A 78 -7.75 -8.15 -5.19
N PRO A 79 -6.72 -7.28 -4.95
CA PRO A 79 -6.03 -7.23 -3.65
C PRO A 79 -6.97 -6.93 -2.50
N THR A 80 -6.69 -7.53 -1.35
CA THR A 80 -7.50 -7.33 -0.15
C THR A 80 -6.65 -6.84 1.00
N SER A 81 -7.25 -6.05 1.89
CA SER A 81 -6.53 -5.50 3.04
C SER A 81 -7.44 -5.41 4.26
N HIS A 82 -6.82 -5.31 5.44
CA HIS A 82 -7.56 -5.21 6.70
C HIS A 82 -7.14 -3.95 7.45
N THR A 83 -8.08 -3.00 7.59
CA THR A 83 -7.77 -1.75 8.26
C THR A 83 -7.54 -1.97 9.76
N ALA A 84 -8.33 -2.85 10.36
CA ALA A 84 -8.21 -3.16 11.78
C ALA A 84 -6.86 -3.83 12.09
N PHE A 85 -6.44 -4.74 11.21
CA PHE A 85 -5.19 -5.48 11.38
C PHE A 85 -3.99 -4.72 10.77
N ASN A 86 -4.27 -3.75 9.88
CA ASN A 86 -3.22 -2.98 9.21
C ASN A 86 -2.26 -3.88 8.41
N VAL A 87 -2.83 -4.87 7.69
CA VAL A 87 -2.04 -5.79 6.87
C VAL A 87 -2.51 -5.78 5.42
N LEU A 88 -1.55 -5.76 4.49
CA LEU A 88 -1.86 -5.76 3.06
C LEU A 88 -1.72 -7.16 2.50
N LEU A 89 -2.82 -7.70 1.98
CA LEU A 89 -2.82 -9.04 1.40
C LEU A 89 -3.05 -8.99 -0.10
N LEU A 90 -1.97 -9.18 -0.88
CA LEU A 90 -2.07 -9.19 -2.34
C LEU A 90 -1.11 -10.22 -2.96
N PRO A 91 -1.50 -10.87 -4.09
CA PRO A 91 -0.65 -11.86 -4.75
C PRO A 91 0.54 -11.25 -5.44
N GLU A 92 1.59 -12.05 -5.63
CA GLU A 92 2.81 -11.59 -6.27
C GLU A 92 2.60 -11.50 -7.77
N TYR A 93 2.36 -10.29 -8.26
CA TYR A 93 2.12 -10.06 -9.67
C TYR A 93 3.41 -10.11 -10.49
N SER A 94 3.31 -10.55 -11.74
CA SER A 94 4.47 -10.68 -12.62
C SER A 94 5.08 -9.31 -13.01
N SER A 95 4.29 -8.23 -12.90
CA SER A 95 4.80 -6.89 -13.28
C SER A 95 4.15 -5.78 -12.44
N LYS A 96 4.82 -4.62 -12.41
CA LYS A 96 4.34 -3.48 -11.64
C LYS A 96 3.02 -2.91 -12.20
N GLU A 97 2.82 -3.03 -13.51
CA GLU A 97 1.59 -2.57 -14.14
C GLU A 97 0.42 -3.43 -13.69
N LYS A 98 0.67 -4.74 -13.63
CA LYS A 98 -0.34 -5.70 -13.22
C LYS A 98 -0.81 -5.44 -11.79
N LEU A 99 0.14 -5.15 -10.89
CA LEU A 99 -0.18 -4.85 -9.50
C LEU A 99 -0.70 -3.42 -9.36
N LYS A 100 -0.21 -2.50 -10.19
CA LYS A 100 -0.65 -1.11 -10.19
C LYS A 100 -2.14 -1.00 -10.53
N GLU A 101 -2.54 -1.69 -11.60
CA GLU A 101 -3.92 -1.64 -12.06
C GLU A 101 -4.86 -2.39 -11.13
N ARG A 102 -4.45 -3.58 -10.67
CA ARG A 102 -5.25 -4.37 -9.72
C ARG A 102 -5.38 -3.65 -8.39
N LEU A 103 -4.27 -3.07 -7.93
CA LEU A 103 -4.22 -2.33 -6.68
C LEU A 103 -5.09 -1.07 -6.76
N LEU A 104 -4.98 -0.36 -7.89
CA LEU A 104 -5.73 0.86 -8.11
C LEU A 104 -7.24 0.61 -8.08
N LYS A 105 -7.68 -0.42 -8.78
CA LYS A 105 -9.10 -0.78 -8.85
C LYS A 105 -9.64 -1.16 -7.46
N ALA A 106 -8.83 -1.89 -6.70
CA ALA A 106 -9.22 -2.32 -5.36
C ALA A 106 -9.43 -1.13 -4.41
N ILE A 107 -8.53 -0.16 -4.49
CA ILE A 107 -8.59 1.00 -3.59
C ILE A 107 -9.65 2.02 -4.01
N THR A 108 -9.87 2.14 -5.33
CA THR A 108 -10.86 3.08 -5.84
C THR A 108 -12.28 2.52 -5.72
N TYR A 109 -12.44 1.24 -6.07
CA TYR A 109 -13.73 0.58 -5.99
C TYR A 109 -14.26 0.57 -4.54
N ALA A 110 -13.40 0.16 -3.60
CA ALA A 110 -13.78 0.12 -2.20
C ALA A 110 -13.90 1.52 -1.62
N LYS A 111 -14.97 1.77 -0.88
CA LYS A 111 -15.20 3.07 -0.26
C LYS A 111 -14.14 3.39 0.81
N GLY A 112 -13.58 2.34 1.42
CA GLY A 112 -12.57 2.53 2.45
C GLY A 112 -13.19 2.89 3.79
N PHE A 113 -12.34 3.22 4.76
CA PHE A 113 -12.80 3.61 6.09
C PHE A 113 -12.05 4.85 6.58
N GLY A 114 -12.81 5.87 6.98
CA GLY A 114 -12.21 7.11 7.47
C GLY A 114 -12.19 7.19 8.98
N MET A 115 -11.17 7.84 9.53
CA MET A 115 -11.03 7.99 10.98
C MET A 115 -12.21 8.78 11.56
N LEU A 116 -12.58 9.86 10.90
CA LEU A 116 -13.68 10.70 11.33
C LEU A 116 -14.21 11.57 10.18
N GLY A 1 -1.51 24.59 1.27
CA GLY A 1 -1.84 24.71 -0.18
C GLY A 1 -1.36 23.52 -0.99
N PRO A 2 -1.59 23.50 -2.33
CA PRO A 2 -1.17 22.37 -3.18
C PRO A 2 0.34 22.12 -3.10
N SER A 3 0.73 20.84 -3.08
CA SER A 3 2.13 20.47 -3.01
C SER A 3 2.35 19.05 -3.54
N ARG A 4 3.60 18.75 -3.90
CA ARG A 4 3.96 17.42 -4.43
C ARG A 4 4.81 16.61 -3.41
N ASN A 5 4.92 17.11 -2.18
CA ASN A 5 5.72 16.43 -1.15
C ASN A 5 4.87 15.53 -0.25
N LEU A 6 4.98 14.22 -0.45
CA LEU A 6 4.27 13.23 0.38
C LEU A 6 5.30 12.29 1.02
N ASP A 7 5.57 12.49 2.32
CA ASP A 7 6.59 11.70 3.02
C ASP A 7 6.05 10.36 3.50
N PHE A 8 6.19 9.34 2.65
CA PHE A 8 5.78 7.97 2.97
C PHE A 8 6.96 7.06 3.37
N GLN A 9 8.17 7.64 3.46
CA GLN A 9 9.36 6.87 3.85
C GLN A 9 9.21 6.32 5.25
N ALA A 10 8.64 7.12 6.16
CA ALA A 10 8.44 6.69 7.55
C ALA A 10 7.56 5.44 7.60
N LEU A 11 6.53 5.42 6.74
CA LEU A 11 5.65 4.27 6.62
C LEU A 11 6.44 3.04 6.14
N GLU A 12 7.27 3.26 5.11
CA GLU A 12 8.05 2.19 4.49
C GLU A 12 9.06 1.55 5.46
N GLU A 13 9.78 2.39 6.22
CA GLU A 13 10.79 1.89 7.15
C GLU A 13 10.17 1.05 8.27
N THR A 14 8.92 1.35 8.63
CA THR A 14 8.20 0.59 9.66
C THR A 14 7.53 -0.67 9.04
N THR A 15 7.21 -0.61 7.73
CA THR A 15 6.56 -1.71 7.02
C THR A 15 7.35 -3.02 7.14
N GLU A 16 6.63 -4.11 7.39
CA GLU A 16 7.22 -5.44 7.56
C GLU A 16 6.99 -6.32 6.32
N TYR A 17 7.51 -7.55 6.38
CA TYR A 17 7.36 -8.50 5.27
C TYR A 17 6.98 -9.89 5.79
N ASP A 18 6.30 -10.67 4.95
CA ASP A 18 5.87 -12.01 5.32
C ASP A 18 5.69 -12.89 4.07
N GLY A 19 6.63 -13.81 3.86
CA GLY A 19 6.56 -14.71 2.71
C GLY A 19 7.91 -14.93 2.04
N GLY A 20 9.00 -14.82 2.81
CA GLY A 20 10.33 -15.05 2.25
C GLY A 20 10.77 -13.95 1.29
N TYR A 21 10.33 -12.72 1.55
CA TYR A 21 10.67 -11.58 0.69
C TYR A 21 10.83 -10.30 1.51
N THR A 22 11.45 -9.29 0.91
CA THR A 22 11.72 -8.02 1.58
C THR A 22 11.48 -6.84 0.63
N ARG A 23 11.85 -5.64 1.07
CA ARG A 23 11.64 -4.42 0.27
C ARG A 23 12.41 -4.49 -1.05
N ASP A 24 13.61 -5.07 -1.01
CA ASP A 24 14.43 -5.22 -2.22
C ASP A 24 13.74 -6.10 -3.28
N SER A 25 12.78 -6.93 -2.84
CA SER A 25 12.04 -7.83 -3.74
C SER A 25 11.31 -7.02 -4.82
N VAL A 26 11.11 -7.64 -5.99
CA VAL A 26 10.46 -6.97 -7.11
C VAL A 26 9.03 -6.52 -6.75
N LEU A 27 8.26 -7.39 -6.08
CA LEU A 27 6.89 -7.07 -5.73
C LEU A 27 6.78 -5.86 -4.80
N ILE A 28 7.57 -5.85 -3.72
CA ILE A 28 7.53 -4.75 -2.75
C ILE A 28 8.20 -3.50 -3.32
N ARG A 29 9.35 -3.70 -3.97
CA ARG A 29 10.11 -2.59 -4.54
C ARG A 29 9.31 -1.87 -5.62
N GLU A 30 8.71 -2.63 -6.52
CA GLU A 30 7.86 -2.06 -7.58
C GLU A 30 6.61 -1.44 -6.99
N PHE A 31 6.07 -2.10 -5.96
CA PHE A 31 4.87 -1.65 -5.26
C PHE A 31 5.09 -0.23 -4.68
N TRP A 32 6.23 -0.05 -3.99
CA TRP A 32 6.57 1.24 -3.40
C TRP A 32 6.76 2.31 -4.46
N GLU A 33 7.31 1.92 -5.62
CA GLU A 33 7.49 2.87 -6.73
C GLU A 33 6.15 3.40 -7.21
N ILE A 34 5.16 2.51 -7.27
CA ILE A 34 3.82 2.89 -7.68
C ILE A 34 3.13 3.76 -6.61
N VAL A 35 3.26 3.34 -5.34
CA VAL A 35 2.62 4.06 -4.22
C VAL A 35 3.18 5.49 -4.09
N HIS A 36 4.51 5.62 -4.10
CA HIS A 36 5.16 6.93 -4.00
C HIS A 36 4.83 7.80 -5.21
N SER A 37 4.80 7.17 -6.38
CA SER A 37 4.48 7.85 -7.63
C SER A 37 3.02 8.34 -7.68
N PHE A 38 2.13 7.68 -6.95
CA PHE A 38 0.71 8.02 -6.98
C PHE A 38 0.46 9.42 -6.42
N THR A 39 -0.64 10.03 -6.86
CA THR A 39 -0.99 11.38 -6.42
C THR A 39 -1.48 11.36 -4.98
N ASP A 40 -1.55 12.54 -4.36
CA ASP A 40 -1.98 12.67 -2.97
C ASP A 40 -3.41 12.18 -2.78
N GLU A 41 -4.29 12.52 -3.72
CA GLU A 41 -5.70 12.09 -3.66
C GLU A 41 -5.81 10.56 -3.68
N GLN A 42 -5.06 9.94 -4.58
CA GLN A 42 -5.04 8.48 -4.67
C GLN A 42 -4.43 7.86 -3.42
N LYS A 43 -3.39 8.51 -2.90
CA LYS A 43 -2.72 8.06 -1.69
C LYS A 43 -3.66 8.06 -0.49
N ARG A 44 -4.52 9.07 -0.41
CA ARG A 44 -5.55 9.15 0.66
C ARG A 44 -6.48 7.93 0.55
N LEU A 45 -6.90 7.65 -0.67
CA LEU A 45 -7.76 6.50 -0.97
C LEU A 45 -7.08 5.17 -0.61
N PHE A 46 -5.83 5.02 -1.06
CA PHE A 46 -5.06 3.82 -0.83
C PHE A 46 -4.83 3.58 0.68
N LEU A 47 -4.46 4.65 1.39
CA LEU A 47 -4.18 4.56 2.82
C LEU A 47 -5.40 4.13 3.61
N GLN A 48 -6.57 4.64 3.22
CA GLN A 48 -7.82 4.30 3.90
C GLN A 48 -8.12 2.80 3.78
N PHE A 49 -7.92 2.27 2.58
CA PHE A 49 -8.15 0.85 2.32
C PHE A 49 -7.23 -0.05 3.18
N THR A 50 -5.92 0.25 3.15
CA THR A 50 -4.93 -0.57 3.87
C THR A 50 -5.00 -0.39 5.40
N THR A 51 -5.09 0.86 5.88
CA THR A 51 -5.05 1.15 7.32
C THR A 51 -6.17 2.09 7.80
N GLY A 52 -7.00 2.59 6.88
CA GLY A 52 -8.05 3.52 7.27
C GLY A 52 -7.49 4.89 7.67
N THR A 53 -6.35 5.26 7.08
CA THR A 53 -5.65 6.50 7.42
C THR A 53 -5.66 7.50 6.24
N ASP A 54 -5.95 8.76 6.56
CA ASP A 54 -5.96 9.84 5.58
C ASP A 54 -4.56 10.08 5.02
N ARG A 55 -4.47 10.90 3.96
CA ARG A 55 -3.18 11.22 3.29
C ARG A 55 -2.07 11.54 4.32
N ALA A 56 -0.82 11.59 3.85
CA ALA A 56 0.33 11.78 4.73
C ALA A 56 0.16 12.97 5.70
N PRO A 57 0.06 12.72 7.04
CA PRO A 57 -0.06 13.77 8.06
C PRO A 57 1.29 14.39 8.40
N VAL A 58 1.26 15.48 9.15
CA VAL A 58 2.51 16.16 9.57
C VAL A 58 3.37 15.18 10.40
N GLY A 59 2.71 14.42 11.28
CA GLY A 59 3.41 13.41 12.06
C GLY A 59 3.84 12.24 11.18
N GLY A 60 4.83 11.48 11.64
CA GLY A 60 5.34 10.36 10.85
C GLY A 60 4.39 9.19 10.79
N LEU A 61 4.46 8.43 9.70
CA LEU A 61 3.64 7.22 9.53
C LEU A 61 4.31 5.99 10.19
N GLY A 62 5.60 6.11 10.52
CA GLY A 62 6.34 5.02 11.12
C GLY A 62 5.83 4.63 12.50
N LYS A 63 5.01 5.49 13.11
CA LYS A 63 4.45 5.23 14.43
C LYS A 63 3.42 4.08 14.38
N LEU A 64 2.92 3.76 13.18
CA LEU A 64 1.97 2.67 12.99
C LEU A 64 2.67 1.49 12.32
N LYS A 65 2.37 0.28 12.79
CA LYS A 65 2.99 -0.93 12.24
C LYS A 65 2.19 -1.48 11.06
N MET A 66 2.90 -1.71 9.94
CA MET A 66 2.29 -2.26 8.72
C MET A 66 2.89 -3.61 8.40
N ILE A 67 2.04 -4.59 8.07
CA ILE A 67 2.50 -5.94 7.73
C ILE A 67 2.05 -6.31 6.31
N ILE A 68 3.02 -6.64 5.44
CA ILE A 68 2.73 -7.04 4.06
C ILE A 68 2.98 -8.55 3.88
N ALA A 69 1.96 -9.24 3.33
CA ALA A 69 2.06 -10.70 3.10
C ALA A 69 1.62 -11.07 1.68
N LYS A 70 2.32 -12.04 1.09
CA LYS A 70 1.99 -12.51 -0.26
C LYS A 70 0.70 -13.33 -0.26
N ASN A 71 -0.23 -12.94 -1.12
CA ASN A 71 -1.48 -13.67 -1.28
C ASN A 71 -1.22 -15.06 -1.85
N GLY A 72 -0.29 -15.13 -2.81
CA GLY A 72 0.06 -16.39 -3.43
C GLY A 72 0.97 -16.20 -4.65
N PRO A 73 1.08 -17.21 -5.55
CA PRO A 73 1.92 -17.11 -6.76
C PRO A 73 1.32 -16.11 -7.76
N ASP A 74 2.14 -15.65 -8.71
CA ASP A 74 1.69 -14.66 -9.71
C ASP A 74 0.40 -15.11 -10.42
N THR A 75 -0.73 -14.66 -9.89
CA THR A 75 -2.04 -14.98 -10.46
C THR A 75 -2.99 -13.79 -10.35
N GLU A 76 -3.92 -13.71 -11.29
CA GLU A 76 -4.87 -12.59 -11.34
C GLU A 76 -5.98 -12.73 -10.29
N ARG A 77 -5.81 -12.02 -9.17
CA ARG A 77 -6.81 -12.03 -8.08
C ARG A 77 -7.00 -10.62 -7.54
N LEU A 78 -8.20 -10.33 -7.04
CA LEU A 78 -8.52 -8.99 -6.52
C LEU A 78 -7.73 -8.73 -5.20
N PRO A 79 -6.84 -7.69 -5.16
CA PRO A 79 -6.08 -7.32 -3.94
C PRO A 79 -7.00 -7.04 -2.75
N THR A 80 -6.58 -7.47 -1.55
CA THR A 80 -7.38 -7.29 -0.33
C THR A 80 -6.51 -6.79 0.83
N SER A 81 -7.03 -5.82 1.58
CA SER A 81 -6.32 -5.27 2.74
C SER A 81 -7.27 -5.09 3.92
N HIS A 82 -6.72 -5.09 5.14
CA HIS A 82 -7.53 -4.93 6.36
C HIS A 82 -7.09 -3.69 7.13
N THR A 83 -8.00 -2.74 7.29
CA THR A 83 -7.70 -1.51 8.01
C THR A 83 -7.55 -1.76 9.51
N ALA A 84 -8.38 -2.66 10.04
CA ALA A 84 -8.36 -2.98 11.47
C ALA A 84 -7.03 -3.58 11.90
N PHE A 85 -6.48 -4.48 11.07
CA PHE A 85 -5.21 -5.14 11.39
C PHE A 85 -4.01 -4.50 10.67
N ASN A 86 -4.27 -3.57 9.74
CA ASN A 86 -3.22 -2.87 8.99
C ASN A 86 -2.31 -3.87 8.24
N VAL A 87 -2.93 -4.86 7.59
CA VAL A 87 -2.19 -5.88 6.83
C VAL A 87 -2.54 -5.81 5.34
N LEU A 88 -1.52 -5.94 4.49
CA LEU A 88 -1.70 -5.91 3.04
C LEU A 88 -1.54 -7.30 2.47
N LEU A 89 -2.60 -7.80 1.85
CA LEU A 89 -2.57 -9.12 1.20
C LEU A 89 -2.61 -8.96 -0.31
N LEU A 90 -1.45 -9.10 -0.94
CA LEU A 90 -1.31 -8.96 -2.40
C LEU A 90 -0.48 -10.11 -3.01
N PRO A 91 -0.99 -10.81 -4.06
CA PRO A 91 -0.22 -11.86 -4.74
C PRO A 91 0.96 -11.27 -5.49
N GLU A 92 2.01 -12.08 -5.64
CA GLU A 92 3.23 -11.60 -6.30
C GLU A 92 3.05 -11.58 -7.81
N TYR A 93 2.69 -10.40 -8.34
CA TYR A 93 2.50 -10.25 -9.79
C TYR A 93 3.81 -10.10 -10.53
N SER A 94 3.84 -10.62 -11.75
CA SER A 94 5.02 -10.55 -12.60
C SER A 94 5.40 -9.09 -12.93
N SER A 95 4.38 -8.26 -13.21
CA SER A 95 4.61 -6.87 -13.63
C SER A 95 3.93 -5.86 -12.70
N LYS A 96 4.60 -4.71 -12.50
CA LYS A 96 4.09 -3.64 -11.65
C LYS A 96 2.75 -3.09 -12.16
N GLU A 97 2.57 -3.11 -13.48
CA GLU A 97 1.32 -2.66 -14.09
C GLU A 97 0.17 -3.59 -13.71
N LYS A 98 0.46 -4.89 -13.70
CA LYS A 98 -0.52 -5.91 -13.34
C LYS A 98 -1.03 -5.72 -11.91
N LEU A 99 -0.11 -5.43 -10.99
CA LEU A 99 -0.49 -5.20 -9.59
C LEU A 99 -1.10 -3.80 -9.39
N LYS A 100 -0.57 -2.82 -10.13
CA LYS A 100 -1.05 -1.44 -10.02
C LYS A 100 -2.50 -1.30 -10.47
N GLU A 101 -2.84 -1.93 -11.60
CA GLU A 101 -4.19 -1.82 -12.15
C GLU A 101 -5.25 -2.43 -11.23
N ARG A 102 -5.03 -3.67 -10.79
CA ARG A 102 -5.96 -4.32 -9.87
C ARG A 102 -5.96 -3.65 -8.49
N LEU A 103 -4.78 -3.23 -8.04
CA LEU A 103 -4.64 -2.54 -6.74
C LEU A 103 -5.42 -1.23 -6.74
N LEU A 104 -5.32 -0.50 -7.85
CA LEU A 104 -6.03 0.76 -8.02
C LEU A 104 -7.55 0.56 -7.96
N LYS A 105 -8.03 -0.44 -8.69
CA LYS A 105 -9.46 -0.76 -8.70
C LYS A 105 -9.94 -1.23 -7.33
N ALA A 106 -9.10 -2.03 -6.67
CA ALA A 106 -9.43 -2.58 -5.35
C ALA A 106 -9.62 -1.49 -4.31
N ILE A 107 -8.77 -0.46 -4.35
CA ILE A 107 -8.85 0.63 -3.39
C ILE A 107 -10.03 1.56 -3.68
N THR A 108 -10.35 1.74 -4.97
CA THR A 108 -11.47 2.59 -5.35
C THR A 108 -12.80 1.93 -5.02
N TYR A 109 -12.88 0.61 -5.26
CA TYR A 109 -14.09 -0.16 -4.99
C TYR A 109 -14.42 -0.14 -3.48
N ALA A 110 -13.41 -0.43 -2.67
CA ALA A 110 -13.57 -0.46 -1.22
C ALA A 110 -13.81 0.93 -0.65
N LYS A 111 -14.63 1.00 0.41
CA LYS A 111 -14.94 2.27 1.06
C LYS A 111 -13.92 2.58 2.16
N GLY A 112 -13.37 3.79 2.13
CA GLY A 112 -12.38 4.19 3.13
C GLY A 112 -12.98 4.34 4.51
N PHE A 113 -12.14 4.22 5.54
CA PHE A 113 -12.59 4.33 6.93
C PHE A 113 -12.45 5.78 7.42
N GLY A 114 -13.58 6.38 7.80
CA GLY A 114 -13.57 7.76 8.29
C GLY A 114 -14.93 8.42 8.16
N MET A 115 -14.95 9.75 8.35
CA MET A 115 -16.18 10.51 8.24
C MET A 115 -16.44 10.91 6.80
N LEU A 116 -17.64 10.67 6.33
CA LEU A 116 -18.03 11.00 4.96
C LEU A 116 -19.54 11.16 4.85
N GLY A 1 4.76 21.32 -11.97
CA GLY A 1 5.04 22.35 -10.93
C GLY A 1 4.93 21.80 -9.52
N PRO A 2 3.69 21.61 -8.97
CA PRO A 2 3.51 21.08 -7.60
C PRO A 2 4.15 19.70 -7.43
N SER A 3 4.71 19.46 -6.25
CA SER A 3 5.36 18.18 -5.94
C SER A 3 4.42 17.26 -5.18
N ARG A 4 4.37 16.00 -5.59
CA ARG A 4 3.50 14.99 -4.95
C ARG A 4 4.32 14.01 -4.10
N ASN A 5 5.47 14.46 -3.60
CA ASN A 5 6.33 13.62 -2.77
C ASN A 5 5.88 13.64 -1.31
N LEU A 6 4.88 12.83 -1.00
CA LEU A 6 4.36 12.73 0.36
C LEU A 6 5.34 11.97 1.26
N ASP A 7 5.32 12.28 2.55
CA ASP A 7 6.22 11.66 3.51
C ASP A 7 5.80 10.21 3.82
N PHE A 8 5.99 9.32 2.84
CA PHE A 8 5.67 7.89 3.00
C PHE A 8 6.90 7.05 3.35
N GLN A 9 8.09 7.67 3.40
CA GLN A 9 9.32 6.97 3.72
C GLN A 9 9.29 6.40 5.14
N ALA A 10 8.70 7.18 6.07
CA ALA A 10 8.57 6.74 7.46
C ALA A 10 7.72 5.47 7.55
N LEU A 11 6.67 5.41 6.73
CA LEU A 11 5.80 4.24 6.65
C LEU A 11 6.60 3.02 6.18
N GLU A 12 7.46 3.25 5.18
CA GLU A 12 8.32 2.20 4.63
C GLU A 12 9.26 1.63 5.71
N GLU A 13 9.78 2.51 6.55
CA GLU A 13 10.69 2.12 7.61
C GLU A 13 10.04 1.15 8.61
N THR A 14 8.76 1.39 8.92
CA THR A 14 8.04 0.56 9.89
C THR A 14 7.27 -0.60 9.24
N THR A 15 7.27 -0.68 7.90
CA THR A 15 6.58 -1.75 7.19
C THR A 15 7.21 -3.11 7.50
N GLU A 16 6.46 -4.19 7.29
CA GLU A 16 6.96 -5.55 7.52
C GLU A 16 6.76 -6.42 6.29
N TYR A 17 7.48 -7.53 6.22
CA TYR A 17 7.41 -8.45 5.07
C TYR A 17 7.10 -9.88 5.52
N ASP A 18 6.41 -10.62 4.65
CA ASP A 18 6.05 -12.01 4.93
C ASP A 18 5.92 -12.79 3.63
N GLY A 19 6.69 -13.88 3.51
CA GLY A 19 6.64 -14.70 2.28
C GLY A 19 8.01 -14.92 1.65
N GLY A 20 9.08 -14.83 2.45
CA GLY A 20 10.43 -15.06 1.94
C GLY A 20 10.93 -13.92 1.05
N TYR A 21 10.48 -12.71 1.34
CA TYR A 21 10.89 -11.54 0.56
C TYR A 21 10.97 -10.29 1.44
N THR A 22 11.69 -9.27 0.96
CA THR A 22 11.90 -8.03 1.70
C THR A 22 11.57 -6.82 0.82
N ARG A 23 11.85 -5.61 1.32
CA ARG A 23 11.60 -4.38 0.57
C ARG A 23 12.39 -4.35 -0.73
N ASP A 24 13.63 -4.85 -0.67
CA ASP A 24 14.50 -4.88 -1.86
C ASP A 24 13.94 -5.78 -2.97
N SER A 25 13.01 -6.68 -2.62
CA SER A 25 12.43 -7.60 -3.61
C SER A 25 11.61 -6.82 -4.64
N VAL A 26 11.36 -7.44 -5.78
CA VAL A 26 10.64 -6.79 -6.86
C VAL A 26 9.19 -6.49 -6.50
N LEU A 27 8.53 -7.43 -5.84
CA LEU A 27 7.11 -7.26 -5.49
C LEU A 27 6.90 -6.05 -4.58
N ILE A 28 7.74 -5.93 -3.57
CA ILE A 28 7.62 -4.84 -2.59
C ILE A 28 8.20 -3.54 -3.14
N ARG A 29 9.39 -3.64 -3.73
CA ARG A 29 10.08 -2.47 -4.29
C ARG A 29 9.25 -1.82 -5.40
N GLU A 30 8.70 -2.65 -6.29
CA GLU A 30 7.85 -2.14 -7.38
C GLU A 30 6.56 -1.57 -6.83
N PHE A 31 6.02 -2.24 -5.80
CA PHE A 31 4.78 -1.79 -5.14
C PHE A 31 4.95 -0.37 -4.58
N TRP A 32 6.08 -0.14 -3.90
CA TRP A 32 6.38 1.16 -3.31
C TRP A 32 6.47 2.25 -4.39
N GLU A 33 7.04 1.89 -5.55
CA GLU A 33 7.15 2.83 -6.67
C GLU A 33 5.76 3.29 -7.11
N ILE A 34 4.83 2.36 -7.14
CA ILE A 34 3.46 2.64 -7.53
C ILE A 34 2.78 3.57 -6.49
N VAL A 35 2.92 3.23 -5.20
CA VAL A 35 2.27 4.01 -4.13
C VAL A 35 2.82 5.44 -4.08
N HIS A 36 4.16 5.55 -4.08
CA HIS A 36 4.81 6.86 -4.03
C HIS A 36 4.51 7.66 -5.30
N SER A 37 4.52 6.97 -6.43
CA SER A 37 4.29 7.62 -7.73
C SER A 37 2.83 8.05 -7.93
N PHE A 38 1.90 7.48 -7.16
CA PHE A 38 0.49 7.87 -7.27
C PHE A 38 0.30 9.31 -6.82
N THR A 39 -0.81 9.93 -7.22
CA THR A 39 -1.12 11.28 -6.80
C THR A 39 -1.57 11.28 -5.34
N ASP A 40 -1.68 12.47 -4.74
CA ASP A 40 -2.06 12.58 -3.34
C ASP A 40 -3.45 11.97 -3.07
N GLU A 41 -4.39 12.18 -4.00
CA GLU A 41 -5.76 11.66 -3.85
C GLU A 41 -5.76 10.14 -3.76
N GLN A 42 -5.00 9.49 -4.65
CA GLN A 42 -4.88 8.04 -4.65
C GLN A 42 -4.23 7.54 -3.36
N LYS A 43 -3.22 8.27 -2.88
CA LYS A 43 -2.54 7.92 -1.64
C LYS A 43 -3.50 7.97 -0.46
N ARG A 44 -4.41 8.96 -0.46
CA ARG A 44 -5.40 9.12 0.60
C ARG A 44 -6.30 7.88 0.71
N LEU A 45 -6.78 7.39 -0.44
CA LEU A 45 -7.63 6.19 -0.46
C LEU A 45 -6.80 4.94 -0.13
N PHE A 46 -5.58 4.91 -0.64
CA PHE A 46 -4.66 3.79 -0.42
C PHE A 46 -4.40 3.57 1.07
N LEU A 47 -4.10 4.67 1.79
CA LEU A 47 -3.82 4.60 3.22
C LEU A 47 -5.05 4.10 3.99
N GLN A 48 -6.21 4.59 3.59
CA GLN A 48 -7.47 4.19 4.23
C GLN A 48 -7.77 2.71 4.01
N PHE A 49 -7.50 2.23 2.80
CA PHE A 49 -7.74 0.83 2.46
C PHE A 49 -6.87 -0.11 3.33
N THR A 50 -5.56 0.19 3.39
CA THR A 50 -4.61 -0.63 4.13
C THR A 50 -4.79 -0.52 5.67
N THR A 51 -4.91 0.71 6.19
CA THR A 51 -4.98 0.92 7.66
C THR A 51 -6.14 1.83 8.11
N GLY A 52 -6.92 2.34 7.15
CA GLY A 52 -8.02 3.25 7.52
C GLY A 52 -7.51 4.61 7.97
N THR A 53 -6.34 5.01 7.45
CA THR A 53 -5.70 6.29 7.82
C THR A 53 -5.71 7.26 6.63
N ASP A 54 -6.11 8.50 6.91
CA ASP A 54 -6.16 9.56 5.91
C ASP A 54 -4.77 9.86 5.36
N ARG A 55 -4.71 10.65 4.28
CA ARG A 55 -3.44 10.99 3.59
C ARG A 55 -2.33 11.37 4.59
N ALA A 56 -1.09 11.34 4.11
CA ALA A 56 0.07 11.56 4.97
C ALA A 56 0.00 12.93 5.71
N PRO A 57 -0.08 12.92 7.08
CA PRO A 57 -0.09 14.15 7.88
C PRO A 57 1.31 14.73 8.04
N VAL A 58 1.39 15.96 8.55
CA VAL A 58 2.69 16.64 8.76
C VAL A 58 3.69 15.74 9.55
N GLY A 59 3.13 14.85 10.38
CA GLY A 59 3.97 13.92 11.13
C GLY A 59 4.38 12.73 10.31
N GLY A 60 5.13 11.81 10.91
CA GLY A 60 5.60 10.62 10.19
C GLY A 60 4.60 9.48 10.26
N LEU A 61 4.48 8.74 9.16
CA LEU A 61 3.59 7.59 9.09
C LEU A 61 4.14 6.37 9.86
N GLY A 62 5.42 6.45 10.27
CA GLY A 62 6.06 5.36 11.01
C GLY A 62 5.37 5.04 12.32
N LYS A 63 4.47 5.92 12.79
CA LYS A 63 3.77 5.70 14.05
C LYS A 63 2.78 4.52 13.92
N LEU A 64 2.38 4.20 12.68
CA LEU A 64 1.47 3.09 12.41
C LEU A 64 2.24 1.91 11.83
N LYS A 65 1.96 0.71 12.33
CA LYS A 65 2.64 -0.50 11.86
C LYS A 65 1.93 -1.10 10.65
N MET A 66 2.71 -1.35 9.58
CA MET A 66 2.18 -1.94 8.35
C MET A 66 2.87 -3.28 8.05
N ILE A 67 2.07 -4.28 7.71
CA ILE A 67 2.59 -5.60 7.38
C ILE A 67 2.14 -6.02 5.97
N ILE A 68 3.11 -6.37 5.12
CA ILE A 68 2.82 -6.80 3.75
C ILE A 68 3.11 -8.30 3.58
N ALA A 69 2.13 -9.05 3.07
CA ALA A 69 2.26 -10.50 2.87
C ALA A 69 1.81 -10.91 1.46
N LYS A 70 2.38 -12.00 0.98
CA LYS A 70 2.07 -12.51 -0.36
C LYS A 70 0.89 -13.48 -0.33
N ASN A 71 -0.14 -13.18 -1.11
CA ASN A 71 -1.34 -14.03 -1.21
C ASN A 71 -0.97 -15.40 -1.77
N GLY A 72 -0.11 -15.39 -2.80
CA GLY A 72 0.32 -16.62 -3.44
C GLY A 72 1.04 -16.35 -4.76
N PRO A 73 1.08 -17.34 -5.70
CA PRO A 73 1.74 -17.15 -7.00
C PRO A 73 0.99 -16.16 -7.86
N ASP A 74 1.66 -15.61 -8.89
CA ASP A 74 1.05 -14.60 -9.78
C ASP A 74 -0.32 -15.05 -10.31
N THR A 75 -1.39 -14.55 -9.66
CA THR A 75 -2.75 -14.88 -10.04
C THR A 75 -3.58 -13.62 -10.24
N GLU A 76 -4.69 -13.77 -10.95
CA GLU A 76 -5.58 -12.64 -11.26
C GLU A 76 -6.36 -12.13 -10.04
N ARG A 77 -6.21 -12.79 -8.87
CA ARG A 77 -6.95 -12.39 -7.67
C ARG A 77 -6.64 -10.93 -7.28
N LEU A 78 -7.68 -10.17 -7.00
CA LEU A 78 -7.54 -8.75 -6.67
C LEU A 78 -6.90 -8.56 -5.29
N PRO A 79 -6.01 -7.53 -5.11
CA PRO A 79 -5.40 -7.24 -3.80
C PRO A 79 -6.45 -6.93 -2.73
N THR A 80 -6.24 -7.44 -1.52
CA THR A 80 -7.17 -7.20 -0.40
C THR A 80 -6.39 -6.80 0.86
N SER A 81 -6.89 -5.79 1.57
CA SER A 81 -6.25 -5.31 2.81
C SER A 81 -7.25 -5.16 3.94
N HIS A 82 -6.76 -5.15 5.17
CA HIS A 82 -7.60 -5.01 6.36
C HIS A 82 -7.15 -3.79 7.18
N THR A 83 -8.05 -2.84 7.37
CA THR A 83 -7.71 -1.63 8.11
C THR A 83 -7.52 -1.92 9.60
N ALA A 84 -8.39 -2.77 10.15
CA ALA A 84 -8.32 -3.14 11.56
C ALA A 84 -7.03 -3.88 11.89
N PHE A 85 -6.62 -4.78 11.00
CA PHE A 85 -5.41 -5.59 11.19
C PHE A 85 -4.16 -4.90 10.62
N ASN A 86 -4.36 -3.89 9.74
CA ASN A 86 -3.24 -3.17 9.11
C ASN A 86 -2.32 -4.12 8.33
N VAL A 87 -2.93 -5.06 7.59
CA VAL A 87 -2.19 -6.03 6.79
C VAL A 87 -2.58 -5.93 5.30
N LEU A 88 -1.59 -6.04 4.43
CA LEU A 88 -1.81 -5.99 2.99
C LEU A 88 -1.55 -7.35 2.36
N LEU A 89 -2.62 -8.00 1.90
CA LEU A 89 -2.51 -9.34 1.30
C LEU A 89 -2.74 -9.27 -0.20
N LEU A 90 -1.64 -9.36 -0.97
CA LEU A 90 -1.75 -9.36 -2.44
C LEU A 90 -0.83 -10.45 -3.04
N PRO A 91 -1.25 -11.12 -4.15
CA PRO A 91 -0.42 -12.13 -4.81
C PRO A 91 0.77 -11.50 -5.55
N GLU A 92 1.84 -12.28 -5.71
CA GLU A 92 3.03 -11.80 -6.39
C GLU A 92 2.78 -11.68 -7.88
N TYR A 93 2.52 -10.46 -8.34
CA TYR A 93 2.21 -10.22 -9.74
C TYR A 93 3.47 -10.25 -10.62
N SER A 94 3.30 -10.72 -11.85
CA SER A 94 4.41 -10.83 -12.80
C SER A 94 5.00 -9.46 -13.16
N SER A 95 4.19 -8.40 -13.02
CA SER A 95 4.66 -7.04 -13.36
C SER A 95 4.02 -5.98 -12.46
N LYS A 96 4.69 -4.82 -12.36
CA LYS A 96 4.21 -3.74 -11.51
C LYS A 96 2.89 -3.16 -12.05
N GLU A 97 2.72 -3.18 -13.37
CA GLU A 97 1.49 -2.70 -14.01
C GLU A 97 0.32 -3.60 -13.64
N LYS A 98 0.58 -4.90 -13.62
CA LYS A 98 -0.44 -5.89 -13.29
C LYS A 98 -0.97 -5.67 -11.86
N LEU A 99 -0.07 -5.38 -10.93
CA LEU A 99 -0.46 -5.11 -9.55
C LEU A 99 -1.02 -3.68 -9.40
N LYS A 100 -0.49 -2.75 -10.18
CA LYS A 100 -0.93 -1.35 -10.18
C LYS A 100 -2.39 -1.22 -10.58
N GLU A 101 -2.75 -1.87 -11.68
CA GLU A 101 -4.11 -1.77 -12.23
C GLU A 101 -5.14 -2.42 -11.29
N ARG A 102 -4.87 -3.63 -10.84
CA ARG A 102 -5.79 -4.33 -9.92
C ARG A 102 -5.85 -3.64 -8.56
N LEU A 103 -4.70 -3.18 -8.08
CA LEU A 103 -4.62 -2.49 -6.79
C LEU A 103 -5.37 -1.17 -6.83
N LEU A 104 -5.18 -0.41 -7.92
CA LEU A 104 -5.81 0.90 -8.07
C LEU A 104 -7.33 0.81 -8.03
N LYS A 105 -7.88 -0.15 -8.80
CA LYS A 105 -9.33 -0.35 -8.82
C LYS A 105 -9.85 -0.81 -7.46
N ALA A 106 -9.07 -1.69 -6.80
CA ALA A 106 -9.45 -2.21 -5.49
C ALA A 106 -9.54 -1.11 -4.43
N ILE A 107 -8.58 -0.19 -4.45
CA ILE A 107 -8.56 0.89 -3.46
C ILE A 107 -9.63 1.94 -3.75
N THR A 108 -9.89 2.19 -5.04
CA THR A 108 -10.91 3.14 -5.44
C THR A 108 -12.31 2.59 -5.16
N TYR A 109 -12.48 1.28 -5.37
CA TYR A 109 -13.77 0.63 -5.13
C TYR A 109 -14.19 0.75 -3.67
N ALA A 110 -13.28 0.42 -2.75
CA ALA A 110 -13.55 0.49 -1.33
C ALA A 110 -13.59 1.95 -0.85
N LYS A 111 -14.64 2.30 -0.12
CA LYS A 111 -14.78 3.66 0.41
C LYS A 111 -13.70 3.99 1.45
N GLY A 112 -13.14 2.95 2.09
CA GLY A 112 -12.09 3.14 3.08
C GLY A 112 -12.62 3.50 4.45
N PHE A 113 -11.72 3.65 5.41
CA PHE A 113 -12.07 4.02 6.79
C PHE A 113 -11.23 5.19 7.28
N GLY A 114 -11.79 5.99 8.18
CA GLY A 114 -11.06 7.15 8.70
C GLY A 114 -11.40 7.43 10.15
N MET A 115 -10.65 8.36 10.76
CA MET A 115 -10.85 8.73 12.16
C MET A 115 -11.24 10.20 12.27
N LEU A 116 -12.14 10.48 13.20
CA LEU A 116 -12.61 11.87 13.44
C LEU A 116 -12.19 12.35 14.81
N GLY A 1 -3.38 20.99 -9.25
CA GLY A 1 -2.20 21.19 -8.35
C GLY A 1 -2.14 20.19 -7.22
N PRO A 2 -2.09 18.85 -7.52
CA PRO A 2 -2.04 17.82 -6.48
C PRO A 2 -0.69 17.79 -5.77
N SER A 3 -0.69 17.32 -4.52
CA SER A 3 0.54 17.24 -3.73
C SER A 3 1.51 16.22 -4.35
N ARG A 4 2.80 16.54 -4.29
CA ARG A 4 3.84 15.67 -4.88
C ARG A 4 4.92 15.37 -3.85
N ASN A 5 5.61 14.24 -4.04
CA ASN A 5 6.71 13.83 -3.15
C ASN A 5 6.22 13.69 -1.69
N LEU A 6 5.09 12.99 -1.49
CA LEU A 6 4.54 12.79 -0.15
C LEU A 6 5.49 11.96 0.70
N ASP A 7 5.60 12.30 1.99
CA ASP A 7 6.52 11.62 2.89
C ASP A 7 5.98 10.26 3.35
N PHE A 8 6.04 9.28 2.45
CA PHE A 8 5.60 7.90 2.76
C PHE A 8 6.80 6.96 3.09
N GLN A 9 8.03 7.52 3.08
CA GLN A 9 9.22 6.74 3.37
C GLN A 9 9.20 6.19 4.80
N ALA A 10 8.72 7.01 5.74
CA ALA A 10 8.65 6.60 7.16
C ALA A 10 7.76 5.37 7.31
N LEU A 11 6.67 5.34 6.56
CA LEU A 11 5.75 4.19 6.55
C LEU A 11 6.48 2.94 6.07
N GLU A 12 7.29 3.11 5.02
CA GLU A 12 8.10 2.03 4.46
C GLU A 12 9.10 1.49 5.47
N GLU A 13 9.68 2.39 6.26
CA GLU A 13 10.70 2.00 7.25
C GLU A 13 10.14 1.04 8.30
N THR A 14 8.90 1.27 8.74
CA THR A 14 8.28 0.42 9.77
C THR A 14 7.39 -0.69 9.18
N THR A 15 7.27 -0.75 7.85
CA THR A 15 6.49 -1.81 7.22
C THR A 15 7.11 -3.19 7.47
N GLU A 16 6.32 -4.25 7.30
CA GLU A 16 6.81 -5.63 7.50
C GLU A 16 6.59 -6.45 6.24
N TYR A 17 7.36 -7.53 6.10
CA TYR A 17 7.31 -8.36 4.89
C TYR A 17 7.12 -9.85 5.20
N ASP A 18 6.46 -10.55 4.29
CA ASP A 18 6.26 -11.99 4.38
C ASP A 18 6.39 -12.64 2.99
N GLY A 19 6.29 -13.97 2.93
CA GLY A 19 6.36 -14.67 1.66
C GLY A 19 7.79 -14.89 1.14
N GLY A 20 8.78 -14.74 2.02
CA GLY A 20 10.17 -14.96 1.61
C GLY A 20 10.77 -13.80 0.81
N TYR A 21 10.22 -12.61 0.98
CA TYR A 21 10.73 -11.41 0.30
C TYR A 21 10.77 -10.21 1.22
N THR A 22 11.55 -9.20 0.83
CA THR A 22 11.75 -8.00 1.64
C THR A 22 11.48 -6.73 0.82
N ARG A 23 11.79 -5.57 1.40
CA ARG A 23 11.58 -4.29 0.72
C ARG A 23 12.40 -4.19 -0.56
N ASP A 24 13.62 -4.73 -0.52
CA ASP A 24 14.52 -4.71 -1.68
C ASP A 24 14.03 -5.66 -2.80
N SER A 25 13.07 -6.54 -2.50
CA SER A 25 12.55 -7.48 -3.49
C SER A 25 11.78 -6.75 -4.59
N VAL A 26 11.60 -7.41 -5.72
CA VAL A 26 10.92 -6.81 -6.86
C VAL A 26 9.46 -6.46 -6.52
N LEU A 27 8.76 -7.36 -5.84
CA LEU A 27 7.36 -7.16 -5.51
C LEU A 27 7.14 -5.93 -4.62
N ILE A 28 7.90 -5.82 -3.53
CA ILE A 28 7.75 -4.71 -2.61
C ILE A 28 8.35 -3.43 -3.20
N ARG A 29 9.54 -3.55 -3.78
CA ARG A 29 10.23 -2.39 -4.38
C ARG A 29 9.39 -1.77 -5.50
N GLU A 30 8.86 -2.62 -6.38
CA GLU A 30 8.00 -2.15 -7.48
C GLU A 30 6.68 -1.60 -6.93
N PHE A 31 6.14 -2.27 -5.91
CA PHE A 31 4.88 -1.87 -5.27
C PHE A 31 5.00 -0.45 -4.69
N TRP A 32 6.10 -0.20 -3.98
CA TRP A 32 6.35 1.11 -3.39
C TRP A 32 6.50 2.19 -4.46
N GLU A 33 7.12 1.84 -5.59
CA GLU A 33 7.28 2.79 -6.69
C GLU A 33 5.91 3.22 -7.23
N ILE A 34 5.01 2.25 -7.33
CA ILE A 34 3.65 2.51 -7.78
C ILE A 34 2.86 3.35 -6.76
N VAL A 35 2.96 2.97 -5.47
CA VAL A 35 2.23 3.68 -4.41
C VAL A 35 2.72 5.13 -4.27
N HIS A 36 4.04 5.31 -4.24
CA HIS A 36 4.64 6.64 -4.13
C HIS A 36 4.29 7.50 -5.35
N SER A 37 4.29 6.85 -6.51
CA SER A 37 3.99 7.52 -7.77
C SER A 37 2.54 8.00 -7.85
N PHE A 38 1.62 7.30 -7.16
CA PHE A 38 0.20 7.67 -7.24
C PHE A 38 -0.08 9.04 -6.64
N THR A 39 -1.08 9.72 -7.19
CA THR A 39 -1.48 11.06 -6.74
C THR A 39 -1.93 11.05 -5.28
N ASP A 40 -1.95 12.23 -4.65
CA ASP A 40 -2.32 12.36 -3.24
C ASP A 40 -3.74 11.83 -2.97
N GLU A 41 -4.67 12.08 -3.91
CA GLU A 41 -6.05 11.59 -3.77
C GLU A 41 -6.07 10.06 -3.72
N GLN A 42 -5.30 9.44 -4.62
CA GLN A 42 -5.17 8.00 -4.67
C GLN A 42 -4.49 7.47 -3.40
N LYS A 43 -3.50 8.21 -2.93
CA LYS A 43 -2.78 7.87 -1.69
C LYS A 43 -3.73 7.91 -0.49
N ARG A 44 -4.63 8.90 -0.48
CA ARG A 44 -5.59 9.06 0.62
C ARG A 44 -6.50 7.84 0.76
N LEU A 45 -7.03 7.35 -0.36
CA LEU A 45 -7.89 6.16 -0.34
C LEU A 45 -7.07 4.89 -0.14
N PHE A 46 -5.85 4.87 -0.69
CA PHE A 46 -4.96 3.73 -0.54
C PHE A 46 -4.63 3.47 0.95
N LEU A 47 -4.24 4.52 1.68
CA LEU A 47 -3.91 4.38 3.10
C LEU A 47 -5.12 3.97 3.93
N GLN A 48 -6.28 4.53 3.61
CA GLN A 48 -7.50 4.22 4.33
C GLN A 48 -7.90 2.76 4.13
N PHE A 49 -7.74 2.26 2.92
CA PHE A 49 -8.06 0.88 2.59
C PHE A 49 -7.20 -0.10 3.43
N THR A 50 -5.89 0.11 3.42
CA THR A 50 -4.95 -0.77 4.11
C THR A 50 -5.02 -0.63 5.64
N THR A 51 -5.04 0.62 6.15
CA THR A 51 -5.00 0.86 7.62
C THR A 51 -6.07 1.82 8.13
N GLY A 52 -6.90 2.37 7.23
CA GLY A 52 -7.91 3.34 7.65
C GLY A 52 -7.31 4.67 8.05
N THR A 53 -6.16 5.01 7.44
CA THR A 53 -5.45 6.25 7.74
C THR A 53 -5.48 7.21 6.53
N ASP A 54 -5.87 8.45 6.78
CA ASP A 54 -5.91 9.49 5.76
C ASP A 54 -4.49 9.83 5.28
N ARG A 55 -4.41 10.62 4.19
CA ARG A 55 -3.11 11.00 3.58
C ARG A 55 -2.05 11.39 4.62
N ALA A 56 -0.80 11.49 4.17
CA ALA A 56 0.34 11.74 5.07
C ALA A 56 0.10 12.92 6.06
N PRO A 57 0.08 12.65 7.41
CA PRO A 57 -0.07 13.68 8.43
C PRO A 57 1.24 14.38 8.71
N VAL A 58 1.19 15.47 9.49
CA VAL A 58 2.40 16.23 9.85
C VAL A 58 3.42 15.29 10.55
N GLY A 59 2.91 14.45 11.45
CA GLY A 59 3.75 13.46 12.10
C GLY A 59 4.12 12.34 11.13
N GLY A 60 5.16 11.58 11.47
CA GLY A 60 5.61 10.50 10.59
C GLY A 60 4.67 9.32 10.56
N LEU A 61 4.75 8.52 9.49
CA LEU A 61 3.93 7.29 9.37
C LEU A 61 4.59 6.08 10.04
N GLY A 62 5.87 6.22 10.40
CA GLY A 62 6.58 5.13 11.05
C GLY A 62 6.04 4.83 12.46
N LYS A 63 5.19 5.72 12.98
CA LYS A 63 4.61 5.55 14.32
C LYS A 63 3.60 4.40 14.35
N LEU A 64 3.09 3.99 13.18
CA LEU A 64 2.14 2.88 13.08
C LEU A 64 2.77 1.73 12.30
N LYS A 65 2.46 0.50 12.72
CA LYS A 65 3.03 -0.69 12.09
C LYS A 65 2.18 -1.17 10.91
N MET A 66 2.85 -1.35 9.77
CA MET A 66 2.20 -1.85 8.55
C MET A 66 2.79 -3.22 8.18
N ILE A 67 1.92 -4.16 7.84
CA ILE A 67 2.37 -5.52 7.46
C ILE A 67 1.94 -5.86 6.04
N ILE A 68 2.91 -6.30 5.22
CA ILE A 68 2.63 -6.71 3.85
C ILE A 68 2.77 -8.24 3.74
N ALA A 69 1.71 -8.88 3.28
CA ALA A 69 1.68 -10.34 3.17
C ALA A 69 1.36 -10.79 1.74
N LYS A 70 1.90 -11.94 1.36
CA LYS A 70 1.71 -12.48 0.01
C LYS A 70 0.45 -13.33 -0.07
N ASN A 71 -0.47 -12.91 -0.94
CA ASN A 71 -1.69 -13.67 -1.19
C ASN A 71 -1.36 -15.03 -1.83
N GLY A 72 -0.38 -15.01 -2.76
CA GLY A 72 0.03 -16.23 -3.44
C GLY A 72 0.89 -15.93 -4.67
N PRO A 73 1.05 -16.90 -5.62
CA PRO A 73 1.82 -16.68 -6.85
C PRO A 73 1.11 -15.71 -7.78
N ASP A 74 1.84 -15.18 -8.78
CA ASP A 74 1.27 -14.20 -9.75
C ASP A 74 -0.11 -14.63 -10.26
N THR A 75 -1.15 -14.10 -9.60
CA THR A 75 -2.53 -14.46 -9.93
C THR A 75 -3.39 -13.21 -10.06
N GLU A 76 -4.37 -13.27 -10.95
CA GLU A 76 -5.29 -12.16 -11.22
C GLU A 76 -6.26 -11.88 -10.04
N ARG A 77 -6.15 -12.64 -8.94
CA ARG A 77 -7.02 -12.45 -7.77
C ARG A 77 -7.00 -10.99 -7.28
N LEU A 78 -8.16 -10.49 -6.86
CA LEU A 78 -8.30 -9.11 -6.42
C LEU A 78 -7.62 -8.88 -5.04
N PRO A 79 -6.72 -7.85 -4.91
CA PRO A 79 -6.07 -7.54 -3.63
C PRO A 79 -7.08 -7.21 -2.53
N THR A 80 -6.77 -7.62 -1.30
CA THR A 80 -7.62 -7.34 -0.14
C THR A 80 -6.79 -6.82 1.03
N SER A 81 -7.41 -6.05 1.92
CA SER A 81 -6.71 -5.50 3.08
C SER A 81 -7.64 -5.31 4.26
N HIS A 82 -7.06 -5.20 5.46
CA HIS A 82 -7.83 -5.00 6.70
C HIS A 82 -7.33 -3.77 7.44
N THR A 83 -8.20 -2.77 7.62
CA THR A 83 -7.82 -1.55 8.32
C THR A 83 -7.64 -1.79 9.81
N ALA A 84 -8.50 -2.62 10.39
CA ALA A 84 -8.44 -2.94 11.82
C ALA A 84 -7.14 -3.67 12.18
N PHE A 85 -6.73 -4.59 11.32
CA PHE A 85 -5.52 -5.39 11.57
C PHE A 85 -4.26 -4.76 10.92
N ASN A 86 -4.45 -3.76 10.05
CA ASN A 86 -3.33 -3.10 9.38
C ASN A 86 -2.47 -4.08 8.55
N VAL A 87 -3.14 -5.01 7.85
CA VAL A 87 -2.44 -6.00 7.02
C VAL A 87 -2.88 -5.89 5.57
N LEU A 88 -1.90 -5.94 4.66
CA LEU A 88 -2.17 -5.87 3.23
C LEU A 88 -1.95 -7.23 2.58
N LEU A 89 -3.01 -7.79 2.02
CA LEU A 89 -2.93 -9.10 1.36
C LEU A 89 -2.99 -8.91 -0.15
N LEU A 90 -1.82 -8.99 -0.79
CA LEU A 90 -1.70 -8.81 -2.23
C LEU A 90 -0.78 -9.89 -2.86
N PRO A 91 -1.25 -10.63 -3.92
CA PRO A 91 -0.43 -11.67 -4.56
C PRO A 91 0.79 -11.09 -5.28
N GLU A 92 1.84 -11.91 -5.39
CA GLU A 92 3.08 -11.47 -6.03
C GLU A 92 2.92 -11.43 -7.54
N TYR A 93 2.68 -10.24 -8.08
CA TYR A 93 2.49 -10.06 -9.52
C TYR A 93 3.82 -10.05 -10.25
N SER A 94 3.83 -10.59 -11.47
CA SER A 94 5.03 -10.66 -12.29
C SER A 94 5.56 -9.27 -12.66
N SER A 95 4.64 -8.34 -12.98
CA SER A 95 5.04 -6.99 -13.42
C SER A 95 4.36 -5.90 -12.59
N LYS A 96 5.03 -4.75 -12.47
CA LYS A 96 4.51 -3.61 -11.71
C LYS A 96 3.19 -3.09 -12.30
N GLU A 97 3.03 -3.24 -13.62
CA GLU A 97 1.78 -2.84 -14.28
C GLU A 97 0.64 -3.74 -13.84
N LYS A 98 0.95 -5.03 -13.72
CA LYS A 98 -0.01 -6.04 -13.32
C LYS A 98 -0.55 -5.76 -11.90
N LEU A 99 0.34 -5.34 -10.98
CA LEU A 99 -0.09 -4.99 -9.63
C LEU A 99 -0.69 -3.57 -9.57
N LYS A 100 -0.17 -2.68 -10.42
CA LYS A 100 -0.66 -1.30 -10.49
C LYS A 100 -2.13 -1.26 -10.92
N GLU A 101 -2.47 -2.01 -11.96
CA GLU A 101 -3.82 -2.02 -12.49
C GLU A 101 -4.82 -2.66 -11.52
N ARG A 102 -4.47 -3.82 -10.98
CA ARG A 102 -5.34 -4.51 -10.01
C ARG A 102 -5.46 -3.73 -8.69
N LEU A 103 -4.33 -3.22 -8.22
CA LEU A 103 -4.30 -2.49 -6.96
C LEU A 103 -5.12 -1.21 -7.03
N LEU A 104 -4.96 -0.48 -8.13
CA LEU A 104 -5.66 0.81 -8.32
C LEU A 104 -7.18 0.64 -8.30
N LYS A 105 -7.66 -0.37 -9.03
CA LYS A 105 -9.10 -0.64 -9.09
C LYS A 105 -9.64 -1.09 -7.73
N ALA A 106 -8.85 -1.91 -7.03
CA ALA A 106 -9.26 -2.46 -5.73
C ALA A 106 -9.51 -1.36 -4.69
N ILE A 107 -8.62 -0.37 -4.65
CA ILE A 107 -8.74 0.72 -3.68
C ILE A 107 -9.78 1.77 -4.10
N THR A 108 -10.02 1.89 -5.41
CA THR A 108 -10.97 2.87 -5.92
C THR A 108 -12.42 2.48 -5.59
N TYR A 109 -12.75 1.18 -5.70
CA TYR A 109 -14.12 0.73 -5.41
C TYR A 109 -14.32 0.55 -3.89
N ALA A 110 -13.31 -0.02 -3.23
CA ALA A 110 -13.36 -0.25 -1.80
C ALA A 110 -13.28 1.05 -1.03
N LYS A 111 -14.03 1.15 0.06
CA LYS A 111 -14.02 2.34 0.90
C LYS A 111 -13.31 2.07 2.23
N GLY A 112 -12.32 2.91 2.53
CA GLY A 112 -11.54 2.74 3.76
C GLY A 112 -12.13 3.54 4.92
N PHE A 113 -11.43 3.52 6.06
CA PHE A 113 -11.87 4.24 7.25
C PHE A 113 -11.12 5.57 7.38
N GLY A 114 -11.86 6.67 7.44
CA GLY A 114 -11.25 7.98 7.56
C GLY A 114 -10.78 8.28 8.98
N MET A 115 -10.12 9.41 9.16
CA MET A 115 -9.61 9.81 10.46
C MET A 115 -10.78 10.17 11.41
N LEU A 116 -10.50 10.96 12.46
CA LEU A 116 -11.52 11.35 13.44
C LEU A 116 -12.11 10.14 14.14
N GLY A 1 -5.43 23.71 -3.68
CA GLY A 1 -6.35 22.79 -2.96
C GLY A 1 -5.69 21.44 -2.66
N PRO A 2 -5.49 20.56 -3.68
CA PRO A 2 -4.87 19.24 -3.47
C PRO A 2 -3.48 19.35 -2.87
N SER A 3 -3.13 18.42 -1.97
CA SER A 3 -1.81 18.40 -1.35
C SER A 3 -0.90 17.42 -2.09
N ARG A 4 0.24 17.89 -2.56
CA ARG A 4 1.18 17.06 -3.33
C ARG A 4 2.45 16.78 -2.53
N ASN A 5 3.08 15.63 -2.81
CA ASN A 5 4.33 15.21 -2.13
C ASN A 5 4.08 14.76 -0.69
N LEU A 6 3.37 13.65 -0.53
CA LEU A 6 3.09 13.09 0.78
C LEU A 6 4.30 12.31 1.31
N ASP A 7 4.46 12.27 2.64
CA ASP A 7 5.61 11.58 3.25
C ASP A 7 5.26 10.11 3.56
N PHE A 8 5.62 9.21 2.63
CA PHE A 8 5.41 7.76 2.83
C PHE A 8 6.70 7.03 3.23
N GLN A 9 7.83 7.74 3.29
CA GLN A 9 9.11 7.12 3.65
C GLN A 9 9.07 6.56 5.07
N ALA A 10 8.47 7.33 6.00
CA ALA A 10 8.34 6.89 7.38
C ALA A 10 7.51 5.61 7.48
N LEU A 11 6.44 5.56 6.67
CA LEU A 11 5.57 4.39 6.59
C LEU A 11 6.35 3.18 6.07
N GLU A 12 7.20 3.43 5.07
CA GLU A 12 8.04 2.39 4.48
C GLU A 12 8.99 1.78 5.50
N GLU A 13 9.53 2.62 6.36
CA GLU A 13 10.46 2.16 7.40
C GLU A 13 9.79 1.18 8.37
N THR A 14 8.53 1.47 8.70
CA THR A 14 7.76 0.64 9.63
C THR A 14 7.13 -0.59 8.94
N THR A 15 6.96 -0.51 7.62
CA THR A 15 6.36 -1.60 6.85
C THR A 15 7.18 -2.90 6.98
N GLU A 16 6.47 -4.02 7.20
CA GLU A 16 7.10 -5.33 7.38
C GLU A 16 6.87 -6.21 6.16
N TYR A 17 7.69 -7.26 6.04
CA TYR A 17 7.60 -8.19 4.91
C TYR A 17 7.45 -9.63 5.39
N ASP A 18 6.68 -10.42 4.64
CA ASP A 18 6.46 -11.84 4.96
C ASP A 18 6.73 -12.68 3.73
N GLY A 19 6.74 -14.01 3.90
CA GLY A 19 6.95 -14.91 2.76
C GLY A 19 8.41 -15.09 2.36
N GLY A 20 9.33 -14.49 3.12
CA GLY A 20 10.76 -14.62 2.83
C GLY A 20 11.33 -13.52 1.93
N TYR A 21 10.45 -12.68 1.37
CA TYR A 21 10.90 -11.56 0.52
C TYR A 21 11.05 -10.29 1.33
N THR A 22 11.79 -9.31 0.78
CA THR A 22 12.07 -8.05 1.48
C THR A 22 11.81 -6.85 0.57
N ARG A 23 12.15 -5.65 1.06
CA ARG A 23 11.92 -4.41 0.29
C ARG A 23 12.67 -4.44 -1.04
N ASP A 24 13.88 -4.99 -1.01
CA ASP A 24 14.71 -5.09 -2.21
C ASP A 24 14.06 -6.00 -3.27
N SER A 25 13.14 -6.88 -2.83
CA SER A 25 12.44 -7.80 -3.74
C SER A 25 11.66 -7.03 -4.80
N VAL A 26 11.43 -7.67 -5.94
CA VAL A 26 10.75 -7.04 -7.07
C VAL A 26 9.30 -6.60 -6.67
N LEU A 27 8.58 -7.49 -5.98
CA LEU A 27 7.19 -7.20 -5.62
C LEU A 27 7.06 -5.98 -4.71
N ILE A 28 7.84 -5.93 -3.62
CA ILE A 28 7.77 -4.79 -2.70
C ILE A 28 8.41 -3.53 -3.32
N ARG A 29 9.57 -3.71 -3.94
CA ARG A 29 10.30 -2.58 -4.53
C ARG A 29 9.49 -1.88 -5.61
N GLU A 30 8.89 -2.66 -6.51
CA GLU A 30 8.06 -2.11 -7.58
C GLU A 30 6.75 -1.56 -7.03
N PHE A 31 6.20 -2.24 -6.03
CA PHE A 31 4.94 -1.83 -5.38
C PHE A 31 5.09 -0.42 -4.77
N TRP A 32 6.19 -0.20 -4.05
CA TRP A 32 6.46 1.11 -3.44
C TRP A 32 6.60 2.19 -4.49
N GLU A 33 7.22 1.85 -5.64
CA GLU A 33 7.38 2.80 -6.74
C GLU A 33 6.00 3.28 -7.23
N ILE A 34 5.07 2.34 -7.30
CA ILE A 34 3.72 2.62 -7.71
C ILE A 34 2.99 3.52 -6.67
N VAL A 35 3.12 3.16 -5.39
CA VAL A 35 2.44 3.89 -4.31
C VAL A 35 2.95 5.34 -4.22
N HIS A 36 4.26 5.50 -4.22
CA HIS A 36 4.88 6.82 -4.14
C HIS A 36 4.53 7.65 -5.39
N SER A 37 4.50 6.99 -6.53
CA SER A 37 4.19 7.61 -7.82
C SER A 37 2.72 8.09 -7.88
N PHE A 38 1.84 7.43 -7.14
CA PHE A 38 0.40 7.76 -7.18
C PHE A 38 0.12 9.16 -6.67
N THR A 39 -0.98 9.75 -7.15
CA THR A 39 -1.38 11.11 -6.78
C THR A 39 -1.96 11.13 -5.38
N ASP A 40 -2.22 12.34 -4.87
CA ASP A 40 -2.78 12.52 -3.54
C ASP A 40 -4.13 11.83 -3.38
N GLU A 41 -4.97 11.91 -4.42
CA GLU A 41 -6.30 11.27 -4.37
C GLU A 41 -6.18 9.76 -4.17
N GLN A 42 -5.30 9.14 -4.95
CA GLN A 42 -5.03 7.71 -4.81
C GLN A 42 -4.39 7.41 -3.47
N LYS A 43 -3.47 8.27 -3.04
CA LYS A 43 -2.77 8.09 -1.78
C LYS A 43 -3.71 8.16 -0.57
N ARG A 44 -4.68 9.08 -0.60
CA ARG A 44 -5.65 9.21 0.50
C ARG A 44 -6.53 7.96 0.63
N LEU A 45 -6.97 7.42 -0.51
CA LEU A 45 -7.82 6.23 -0.51
C LEU A 45 -6.99 4.96 -0.27
N PHE A 46 -5.74 4.97 -0.73
CA PHE A 46 -4.83 3.84 -0.54
C PHE A 46 -4.58 3.58 0.95
N LEU A 47 -4.24 4.64 1.69
CA LEU A 47 -3.96 4.52 3.12
C LEU A 47 -5.19 4.08 3.88
N GLN A 48 -6.35 4.63 3.51
CA GLN A 48 -7.60 4.28 4.18
C GLN A 48 -7.94 2.81 3.97
N PHE A 49 -7.74 2.32 2.75
CA PHE A 49 -8.02 0.93 2.42
C PHE A 49 -7.13 -0.04 3.25
N THR A 50 -5.82 0.19 3.24
CA THR A 50 -4.86 -0.68 3.94
C THR A 50 -4.93 -0.54 5.48
N THR A 51 -5.01 0.70 5.98
CA THR A 51 -4.95 0.95 7.44
C THR A 51 -6.07 1.86 7.96
N GLY A 52 -6.90 2.40 7.05
CA GLY A 52 -7.95 3.32 7.50
C GLY A 52 -7.38 4.64 7.99
N THR A 53 -6.23 5.04 7.42
CA THR A 53 -5.54 6.26 7.84
C THR A 53 -5.49 7.29 6.68
N ASP A 54 -5.84 8.53 7.01
CA ASP A 54 -5.81 9.63 6.05
C ASP A 54 -4.37 9.96 5.66
N ARG A 55 -4.21 10.82 4.63
CA ARG A 55 -2.88 11.23 4.12
C ARG A 55 -1.90 11.54 5.24
N ALA A 56 -0.61 11.63 4.89
CA ALA A 56 0.44 11.81 5.89
C ALA A 56 0.24 13.09 6.73
N PRO A 57 0.02 12.95 8.08
CA PRO A 57 -0.13 14.08 8.99
C PRO A 57 1.22 14.67 9.37
N VAL A 58 1.21 15.83 10.01
CA VAL A 58 2.47 16.50 10.44
C VAL A 58 3.41 15.52 11.19
N GLY A 59 2.82 14.47 11.79
CA GLY A 59 3.62 13.45 12.47
C GLY A 59 4.14 12.42 11.49
N GLY A 60 4.84 11.41 12.01
CA GLY A 60 5.41 10.38 11.15
C GLY A 60 4.50 9.17 10.98
N LEU A 61 4.64 8.47 9.86
CA LEU A 61 3.88 7.24 9.62
C LEU A 61 4.61 6.01 10.18
N GLY A 62 5.91 6.16 10.50
CA GLY A 62 6.70 5.07 11.05
C GLY A 62 6.18 4.57 12.39
N LYS A 63 5.47 5.41 13.13
CA LYS A 63 4.91 5.03 14.43
C LYS A 63 3.76 4.01 14.28
N LEU A 64 3.20 3.91 13.07
CA LEU A 64 2.12 2.97 12.80
C LEU A 64 2.70 1.68 12.24
N LYS A 65 2.12 0.55 12.63
CA LYS A 65 2.60 -0.77 12.19
C LYS A 65 1.91 -1.22 10.90
N MET A 66 2.71 -1.53 9.88
CA MET A 66 2.21 -2.04 8.59
C MET A 66 2.89 -3.36 8.24
N ILE A 67 2.09 -4.34 7.80
CA ILE A 67 2.62 -5.67 7.46
C ILE A 67 2.17 -6.08 6.05
N ILE A 68 3.12 -6.49 5.21
CA ILE A 68 2.81 -6.92 3.84
C ILE A 68 2.98 -8.44 3.71
N ALA A 69 1.94 -9.10 3.22
CA ALA A 69 1.96 -10.56 3.04
C ALA A 69 1.47 -10.97 1.66
N LYS A 70 2.14 -11.97 1.07
CA LYS A 70 1.79 -12.48 -0.26
C LYS A 70 0.50 -13.30 -0.20
N ASN A 71 -0.46 -12.94 -1.05
CA ASN A 71 -1.72 -13.68 -1.14
C ASN A 71 -1.47 -15.08 -1.68
N GLY A 72 -0.58 -15.17 -2.69
CA GLY A 72 -0.27 -16.45 -3.29
C GLY A 72 0.49 -16.28 -4.60
N PRO A 73 0.45 -17.27 -5.52
CA PRO A 73 1.13 -17.17 -6.83
C PRO A 73 0.46 -16.13 -7.71
N ASP A 74 1.19 -15.65 -8.73
CA ASP A 74 0.66 -14.61 -9.65
C ASP A 74 -0.69 -15.01 -10.26
N THR A 75 -1.77 -14.63 -9.57
CA THR A 75 -3.13 -14.97 -10.00
C THR A 75 -3.96 -13.69 -10.13
N GLU A 76 -4.72 -13.59 -11.23
CA GLU A 76 -5.52 -12.41 -11.50
C GLU A 76 -6.72 -12.29 -10.53
N ARG A 77 -6.48 -11.65 -9.38
CA ARG A 77 -7.54 -11.39 -8.40
C ARG A 77 -7.38 -10.00 -7.79
N LEU A 78 -8.51 -9.41 -7.40
CA LEU A 78 -8.49 -8.07 -6.79
C LEU A 78 -7.78 -8.09 -5.41
N PRO A 79 -6.75 -7.20 -5.20
CA PRO A 79 -6.03 -7.12 -3.91
C PRO A 79 -6.96 -6.76 -2.75
N THR A 80 -6.63 -7.27 -1.56
CA THR A 80 -7.41 -7.01 -0.35
C THR A 80 -6.52 -6.55 0.79
N SER A 81 -7.10 -5.83 1.75
CA SER A 81 -6.35 -5.34 2.90
C SER A 81 -7.23 -5.26 4.14
N HIS A 82 -6.61 -5.21 5.32
CA HIS A 82 -7.36 -5.11 6.58
C HIS A 82 -6.95 -3.87 7.34
N THR A 83 -7.87 -2.91 7.47
CA THR A 83 -7.59 -1.67 8.19
C THR A 83 -7.46 -1.93 9.69
N ALA A 84 -8.31 -2.83 10.21
CA ALA A 84 -8.28 -3.18 11.63
C ALA A 84 -6.95 -3.83 12.02
N PHE A 85 -6.45 -4.72 11.16
CA PHE A 85 -5.20 -5.43 11.44
C PHE A 85 -3.98 -4.71 10.82
N ASN A 86 -4.22 -3.75 9.93
CA ASN A 86 -3.15 -2.97 9.29
C ASN A 86 -2.20 -3.89 8.50
N VAL A 87 -2.77 -4.83 7.74
CA VAL A 87 -1.99 -5.76 6.92
C VAL A 87 -2.48 -5.76 5.46
N LEU A 88 -1.54 -5.84 4.53
CA LEU A 88 -1.85 -5.87 3.11
C LEU A 88 -1.70 -7.29 2.58
N LEU A 89 -2.80 -7.83 2.05
CA LEU A 89 -2.78 -9.18 1.47
C LEU A 89 -3.01 -9.12 -0.02
N LEU A 90 -1.93 -9.22 -0.80
CA LEU A 90 -2.03 -9.23 -2.26
C LEU A 90 -1.08 -10.25 -2.89
N PRO A 91 -1.48 -10.90 -4.02
CA PRO A 91 -0.64 -11.90 -4.68
C PRO A 91 0.54 -11.28 -5.41
N GLU A 92 1.58 -12.08 -5.61
CA GLU A 92 2.77 -11.61 -6.28
C GLU A 92 2.58 -11.62 -7.78
N TYR A 93 2.40 -10.44 -8.34
CA TYR A 93 2.19 -10.30 -9.78
C TYR A 93 3.51 -10.31 -10.54
N SER A 94 3.48 -10.89 -11.73
CA SER A 94 4.67 -10.99 -12.57
C SER A 94 5.18 -9.61 -12.99
N SER A 95 4.27 -8.66 -13.22
CA SER A 95 4.63 -7.30 -13.65
C SER A 95 4.06 -6.22 -12.72
N LYS A 96 4.82 -5.14 -12.55
CA LYS A 96 4.40 -4.05 -11.67
C LYS A 96 3.14 -3.35 -12.21
N GLU A 97 2.95 -3.36 -13.54
CA GLU A 97 1.75 -2.79 -14.15
C GLU A 97 0.52 -3.60 -13.75
N LYS A 98 0.69 -4.93 -13.73
CA LYS A 98 -0.38 -5.84 -13.36
C LYS A 98 -0.85 -5.59 -11.93
N LEU A 99 0.11 -5.38 -11.02
CA LEU A 99 -0.22 -5.06 -9.64
C LEU A 99 -0.67 -3.60 -9.48
N LYS A 100 -0.10 -2.72 -10.31
CA LYS A 100 -0.46 -1.29 -10.31
C LYS A 100 -1.94 -1.10 -10.63
N GLU A 101 -2.38 -1.75 -11.69
CA GLU A 101 -3.76 -1.66 -12.12
C GLU A 101 -4.69 -2.43 -11.18
N ARG A 102 -4.23 -3.58 -10.70
CA ARG A 102 -5.01 -4.39 -9.75
C ARG A 102 -5.19 -3.67 -8.41
N LEU A 103 -4.14 -3.01 -7.94
CA LEU A 103 -4.17 -2.28 -6.68
C LEU A 103 -5.00 -1.02 -6.81
N LEU A 104 -4.80 -0.30 -7.91
CA LEU A 104 -5.53 0.94 -8.17
C LEU A 104 -7.03 0.69 -8.27
N LYS A 105 -7.41 -0.34 -9.02
CA LYS A 105 -8.81 -0.71 -9.20
C LYS A 105 -9.46 -1.08 -7.86
N ALA A 106 -8.76 -1.89 -7.08
CA ALA A 106 -9.27 -2.35 -5.78
C ALA A 106 -9.47 -1.20 -4.78
N ILE A 107 -8.53 -0.26 -4.75
CA ILE A 107 -8.59 0.85 -3.80
C ILE A 107 -9.66 1.88 -4.18
N THR A 108 -9.79 2.14 -5.49
CA THR A 108 -10.80 3.07 -5.98
C THR A 108 -12.20 2.45 -5.88
N TYR A 109 -12.28 1.15 -6.16
CA TYR A 109 -13.56 0.42 -6.10
C TYR A 109 -14.14 0.45 -4.68
N ALA A 110 -13.31 0.14 -3.69
CA ALA A 110 -13.74 0.13 -2.29
C ALA A 110 -13.51 1.48 -1.64
N LYS A 111 -14.56 2.00 -1.00
CA LYS A 111 -14.48 3.29 -0.31
C LYS A 111 -13.47 3.25 0.83
N GLY A 112 -13.43 2.12 1.55
CA GLY A 112 -12.53 1.98 2.68
C GLY A 112 -13.12 2.58 3.94
N PHE A 113 -12.34 2.57 5.03
CA PHE A 113 -12.80 3.12 6.30
C PHE A 113 -12.35 4.60 6.44
N GLY A 114 -11.27 4.86 7.20
CA GLY A 114 -10.77 6.21 7.36
C GLY A 114 -11.75 7.13 8.08
N MET A 115 -12.65 6.55 8.88
CA MET A 115 -13.65 7.34 9.60
C MET A 115 -12.98 8.26 10.64
N LEU A 116 -11.96 7.72 11.31
CA LEU A 116 -11.22 8.47 12.35
C LEU A 116 -12.15 8.90 13.48
#